data_6WIX
#
_entry.id   6WIX
#
_cell.length_a   131.860
_cell.length_b   131.860
_cell.length_c   316.390
_cell.angle_alpha   90.000
_cell.angle_beta   90.000
_cell.angle_gamma   120.000
#
_symmetry.space_group_name_H-M   'P 63'
#
loop_
_entity.id
_entity.type
_entity.pdbx_description
1 polymer 'Envelope glycoprotein gp41'
2 polymer '35O22 scFv heavy chain'
3 polymer '35O22 scFv light chain'
4 polymer 'Envelope glycoprotein gp120'
5 polymer '3H109L Fab heavy chain'
6 polymer '3H109L Fab light chain'
7 branched alpha-D-mannopyranose-(1-3)-alpha-D-mannopyranose-(1-6)-[alpha-D-mannopyranose-(1-3)]beta-D-mannopyranose-(1-4)-2-acetamido-2-deoxy-beta-D-glucopyranose-(1-4)-2-acetamido-2-deoxy-beta-D-glucopyranose
8 branched 2-acetamido-2-deoxy-beta-D-glucopyranose-(1-4)-2-acetamido-2-deoxy-beta-D-glucopyranose
9 branched beta-D-mannopyranose-(1-4)-2-acetamido-2-deoxy-beta-D-glucopyranose-(1-4)-2-acetamido-2-deoxy-beta-D-glucopyranose
10 branched alpha-D-mannopyranose-(1-2)-alpha-D-mannopyranose-(1-2)-alpha-D-mannopyranose-(1-3)-[alpha-D-mannopyranose-(1-2)-alpha-D-mannopyranose-(1-6)-[alpha-D-mannopyranose-(1-3)]alpha-D-mannopyranose-(1-6)]beta-D-mannopyranose-(1-4)-2-acetamido-2-deoxy-beta-D-glucopyranose-(1-4)-2-acetamido-2-deoxy-beta-D-glucopyranose
11 branched 2-acetamido-2-deoxy-beta-D-glucopyranose-(1-4)-2-acetamido-2-deoxy-beta-D-glucopyranose-(1-4)-2-acetamido-2-deoxy-beta-D-glucopyranose
12 non-polymer 2-acetamido-2-deoxy-beta-D-glucopyranose
#
loop_
_entity_poly.entity_id
_entity_poly.type
_entity_poly.pdbx_seq_one_letter_code
_entity_poly.pdbx_strand_id
1 'polypeptide(L)'
;AVGIGAVFLGFLGAAGSTMGAASNTLTVQARQLLSGIVQQQNNLPRAPEAQQHLLKLTVWGIKQLQARVLAVERYLEVQQ
LLGIWGCSGKLICCTNVPWNSSWSNKSLDEIWNNMTWLQWDKEINNYTQLIYRLIEESQFQQEINEVELLALD
;
B
2 'polypeptide(L)'
;QGQLVQSGATTTKPGSSVKISCKTSGYRFNFYHINWIRQTAGRGPEWMGWISPYSGDKNLAPAFQDRVNMTTDTEVPVTS
FTSTGAAYMEIRNLTSDDTGTYFCAKGLLRDGSSTWLPYLWGQGTLLTVSSAST
;
D
3 'polypeptide(L)'
;SQSVLTQSASVSGSLGQSVTISCTGPNSVCCSHKSISWYQWPPGRAPTLIIYEDNERAPGISPRFSGYKSYWSAYLTISD
LRPEDETTYYCCSYTHNSGCVFGTGTKVSVLGQS
;
E
4 'polypeptide(L)'
;QQAENLWVTVYYGVPVWRDADTTLFCASDAKAYETEKHNVWATHACVPTDPNPQEIHLDNVTEKFNMWKNNMVEQMHTDI
ISLWDQSLKPCVKLTPLCVTLHCTNFNPNSTRNEGNGTAGGEGSNDTVTNREEIKNCSFNMTTELRDKKQRVHSLFYKLD
IVQINKNQSQDNGSEYRLINCNTSACTQACPKVSFEPIPIHYCAPAGFAILKCKDEEFNGTGPCKNVSTVQCTHGIKPVV
STQLLLNGSLAKKEVKIRSENITNNVKTIIVQLVNPVIINCTRPNNNTRKSIRIGPGQAFYATGAIIGDIRQAHCNVSRS
DWNKTLQQVARQLRKHFVNKTIIFTNSSGGDLEVTTHSFNCGGEFFYCNTSGLFNSTWDSSTWDSNSTQANITELNENIT
LPCRIKQIINMWQRTGQCMYAPPIPGVISCVSNITGLLLTRDGGGNNNTNETFRPGGGDMRDNWRSELYKYKVVKIEPLG
VAPTRCKRRVVERRRRRR
;
G
5 'polypeptide(L)'
;QVQLQESGPGLVKPSETLSLTCTVSGGSISNYYWSWIRQSPGKGLEWIGYISDSESTNYNPSLKSRVIISVDTSKNQLSL
KLNSVTAADSAIYYCARAQQGKRIYGMVSFGEFFYYYYMDVWGKGTTVTVSSASTKGPSVFPLAPSSKSTSGGTAALGCL
VKDYFPEPVTVSWNSGALTSGVHTFPAVLQSSGLYSLSSVVTVPSSSLGTQTYICNVNHKPSNTKVDKKVEPKSCDKGLE
VLFQ
;
H
6 'polypeptide(L)'
;SVTSYVRPLSVALGETASISCGRQALGSRAVQWYQHRPGQAPILLIYNNQDRPSGIPERFSGTPDINFGTRATLTISGVE
AGDEADYYCHMWDSRSGFSWSFGGATRLTVLGQPKAAPSVTLFPPSSEELQANKATLVCLISDFYPGAVTVAWKADSSPV
KAGVETTTPSKQSNNKYAASSYLSLTPMQWKMHKSYSCQVTHEGSTVEKTVAPTECS
;
L
#
loop_
_chem_comp.id
_chem_comp.type
_chem_comp.name
_chem_comp.formula
BMA D-saccharide, beta linking beta-D-mannopyranose 'C6 H12 O6'
MAN D-saccharide, alpha linking alpha-D-mannopyranose 'C6 H12 O6'
NAG D-saccharide, beta linking 2-acetamido-2-deoxy-beta-D-glucopyranose 'C8 H15 N O6'
#
# COMPACT_ATOMS: atom_id res chain seq x y z
N ALA A 6 7.27 6.94 39.37
CA ALA A 6 8.33 6.36 40.17
C ALA A 6 8.05 6.74 41.58
N VAL A 7 7.75 8.02 41.74
CA VAL A 7 7.34 8.60 42.99
C VAL A 7 5.95 9.07 42.64
N PHE A 8 5.70 10.37 42.67
CA PHE A 8 4.37 10.80 42.30
C PHE A 8 4.25 12.16 41.61
N LEU A 9 3.36 12.23 40.63
CA LEU A 9 3.07 13.45 39.93
C LEU A 9 1.71 13.95 40.40
N GLY A 10 1.30 13.51 41.58
CA GLY A 10 0.04 13.88 42.23
C GLY A 10 0.17 15.22 42.90
N PHE A 11 1.41 15.62 43.17
CA PHE A 11 1.68 16.88 43.72
C PHE A 11 1.21 17.81 42.66
N LEU A 12 1.50 17.47 41.43
CA LEU A 12 1.14 18.33 40.33
C LEU A 12 -0.32 18.47 40.02
N GLY A 13 -1.20 17.82 40.74
CA GLY A 13 -2.62 17.89 40.50
C GLY A 13 -3.27 19.25 40.56
N ALA A 14 -2.74 20.05 41.45
CA ALA A 14 -3.18 21.37 41.69
C ALA A 14 -2.20 22.40 41.22
N ALA A 15 -1.75 22.28 39.99
CA ALA A 15 -0.83 23.24 39.40
C ALA A 15 -1.51 24.55 39.04
N GLY A 16 -2.82 24.57 38.89
CA GLY A 16 -3.54 25.79 38.59
C GLY A 16 -4.31 26.31 39.78
N SER A 17 -4.29 25.55 40.88
CA SER A 17 -4.97 25.96 42.10
C SER A 17 -4.13 27.00 42.84
N THR A 18 -4.80 27.72 43.74
CA THR A 18 -4.13 28.74 44.53
C THR A 18 -3.12 28.12 45.49
N MET A 19 -2.17 28.95 45.95
CA MET A 19 -1.12 28.47 46.84
C MET A 19 -1.70 27.94 48.14
N GLY A 20 -2.83 28.49 48.59
CA GLY A 20 -3.48 27.96 49.77
C GLY A 20 -4.23 26.66 49.56
N ALA A 21 -4.56 26.34 48.31
CA ALA A 21 -5.25 25.10 47.99
C ALA A 21 -4.29 23.98 47.62
N ALA A 22 -3.25 24.29 46.86
CA ALA A 22 -2.25 23.27 46.51
C ALA A 22 -1.47 22.82 47.73
N SER A 23 -1.09 23.76 48.60
CA SER A 23 -0.36 23.39 49.80
C SER A 23 -1.23 22.61 50.78
N ASN A 24 -2.53 22.89 50.82
CA ASN A 24 -3.44 22.17 51.70
C ASN A 24 -3.98 20.92 51.01
N GLN A 52 13.81 -6.20 35.13
CA GLN A 52 14.71 -7.14 35.78
C GLN A 52 16.13 -6.58 35.85
N HIS A 53 17.05 -7.38 36.40
CA HIS A 53 18.41 -6.92 36.64
C HIS A 53 19.29 -7.06 35.41
N LEU A 54 20.60 -7.19 35.63
CA LEU A 54 21.62 -7.30 34.58
C LEU A 54 21.73 -6.03 33.75
N LEU A 55 22.93 -5.47 33.69
CA LEU A 55 23.20 -4.26 32.91
C LEU A 55 23.77 -4.66 31.55
N LYS A 56 23.20 -4.10 30.48
CA LYS A 56 23.67 -4.33 29.12
C LYS A 56 23.78 -2.98 28.44
N LEU A 57 24.96 -2.67 27.91
CA LEU A 57 25.21 -1.35 27.34
C LEU A 57 24.61 -1.19 25.96
N THR A 58 23.39 -1.71 25.77
CA THR A 58 22.67 -1.43 24.56
C THR A 58 22.18 0.01 24.57
N VAL A 59 21.67 0.47 23.42
CA VAL A 59 21.23 1.86 23.31
C VAL A 59 20.11 2.15 24.30
N TRP A 60 19.28 1.15 24.61
CA TRP A 60 18.27 1.34 25.65
C TRP A 60 18.85 1.16 27.05
N GLY A 61 19.86 0.30 27.19
CA GLY A 61 20.45 0.09 28.51
C GLY A 61 21.21 1.30 29.01
N ILE A 62 22.01 1.91 28.15
CA ILE A 62 22.69 3.16 28.51
C ILE A 62 21.68 4.26 28.74
N LYS A 63 20.58 4.26 27.98
CA LYS A 63 19.52 5.24 28.16
C LYS A 63 18.86 5.07 29.53
N GLN A 64 18.50 3.84 29.86
CA GLN A 64 17.83 3.55 31.13
C GLN A 64 18.79 3.63 32.31
N LEU A 65 20.10 3.57 32.08
CA LEU A 65 21.05 3.67 33.17
C LEU A 65 21.19 5.11 33.66
N GLN A 66 21.35 6.06 32.73
CA GLN A 66 21.49 7.45 33.15
C GLN A 66 20.21 7.97 33.78
N ALA A 67 19.05 7.48 33.35
CA ALA A 67 17.80 7.86 34.00
C ALA A 67 17.80 7.44 35.47
N ARG A 68 18.44 6.31 35.78
CA ARG A 68 18.54 5.88 37.17
C ARG A 68 19.51 6.76 37.95
N VAL A 69 20.62 7.16 37.32
CA VAL A 69 21.58 8.04 37.98
C VAL A 69 21.05 9.46 38.04
N LEU A 70 20.35 9.92 36.99
CA LEU A 70 19.82 11.27 36.98
C LEU A 70 18.68 11.45 37.98
N ALA A 71 18.08 10.35 38.43
CA ALA A 71 17.02 10.44 39.44
C ALA A 71 17.60 10.66 40.83
N VAL A 72 18.56 9.82 41.23
CA VAL A 72 19.14 9.95 42.56
C VAL A 72 19.97 11.22 42.69
N GLU A 73 20.46 11.77 41.57
CA GLU A 73 21.20 13.03 41.64
C GLU A 73 20.27 14.20 41.88
N ARG A 74 19.17 14.28 41.12
CA ARG A 74 18.21 15.37 41.30
C ARG A 74 17.47 15.23 42.62
N TYR A 75 17.28 14.00 43.11
CA TYR A 75 16.59 13.80 44.37
C TYR A 75 17.41 14.34 45.54
N LEU A 76 18.67 13.87 45.67
CA LEU A 76 19.53 14.37 46.72
C LEU A 76 19.88 15.84 46.55
N GLU A 77 19.83 16.35 45.31
CA GLU A 77 20.07 17.76 45.08
C GLU A 77 19.09 18.62 45.86
N VAL A 78 17.82 18.22 45.91
CA VAL A 78 16.84 18.91 46.73
C VAL A 78 16.96 18.47 48.18
N GLN A 79 17.23 17.19 48.41
CA GLN A 79 17.18 16.66 49.77
C GLN A 79 18.34 17.15 50.64
N GLN A 80 19.43 17.64 50.04
CA GLN A 80 20.52 18.18 50.84
C GLN A 80 20.24 19.62 51.26
N LEU A 81 19.45 20.36 50.49
CA LEU A 81 19.01 21.68 50.95
C LEU A 81 18.07 21.54 52.15
N LEU A 82 17.15 20.58 52.10
CA LEU A 82 16.26 20.36 53.24
C LEU A 82 17.04 19.94 54.48
N GLY A 83 18.10 19.16 54.30
CA GLY A 83 18.91 18.76 55.44
C GLY A 83 19.74 19.90 56.01
N ILE A 84 20.34 20.71 55.13
CA ILE A 84 21.20 21.79 55.58
C ILE A 84 20.40 22.97 56.13
N TRP A 85 19.11 23.06 55.82
CA TRP A 85 18.24 24.07 56.40
C TRP A 85 17.55 23.59 57.68
N GLY A 86 17.89 22.40 58.15
CA GLY A 86 17.23 21.85 59.32
C GLY A 86 15.78 21.50 59.06
N CYS A 87 15.51 20.85 57.92
CA CYS A 87 14.14 20.51 57.56
C CYS A 87 14.03 19.11 56.96
N SER A 88 14.97 18.22 57.25
CA SER A 88 14.89 16.86 56.73
C SER A 88 13.74 16.11 57.37
N GLY A 89 13.01 15.34 56.56
CA GLY A 89 11.81 14.67 57.03
C GLY A 89 10.61 15.56 57.20
N LYS A 90 10.68 16.81 56.74
CA LYS A 90 9.58 17.76 56.89
C LYS A 90 9.02 18.12 55.52
N LEU A 91 7.70 18.33 55.47
CA LEU A 91 7.05 18.86 54.28
C LEU A 91 6.90 20.37 54.35
N ILE A 92 6.56 20.90 55.52
CA ILE A 92 6.41 22.33 55.76
C ILE A 92 7.16 22.65 57.04
N CYS A 93 8.29 23.34 56.92
CA CYS A 93 9.08 23.73 58.07
C CYS A 93 9.12 25.25 58.17
N CYS A 94 8.76 25.77 59.34
CA CYS A 94 8.86 27.20 59.61
C CYS A 94 10.30 27.54 59.98
N THR A 95 10.75 28.71 59.54
CA THR A 95 12.11 29.16 59.77
C THR A 95 12.12 30.35 60.74
N ASN A 96 13.28 31.02 60.81
CA ASN A 96 13.44 32.16 61.71
C ASN A 96 13.91 33.41 60.97
N VAL A 97 13.96 33.38 59.65
CA VAL A 97 14.38 34.53 58.85
C VAL A 97 13.14 35.37 58.56
N PRO A 98 13.09 36.64 58.98
CA PRO A 98 11.91 37.46 58.72
C PRO A 98 11.75 37.74 57.23
N TRP A 99 10.51 38.00 56.83
CA TRP A 99 10.19 38.25 55.42
C TRP A 99 10.58 39.68 55.07
N ASN A 100 11.69 39.82 54.35
CA ASN A 100 12.09 41.14 53.85
C ASN A 100 11.10 41.58 52.77
N SER A 101 10.37 42.66 53.04
CA SER A 101 9.29 43.09 52.17
C SER A 101 9.76 43.46 50.76
N SER A 102 11.07 43.65 50.55
CA SER A 102 11.57 43.92 49.21
C SER A 102 11.48 42.70 48.30
N TRP A 103 11.33 41.50 48.88
CA TRP A 103 11.16 40.30 48.06
C TRP A 103 9.79 40.27 47.41
N SER A 104 8.76 40.69 48.14
CA SER A 104 7.41 40.79 47.61
C SER A 104 6.59 41.71 48.52
N ASN A 105 5.79 42.58 47.90
CA ASN A 105 4.98 43.55 48.61
C ASN A 105 3.53 43.15 48.71
N LYS A 106 3.17 41.94 48.27
CA LYS A 106 1.78 41.55 48.21
C LYS A 106 1.27 41.10 49.57
N SER A 107 -0.06 41.10 49.70
CA SER A 107 -0.72 40.72 50.94
C SER A 107 -0.86 39.20 51.04
N LEU A 108 -1.13 38.73 52.27
CA LEU A 108 -1.35 37.31 52.47
C LEU A 108 -2.62 36.83 51.78
N ASP A 109 -3.58 37.73 51.54
CA ASP A 109 -4.74 37.37 50.73
C ASP A 109 -4.41 37.43 49.24
N GLU A 110 -3.42 38.22 48.85
CA GLU A 110 -2.99 38.30 47.46
C GLU A 110 -2.10 37.13 47.07
N ILE A 111 -1.58 36.37 48.04
CA ILE A 111 -0.64 35.29 47.76
C ILE A 111 -1.36 33.95 47.86
N TRP A 112 -1.78 33.58 49.07
CA TRP A 112 -2.31 32.24 49.30
C TRP A 112 -3.70 32.05 48.73
N ASN A 113 -4.44 33.14 48.45
CA ASN A 113 -5.78 33.04 47.92
C ASN A 113 -5.89 33.64 46.52
N ASN A 114 -4.78 33.72 45.79
CA ASN A 114 -4.80 34.28 44.44
C ASN A 114 -3.76 33.63 43.55
N MET A 115 -2.49 33.81 43.90
CA MET A 115 -1.41 33.31 43.05
C MET A 115 -1.27 31.80 43.17
N THR A 116 -0.81 31.18 42.10
CA THR A 116 -0.49 29.76 42.07
C THR A 116 1.01 29.58 42.26
N TRP A 117 1.40 28.43 42.83
CA TRP A 117 2.80 28.14 43.07
C TRP A 117 3.65 28.24 41.82
N LEU A 118 3.05 28.09 40.64
CA LEU A 118 3.82 28.17 39.40
C LEU A 118 4.17 29.62 39.05
N GLN A 119 3.24 30.55 39.25
CA GLN A 119 3.49 31.95 38.93
C GLN A 119 4.14 32.72 40.08
N TRP A 120 3.91 32.29 41.31
CA TRP A 120 4.60 32.90 42.45
C TRP A 120 6.11 32.71 42.35
N ASP A 121 6.55 31.60 41.75
CA ASP A 121 7.98 31.36 41.59
C ASP A 121 8.60 32.38 40.65
N LYS A 122 7.91 32.71 39.55
CA LYS A 122 8.45 33.66 38.58
C LYS A 122 8.61 35.05 39.18
N GLU A 123 7.73 35.43 40.11
CA GLU A 123 7.83 36.74 40.73
C GLU A 123 9.00 36.82 41.70
N ILE A 124 9.31 35.72 42.40
CA ILE A 124 10.32 35.70 43.45
C ILE A 124 11.60 35.00 43.01
N ASN A 125 11.69 34.58 41.75
CA ASN A 125 12.84 33.79 41.31
C ASN A 125 14.16 34.56 41.35
N ASN A 126 14.12 35.88 41.53
CA ASN A 126 15.35 36.64 41.65
C ASN A 126 15.98 36.46 43.03
N TYR A 127 15.17 36.46 44.07
CA TYR A 127 15.67 36.39 45.44
C TYR A 127 15.73 34.98 46.00
N THR A 128 15.40 33.96 45.19
CA THR A 128 15.44 32.58 45.69
C THR A 128 16.84 32.20 46.14
N GLN A 129 17.86 32.61 45.38
CA GLN A 129 19.23 32.35 45.79
C GLN A 129 19.63 33.21 46.98
N LEU A 130 19.01 34.39 47.13
CA LEU A 130 19.30 35.24 48.28
C LEU A 130 18.57 34.76 49.53
N ILE A 131 17.43 34.07 49.37
CA ILE A 131 16.71 33.54 50.51
C ILE A 131 17.30 32.21 50.97
N TYR A 132 17.71 31.37 50.01
CA TYR A 132 18.28 30.07 50.35
C TYR A 132 19.55 30.18 51.18
N ARG A 133 20.23 31.33 51.12
CA ARG A 133 21.43 31.53 51.93
C ARG A 133 21.09 31.95 53.35
N LEU A 134 19.95 32.64 53.54
CA LEU A 134 19.55 33.06 54.87
C LEU A 134 19.01 31.89 55.69
N ILE A 135 18.19 31.03 55.07
CA ILE A 135 17.71 29.83 55.74
C ILE A 135 18.87 28.91 56.06
N GLU A 136 19.94 28.96 55.26
CA GLU A 136 21.10 28.11 55.48
C GLU A 136 21.87 28.53 56.73
N GLU A 137 21.95 29.84 57.00
CA GLU A 137 22.68 30.32 58.15
C GLU A 137 21.80 30.49 59.39
N SER A 138 20.48 30.66 59.21
CA SER A 138 19.59 30.65 60.36
C SER A 138 19.61 29.30 61.06
N GLN A 139 19.75 28.23 60.29
CA GLN A 139 19.92 26.91 60.89
C GLN A 139 21.29 26.78 61.55
N PHE A 140 22.33 27.36 60.93
CA PHE A 140 23.68 27.23 61.48
C PHE A 140 23.81 27.95 62.81
N GLN A 141 23.21 29.13 62.93
CA GLN A 141 23.29 29.85 64.21
C GLN A 141 22.37 29.24 65.25
N GLN A 142 21.31 28.56 64.81
CA GLN A 142 20.46 27.84 65.76
C GLN A 142 21.18 26.65 66.37
N GLU A 143 22.13 26.06 65.63
CA GLU A 143 22.84 24.88 66.13
C GLU A 143 23.81 25.24 67.24
N ILE A 144 24.46 26.41 67.14
CA ILE A 144 25.43 26.78 68.17
C ILE A 144 24.71 27.31 69.41
N ASN A 145 23.51 27.84 69.27
CA ASN A 145 22.74 28.24 70.45
C ASN A 145 22.18 27.03 71.19
N GLU A 146 22.02 25.90 70.51
CA GLU A 146 21.58 24.69 71.18
C GLU A 146 22.73 24.00 71.92
N VAL A 147 23.94 24.04 71.36
CA VAL A 147 25.08 23.44 72.03
C VAL A 147 25.49 24.24 73.26
N GLU A 148 25.08 25.51 73.35
CA GLU A 148 25.24 26.29 74.57
C GLU A 148 24.08 26.11 75.53
N LEU A 149 22.88 25.83 75.00
CA LEU A 149 21.71 25.66 75.85
C LEU A 149 21.74 24.33 76.58
N LEU A 150 21.95 23.23 75.85
CA LEU A 150 21.98 21.90 76.44
C LEU A 150 23.21 21.66 77.31
N ALA A 151 24.11 22.64 77.42
CA ALA A 151 25.26 22.54 78.31
C ALA A 151 24.95 22.98 79.73
N LEU A 152 23.67 23.08 80.09
CA LEU A 152 23.26 23.50 81.43
C LEU A 152 22.47 22.40 82.12
N GLN B 1 -3.17 44.12 36.66
CA GLN B 1 -3.58 44.75 35.41
C GLN B 1 -4.95 44.26 34.95
N GLY B 2 -5.17 44.33 33.64
CA GLY B 2 -6.42 43.90 33.05
C GLY B 2 -7.34 45.05 32.73
N GLN B 3 -8.13 44.88 31.68
CA GLN B 3 -9.14 45.86 31.28
C GLN B 3 -10.37 45.13 30.79
N LEU B 4 -11.54 45.55 31.26
CA LEU B 4 -12.82 44.93 30.91
C LEU B 4 -13.62 45.94 30.09
N VAL B 5 -13.28 46.06 28.81
CA VAL B 5 -14.00 46.97 27.93
C VAL B 5 -15.43 46.47 27.74
N GLN B 6 -16.40 47.38 27.85
CA GLN B 6 -17.80 47.04 27.76
C GLN B 6 -18.30 47.29 26.34
N SER B 7 -19.61 47.13 26.15
CA SER B 7 -20.21 47.28 24.83
C SER B 7 -20.44 48.75 24.50
N GLY B 8 -21.37 49.02 23.61
CA GLY B 8 -21.70 50.37 23.21
C GLY B 8 -22.89 50.91 23.99
N ALA B 9 -22.94 52.23 24.13
CA ALA B 9 -24.00 52.90 24.88
C ALA B 9 -25.23 53.05 23.96
N THR B 10 -25.93 51.93 23.80
CA THR B 10 -27.13 51.88 22.96
C THR B 10 -28.38 51.98 23.83
N THR B 11 -29.33 52.80 23.40
CA THR B 11 -30.56 53.05 24.14
C THR B 11 -31.76 52.67 23.29
N THR B 12 -32.62 51.81 23.84
CA THR B 12 -33.87 51.42 23.19
C THR B 12 -35.04 52.02 23.98
N LYS B 13 -36.24 51.52 23.73
CA LYS B 13 -37.45 51.98 24.36
C LYS B 13 -38.06 50.88 25.22
N PRO B 14 -38.95 51.23 26.17
CA PRO B 14 -39.49 50.22 27.08
C PRO B 14 -40.08 49.02 26.35
N GLY B 15 -39.90 47.84 26.95
CA GLY B 15 -40.30 46.59 26.34
C GLY B 15 -39.19 45.84 25.66
N SER B 16 -38.04 46.49 25.43
CA SER B 16 -36.94 45.86 24.72
C SER B 16 -36.14 44.95 25.65
N SER B 17 -35.08 44.34 25.09
CA SER B 17 -34.22 43.41 25.84
C SER B 17 -32.80 43.58 25.29
N VAL B 18 -32.15 44.67 25.70
CA VAL B 18 -30.82 45.01 25.21
C VAL B 18 -29.79 44.11 25.86
N LYS B 19 -28.76 43.76 25.09
CA LYS B 19 -27.64 42.94 25.57
C LYS B 19 -26.40 43.81 25.70
N ILE B 20 -25.67 43.62 26.80
CA ILE B 20 -24.46 44.38 27.09
C ILE B 20 -23.29 43.41 27.14
N SER B 21 -22.25 43.67 26.36
CA SER B 21 -21.07 42.82 26.32
C SER B 21 -20.00 43.34 27.28
N CYS B 22 -19.01 42.49 27.54
CA CYS B 22 -17.94 42.82 28.48
C CYS B 22 -16.80 41.82 28.24
N LYS B 23 -15.93 42.16 27.29
CA LYS B 23 -14.77 41.33 26.96
C LYS B 23 -13.55 41.80 27.73
N THR B 24 -12.74 40.84 28.17
CA THR B 24 -11.62 41.10 29.06
C THR B 24 -10.29 40.94 28.33
N SER B 25 -9.22 41.39 28.99
CA SER B 25 -7.87 41.29 28.47
C SER B 25 -6.89 41.30 29.63
N GLY B 26 -5.74 40.67 29.42
CA GLY B 26 -4.64 40.78 30.35
C GLY B 26 -4.76 39.99 31.64
N TYR B 27 -5.74 39.10 31.76
CA TYR B 27 -5.84 38.26 32.95
C TYR B 27 -6.62 37.00 32.61
N ARG B 28 -6.52 36.02 33.51
CA ARG B 28 -7.19 34.73 33.32
C ARG B 28 -8.69 34.91 33.50
N PHE B 29 -9.44 34.82 32.39
CA PHE B 29 -10.87 35.05 32.44
C PHE B 29 -11.58 34.02 33.31
N ASN B 30 -11.10 32.78 33.31
CA ASN B 30 -11.74 31.72 34.07
C ASN B 30 -11.42 31.77 35.56
N PHE B 31 -10.42 32.54 35.97
CA PHE B 31 -9.97 32.51 37.37
C PHE B 31 -10.80 33.40 38.29
N TYR B 32 -11.61 34.31 37.75
CA TYR B 32 -12.34 35.26 38.58
C TYR B 32 -13.77 35.39 38.11
N HIS B 33 -14.66 35.67 39.07
CA HIS B 33 -16.05 35.93 38.75
C HIS B 33 -16.18 37.22 37.94
N ILE B 34 -17.25 37.29 37.14
CA ILE B 34 -17.66 38.53 36.50
C ILE B 34 -18.87 39.06 37.26
N ASN B 35 -18.97 40.38 37.37
CA ASN B 35 -20.00 41.01 38.18
C ASN B 35 -20.61 42.18 37.42
N TRP B 36 -21.92 42.35 37.54
CA TRP B 36 -22.65 43.44 36.93
C TRP B 36 -23.38 44.25 38.00
N ILE B 37 -23.12 45.56 38.02
CA ILE B 37 -23.75 46.46 38.98
C ILE B 37 -24.18 47.72 38.23
N ARG B 38 -25.44 48.09 38.36
CA ARG B 38 -25.97 49.30 37.73
C ARG B 38 -26.08 50.43 38.74
N GLN B 39 -26.18 51.65 38.21
CA GLN B 39 -26.36 52.86 39.03
C GLN B 39 -27.58 53.61 38.47
N THR B 40 -28.75 53.28 39.00
CA THR B 40 -29.98 53.91 38.54
C THR B 40 -29.95 55.40 38.87
N ALA B 41 -30.53 56.21 37.97
CA ALA B 41 -30.55 57.66 38.18
C ALA B 41 -31.39 58.05 39.39
N GLY B 42 -32.40 57.25 39.72
CA GLY B 42 -33.27 57.56 40.85
C GLY B 42 -33.20 56.54 41.96
N ARG B 43 -32.09 55.82 42.04
CA ARG B 43 -31.90 54.80 43.07
C ARG B 43 -30.42 54.77 43.46
N GLY B 44 -30.14 54.11 44.58
CA GLY B 44 -28.78 53.83 44.97
C GLY B 44 -28.18 52.77 44.09
N PRO B 45 -26.86 52.64 44.10
CA PRO B 45 -26.21 51.59 43.31
C PRO B 45 -26.73 50.21 43.67
N GLU B 46 -27.11 49.45 42.65
CA GLU B 46 -27.80 48.17 42.83
C GLU B 46 -26.94 47.06 42.25
N TRP B 47 -26.64 46.06 43.08
CA TRP B 47 -25.89 44.89 42.62
C TRP B 47 -26.83 43.89 41.97
N MET B 48 -26.43 43.39 40.80
CA MET B 48 -27.31 42.54 39.99
C MET B 48 -26.96 41.06 40.06
N GLY B 49 -25.69 40.70 39.96
CA GLY B 49 -25.33 39.30 40.08
C GLY B 49 -23.94 39.03 39.54
N TRP B 50 -23.40 37.87 39.94
CA TRP B 50 -22.14 37.38 39.44
C TRP B 50 -22.30 35.97 38.89
N ILE B 51 -21.43 35.62 37.95
CA ILE B 51 -21.36 34.27 37.39
C ILE B 51 -19.90 33.84 37.36
N SER B 52 -19.68 32.52 37.42
CA SER B 52 -18.34 31.97 37.44
C SER B 52 -17.97 31.50 36.05
N PRO B 53 -17.03 32.16 35.36
CA PRO B 53 -16.63 31.69 34.02
C PRO B 53 -16.03 30.29 34.01
N TYR B 54 -15.64 29.75 35.16
CA TYR B 54 -15.09 28.41 35.25
C TYR B 54 -16.17 27.39 35.64
N SER B 55 -16.80 27.59 36.80
CA SER B 55 -17.81 26.63 37.25
C SER B 55 -19.11 26.75 36.48
N GLY B 56 -19.39 27.93 35.92
CA GLY B 56 -20.66 28.14 35.26
C GLY B 56 -21.83 28.30 36.20
N ASP B 57 -21.58 28.84 37.39
CA ASP B 57 -22.59 29.00 38.43
C ASP B 57 -23.00 30.46 38.54
N LYS B 58 -24.29 30.69 38.79
CA LYS B 58 -24.87 32.02 38.80
C LYS B 58 -25.51 32.32 40.14
N ASN B 59 -25.52 33.61 40.49
CA ASN B 59 -26.21 34.07 41.70
C ASN B 59 -26.53 35.54 41.51
N LEU B 60 -27.82 35.87 41.45
CA LEU B 60 -28.29 37.22 41.15
C LEU B 60 -29.12 37.77 42.30
N ALA B 61 -29.59 39.00 42.13
CA ALA B 61 -30.39 39.69 43.12
C ALA B 61 -31.85 39.26 43.02
N PRO B 62 -32.62 39.42 44.12
CA PRO B 62 -34.05 39.08 44.03
C PRO B 62 -34.82 39.99 43.11
N ALA B 63 -34.40 41.25 42.94
CA ALA B 63 -35.07 42.17 42.02
C ALA B 63 -34.74 41.86 40.56
N PHE B 64 -33.85 40.91 40.30
CA PHE B 64 -33.50 40.49 38.94
C PHE B 64 -33.52 38.97 38.83
N GLN B 65 -34.34 38.32 39.66
CA GLN B 65 -34.33 36.85 39.74
C GLN B 65 -34.78 36.22 38.42
N ASP B 66 -35.85 36.75 37.83
CA ASP B 66 -36.38 36.24 36.57
C ASP B 66 -36.44 37.34 35.51
N ARG B 67 -35.49 38.27 35.55
CA ARG B 67 -35.47 39.39 34.61
C ARG B 67 -34.14 39.56 33.88
N VAL B 68 -33.08 38.87 34.28
CA VAL B 68 -31.74 39.09 33.73
C VAL B 68 -31.17 37.75 33.27
N ASN B 69 -30.65 37.72 32.04
CA ASN B 69 -29.94 36.57 31.50
C ASN B 69 -28.51 36.98 31.22
N MET B 70 -27.57 36.42 31.97
CA MET B 70 -26.15 36.74 31.83
C MET B 70 -25.38 35.46 31.49
N THR B 71 -24.50 35.55 30.49
CA THR B 71 -23.76 34.40 30.01
C THR B 71 -22.31 34.81 29.75
N THR B 72 -21.46 33.81 29.54
CA THR B 72 -20.05 34.01 29.25
C THR B 72 -19.57 32.92 28.30
N ASP B 73 -18.95 33.32 27.20
CA ASP B 73 -18.30 32.35 26.32
C ASP B 73 -16.90 32.04 26.83
N THR B 74 -16.36 30.91 26.35
CA THR B 74 -15.08 30.43 26.83
C THR B 74 -13.96 31.40 26.47
N GLU B 75 -12.83 31.26 27.16
CA GLU B 75 -11.69 32.16 26.98
C GLU B 75 -10.79 31.68 25.85
N VAL B 76 -10.13 32.63 25.21
CA VAL B 76 -9.12 32.35 24.19
C VAL B 76 -7.76 32.54 24.84
N PRO B 77 -7.01 31.46 25.11
CA PRO B 77 -5.74 31.61 25.82
C PRO B 77 -4.74 32.44 25.03
N VAL B 78 -4.02 33.31 25.74
CA VAL B 78 -2.95 34.12 25.17
C VAL B 78 -1.59 33.67 25.69
N THR B 79 -1.46 33.52 27.00
CA THR B 79 -0.27 32.93 27.61
C THR B 79 -0.73 32.09 28.80
N SER B 80 0.23 31.69 29.64
CA SER B 80 -0.08 30.82 30.77
C SER B 80 -0.99 31.48 31.78
N PHE B 81 -1.06 32.82 31.80
CA PHE B 81 -1.88 33.51 32.78
C PHE B 81 -2.69 34.66 32.18
N THR B 82 -2.83 34.69 30.86
CA THR B 82 -3.63 35.71 30.18
C THR B 82 -4.65 35.03 29.28
N SER B 83 -5.88 35.53 29.30
CA SER B 83 -6.95 35.03 28.46
C SER B 83 -7.75 36.21 27.94
N THR B 84 -8.64 35.92 26.97
CA THR B 84 -9.50 36.93 26.37
C THR B 84 -10.92 36.35 26.30
N GLY B 85 -11.68 36.53 27.38
CA GLY B 85 -13.05 36.09 27.44
C GLY B 85 -14.04 37.20 27.11
N ALA B 86 -15.31 36.91 27.38
CA ALA B 86 -16.36 37.89 27.13
C ALA B 86 -17.55 37.55 28.02
N ALA B 87 -18.28 38.60 28.43
CA ALA B 87 -19.41 38.47 29.34
C ALA B 87 -20.58 39.26 28.79
N TYR B 88 -21.72 38.59 28.64
CA TYR B 88 -22.92 39.19 28.07
C TYR B 88 -24.04 39.18 29.11
N MET B 89 -24.91 40.18 29.05
CA MET B 89 -25.98 40.32 30.04
C MET B 89 -27.19 40.98 29.39
N GLU B 90 -28.36 40.41 29.61
CA GLU B 90 -29.62 40.91 29.05
C GLU B 90 -30.60 41.21 30.18
N ILE B 91 -31.66 41.94 29.82
CA ILE B 91 -32.75 42.26 30.73
C ILE B 91 -34.07 41.86 30.07
N ARG B 92 -35.03 41.45 30.89
CA ARG B 92 -36.32 40.99 30.37
C ARG B 92 -37.27 42.15 30.14
N ASN B 93 -38.33 42.25 30.95
CA ASN B 93 -39.29 43.33 30.84
C ASN B 93 -38.65 44.67 31.21
N LEU B 94 -37.82 45.20 30.31
CA LEU B 94 -37.12 46.45 30.59
C LEU B 94 -38.09 47.62 30.51
N THR B 95 -38.02 48.52 31.49
CA THR B 95 -38.85 49.70 31.56
C THR B 95 -37.95 50.94 31.59
N SER B 96 -38.57 52.10 31.85
CA SER B 96 -37.81 53.34 32.01
C SER B 96 -37.14 53.44 33.37
N ASP B 97 -37.48 52.55 34.32
CA ASP B 97 -36.82 52.56 35.61
C ASP B 97 -35.40 52.00 35.52
N ASP B 98 -35.14 51.12 34.57
CA ASP B 98 -33.81 50.57 34.35
C ASP B 98 -32.87 51.54 33.65
N THR B 99 -33.27 52.79 33.48
CA THR B 99 -32.42 53.79 32.86
C THR B 99 -31.25 54.13 33.77
N GLY B 100 -30.05 54.07 33.22
CA GLY B 100 -28.86 54.38 33.99
C GLY B 100 -27.65 53.68 33.40
N THR B 101 -26.48 54.04 33.95
CA THR B 101 -25.22 53.46 33.51
C THR B 101 -25.03 52.08 34.13
N TYR B 102 -24.61 51.12 33.31
CA TYR B 102 -24.37 49.75 33.74
C TYR B 102 -22.87 49.46 33.73
N PHE B 103 -22.42 48.67 34.70
CA PHE B 103 -21.01 48.36 34.85
C PHE B 103 -20.80 46.86 34.91
N CYS B 104 -19.63 46.41 34.44
CA CYS B 104 -19.17 45.05 34.64
C CYS B 104 -17.81 45.09 35.34
N ALA B 105 -17.66 44.25 36.36
CA ALA B 105 -16.43 44.21 37.16
C ALA B 105 -16.06 42.76 37.43
N LYS B 106 -14.77 42.52 37.60
CA LYS B 106 -14.25 41.19 37.87
C LYS B 106 -14.09 40.98 39.37
N GLY B 107 -13.95 39.70 39.75
CA GLY B 107 -13.84 39.36 41.15
C GLY B 107 -12.57 39.86 41.79
N LEU B 108 -12.60 39.91 43.12
CA LEU B 108 -11.45 40.36 43.90
C LEU B 108 -10.36 39.29 43.94
N LEU B 109 -10.68 38.12 44.46
CA LEU B 109 -9.73 37.02 44.55
C LEU B 109 -10.30 35.77 43.90
N ARG B 110 -9.65 34.62 44.13
CA ARG B 110 -10.19 33.34 43.67
C ARG B 110 -10.27 32.34 44.82
N ASP B 111 -10.35 32.82 46.06
CA ASP B 111 -10.53 31.99 47.24
C ASP B 111 -10.75 32.91 48.43
N GLY B 112 -11.34 32.36 49.49
CA GLY B 112 -11.50 33.09 50.73
C GLY B 112 -12.91 33.61 50.94
N SER B 113 -12.99 34.64 51.78
CA SER B 113 -14.28 35.21 52.16
C SER B 113 -14.77 36.20 51.13
N SER B 114 -13.87 36.99 50.53
CA SER B 114 -14.25 37.98 49.54
C SER B 114 -13.77 37.57 48.16
N THR B 115 -14.29 36.45 47.66
CA THR B 115 -13.81 35.91 46.38
C THR B 115 -14.37 36.69 45.19
N TRP B 116 -15.67 36.97 45.22
CA TRP B 116 -16.36 37.55 44.08
C TRP B 116 -16.44 39.07 44.11
N LEU B 117 -15.87 39.71 45.12
CA LEU B 117 -16.07 41.14 45.33
C LEU B 117 -15.67 41.94 44.10
N PRO B 118 -16.57 42.78 43.54
CA PRO B 118 -16.22 43.55 42.34
C PRO B 118 -15.04 44.47 42.55
N TYR B 119 -13.86 44.03 42.10
CA TYR B 119 -12.62 44.76 42.31
C TYR B 119 -12.27 45.65 41.13
N LEU B 120 -12.11 45.08 39.94
CA LEU B 120 -11.69 45.81 38.75
C LEU B 120 -12.91 46.08 37.87
N TRP B 121 -13.36 47.33 37.87
CA TRP B 121 -14.54 47.71 37.12
C TRP B 121 -14.18 48.03 35.66
N GLY B 122 -15.20 48.01 34.81
CA GLY B 122 -15.01 48.25 33.39
C GLY B 122 -15.07 49.71 33.00
N GLN B 123 -15.86 50.02 31.97
CA GLN B 123 -15.98 51.39 31.47
C GLN B 123 -17.39 51.95 31.56
N GLY B 124 -18.43 51.13 31.41
CA GLY B 124 -19.79 51.61 31.53
C GLY B 124 -20.52 51.76 30.21
N THR B 125 -21.77 51.29 30.16
CA THR B 125 -22.63 51.43 28.99
C THR B 125 -23.91 52.14 29.41
N LEU B 126 -24.15 53.31 28.84
CA LEU B 126 -25.33 54.09 29.17
C LEU B 126 -26.55 53.55 28.41
N LEU B 127 -27.66 53.41 29.12
CA LEU B 127 -28.84 52.75 28.55
C LEU B 127 -29.90 53.76 28.13
N THR B 128 -31.16 53.37 28.22
CA THR B 128 -32.29 54.23 27.84
C THR B 128 -32.39 55.45 28.75
N VAL C 4 -31.70 49.78 52.40
CA VAL C 4 -32.03 49.35 53.75
C VAL C 4 -30.82 49.55 54.66
N LEU C 5 -29.69 49.87 54.05
CA LEU C 5 -28.43 50.10 54.76
C LEU C 5 -28.15 51.60 54.74
N THR C 6 -28.30 52.25 55.87
CA THR C 6 -28.07 53.69 55.98
C THR C 6 -26.61 53.98 56.31
N GLN C 7 -26.17 55.19 55.96
CA GLN C 7 -24.82 55.63 56.25
C GLN C 7 -24.83 56.95 57.01
N SER C 8 -23.85 57.81 56.72
CA SER C 8 -23.85 59.17 57.22
C SER C 8 -24.57 60.07 56.22
N ALA C 9 -25.30 61.05 56.74
CA ALA C 9 -25.99 62.00 55.87
C ALA C 9 -24.99 62.71 54.96
N SER C 10 -24.07 63.47 55.55
CA SER C 10 -22.98 64.09 54.83
C SER C 10 -21.97 64.62 55.84
N VAL C 11 -20.70 64.64 55.44
CA VAL C 11 -19.61 65.16 56.25
C VAL C 11 -18.56 65.73 55.31
N SER C 12 -17.61 66.47 55.87
CA SER C 12 -16.50 67.03 55.10
C SER C 12 -15.45 67.53 56.09
N GLY C 13 -14.27 67.84 55.56
CA GLY C 13 -13.18 68.35 56.37
C GLY C 13 -12.21 69.19 55.58
N SER C 14 -11.06 69.49 56.17
CA SER C 14 -10.02 70.28 55.53
C SER C 14 -8.76 69.44 55.33
N LEU C 15 -7.86 69.94 54.49
CA LEU C 15 -6.64 69.24 54.14
C LEU C 15 -5.73 69.14 55.37
N GLY C 16 -5.71 67.96 55.99
CA GLY C 16 -4.88 67.75 57.17
C GLY C 16 -5.59 67.03 58.28
N GLN C 17 -6.92 67.11 58.30
CA GLN C 17 -7.73 66.49 59.33
C GLN C 17 -8.23 65.12 58.84
N SER C 18 -9.31 64.62 59.43
CA SER C 18 -9.84 63.31 59.10
C SER C 18 -11.36 63.34 59.19
N VAL C 19 -11.99 62.34 58.55
CA VAL C 19 -13.44 62.20 58.55
C VAL C 19 -13.79 60.83 59.12
N THR C 20 -15.09 60.50 59.13
CA THR C 20 -15.54 59.19 59.58
C THR C 20 -16.94 58.96 59.01
N ILE C 21 -17.04 58.12 57.99
CA ILE C 21 -18.32 57.81 57.36
C ILE C 21 -18.88 56.54 57.98
N SER C 22 -20.01 56.67 58.66
CA SER C 22 -20.64 55.54 59.32
C SER C 22 -21.38 54.66 58.30
N CYS C 23 -21.75 53.46 58.74
CA CYS C 23 -22.44 52.51 57.88
C CYS C 23 -23.07 51.46 58.80
N THR C 24 -24.36 51.62 59.07
CA THR C 24 -25.10 50.73 59.96
C THR C 24 -26.43 50.34 59.31
N GLY C 25 -27.19 49.52 60.01
CA GLY C 25 -28.47 49.05 59.51
C GLY C 25 -29.09 48.01 60.43
N PRO C 26 -30.18 47.39 59.98
CA PRO C 26 -30.86 46.39 60.81
C PRO C 26 -30.06 45.10 60.96
N ASN C 27 -30.60 44.14 61.72
CA ASN C 27 -29.90 42.88 61.95
C ASN C 27 -29.79 42.03 60.70
N SER C 28 -30.58 42.32 59.66
CA SER C 28 -30.52 41.54 58.43
C SER C 28 -29.43 42.00 57.49
N VAL C 29 -28.80 43.15 57.74
CA VAL C 29 -27.77 43.70 56.87
C VAL C 29 -26.51 44.10 57.62
N CYS C 30 -26.48 43.95 58.94
CA CYS C 30 -25.40 44.53 59.75
C CYS C 30 -25.53 44.03 61.18
N CYS C 31 -24.40 43.67 61.80
CA CYS C 31 -23.07 43.69 61.18
C CYS C 31 -22.23 42.48 61.60
N SER C 32 -22.37 42.06 62.86
CA SER C 32 -21.48 41.07 63.46
C SER C 32 -21.60 39.68 62.83
N HIS C 33 -22.14 39.62 61.61
CA HIS C 33 -22.18 38.36 60.88
C HIS C 33 -22.01 38.56 59.38
N LYS C 34 -21.67 39.77 58.92
CA LYS C 34 -21.44 40.04 57.51
C LYS C 34 -20.19 40.89 57.38
N SER C 35 -19.58 40.84 56.20
CA SER C 35 -18.39 41.63 55.91
C SER C 35 -18.77 42.98 55.30
N ILE C 36 -17.99 43.99 55.64
CA ILE C 36 -18.23 45.36 55.19
C ILE C 36 -17.07 45.78 54.30
N SER C 37 -17.39 46.28 53.10
CA SER C 37 -16.40 46.81 52.19
C SER C 37 -16.73 48.27 51.88
N TRP C 38 -15.72 49.00 51.39
CA TRP C 38 -15.87 50.42 51.10
C TRP C 38 -15.36 50.72 49.70
N TYR C 39 -16.12 51.54 48.98
CA TYR C 39 -15.80 51.93 47.61
C TYR C 39 -15.73 53.45 47.51
N GLN C 40 -14.67 53.96 46.89
CA GLN C 40 -14.59 55.35 46.50
C GLN C 40 -15.21 55.47 45.11
N TRP C 41 -16.48 55.85 45.05
CA TRP C 41 -17.27 55.78 43.82
C TRP C 41 -17.71 57.17 43.37
N PRO C 42 -16.98 57.80 42.46
CA PRO C 42 -17.50 59.01 41.81
C PRO C 42 -18.72 58.67 40.98
N PRO C 43 -19.79 59.45 41.09
CA PRO C 43 -21.07 59.07 40.45
C PRO C 43 -20.94 59.02 38.93
N GLY C 44 -21.27 57.85 38.37
CA GLY C 44 -21.28 57.66 36.93
C GLY C 44 -19.98 57.16 36.34
N ARG C 45 -18.88 57.24 37.07
CA ARG C 45 -17.56 56.87 36.56
C ARG C 45 -17.13 55.53 37.18
N ALA C 46 -15.91 55.13 36.85
CA ALA C 46 -15.36 53.88 37.36
C ALA C 46 -15.01 54.01 38.83
N PRO C 47 -15.58 53.17 39.71
CA PRO C 47 -15.28 53.30 41.14
C PRO C 47 -13.89 52.81 41.51
N THR C 48 -13.71 52.47 42.79
CA THR C 48 -12.43 51.95 43.27
C THR C 48 -12.68 51.25 44.60
N LEU C 49 -12.19 50.01 44.72
CA LEU C 49 -12.28 49.29 45.98
C LEU C 49 -11.21 49.80 46.93
N ILE C 50 -11.63 50.32 48.08
CA ILE C 50 -10.71 50.90 49.05
C ILE C 50 -10.54 50.01 50.27
N ILE C 51 -11.54 49.22 50.64
CA ILE C 51 -11.50 48.37 51.83
C ILE C 51 -12.38 47.16 51.57
N TYR C 52 -11.88 45.96 51.90
CA TYR C 52 -12.69 44.75 51.85
C TYR C 52 -12.59 44.03 53.19
N GLU C 53 -13.63 43.24 53.48
CA GLU C 53 -13.90 42.63 54.79
C GLU C 53 -13.41 43.49 55.95
N ASP C 54 -14.23 44.46 56.34
CA ASP C 54 -14.04 45.30 57.52
C ASP C 54 -12.86 46.26 57.40
N ASN C 55 -11.63 45.77 57.52
CA ASN C 55 -10.47 46.65 57.61
C ASN C 55 -9.32 46.31 56.68
N GLU C 56 -9.46 45.27 55.85
CA GLU C 56 -8.38 44.90 54.94
C GLU C 56 -8.30 45.89 53.79
N ARG C 57 -7.10 46.41 53.54
CA ARG C 57 -6.89 47.40 52.48
C ARG C 57 -6.57 46.70 51.17
N ALA C 58 -7.23 47.13 50.09
CA ALA C 58 -6.97 46.59 48.77
C ALA C 58 -5.55 46.93 48.32
N PRO C 59 -5.00 46.19 47.37
CA PRO C 59 -3.64 46.48 46.91
C PRO C 59 -3.54 47.86 46.29
N GLY C 60 -2.50 48.61 46.67
CA GLY C 60 -2.28 49.95 46.19
C GLY C 60 -2.94 51.05 46.98
N ILE C 61 -3.77 50.70 47.97
CA ILE C 61 -4.47 51.70 48.77
C ILE C 61 -3.48 52.34 49.74
N SER C 62 -3.56 53.67 49.85
CA SER C 62 -2.69 54.40 50.76
C SER C 62 -3.01 54.03 52.21
N PRO C 63 -2.00 53.98 53.09
CA PRO C 63 -2.24 53.57 54.48
C PRO C 63 -3.05 54.58 55.29
N ARG C 64 -3.70 55.52 54.61
CA ARG C 64 -4.54 56.50 55.29
C ARG C 64 -5.98 56.05 55.42
N PHE C 65 -6.43 55.10 54.59
CA PHE C 65 -7.81 54.60 54.63
C PHE C 65 -7.86 53.44 55.61
N SER C 66 -8.19 53.75 56.87
CA SER C 66 -8.27 52.74 57.92
C SER C 66 -9.72 52.38 58.19
N GLY C 67 -9.98 51.09 58.37
CA GLY C 67 -11.33 50.62 58.60
C GLY C 67 -11.56 50.11 60.01
N TYR C 68 -12.83 50.08 60.42
CA TYR C 68 -13.21 49.61 61.74
C TYR C 68 -14.63 49.09 61.66
N LYS C 69 -14.98 48.22 62.59
CA LYS C 69 -16.33 47.63 62.60
C LYS C 69 -16.67 47.18 64.01
N SER C 70 -17.59 47.89 64.64
CA SER C 70 -18.13 47.47 65.94
C SER C 70 -19.28 46.48 65.70
N TYR C 71 -19.96 46.08 66.76
CA TYR C 71 -21.00 45.06 66.65
C TYR C 71 -22.30 45.60 66.08
N TRP C 72 -22.32 46.82 65.56
CA TRP C 72 -23.57 47.40 65.06
C TRP C 72 -23.33 48.45 63.98
N SER C 73 -22.08 48.79 63.71
CA SER C 73 -21.77 49.77 62.69
C SER C 73 -20.31 49.66 62.30
N ALA C 74 -20.02 49.98 61.04
CA ALA C 74 -18.67 49.98 60.51
C ALA C 74 -18.29 51.40 60.08
N TYR C 75 -17.05 51.78 60.35
CA TYR C 75 -16.57 53.14 60.11
C TYR C 75 -15.45 53.13 59.08
N LEU C 76 -15.31 54.24 58.37
CA LEU C 76 -14.27 54.42 57.36
C LEU C 76 -13.58 55.76 57.61
N THR C 77 -12.39 55.71 58.19
CA THR C 77 -11.62 56.91 58.48
C THR C 77 -10.74 57.26 57.29
N ILE C 78 -10.88 58.50 56.80
CA ILE C 78 -10.07 58.98 55.68
C ILE C 78 -9.09 60.00 56.21
N SER C 79 -8.13 59.56 57.02
CA SER C 79 -7.18 60.46 57.65
C SER C 79 -6.26 61.10 56.63
N ASP C 80 -5.77 62.30 56.96
CA ASP C 80 -4.90 63.08 56.08
C ASP C 80 -5.55 63.25 54.71
N LEU C 81 -6.52 64.15 54.61
CA LEU C 81 -7.30 64.30 53.39
C LEU C 81 -6.48 64.95 52.29
N ARG C 82 -6.86 64.66 51.05
CA ARG C 82 -6.26 65.20 49.84
C ARG C 82 -7.35 65.88 49.02
N PRO C 83 -6.96 66.75 48.07
CA PRO C 83 -7.98 67.39 47.22
C PRO C 83 -8.79 66.39 46.40
N GLU C 84 -8.21 65.27 46.00
CA GLU C 84 -8.91 64.31 45.15
C GLU C 84 -9.80 63.34 45.92
N ASP C 85 -9.83 63.41 47.25
CA ASP C 85 -10.66 62.53 48.05
C ASP C 85 -12.12 62.96 48.07
N GLU C 86 -12.47 64.09 47.46
CA GLU C 86 -13.82 64.66 47.55
C GLU C 86 -14.70 64.02 46.49
N THR C 87 -15.31 62.89 46.82
CA THR C 87 -16.28 62.23 45.96
C THR C 87 -17.43 61.67 46.79
N THR C 88 -17.93 60.50 46.42
CA THR C 88 -18.96 59.79 47.17
C THR C 88 -18.38 58.51 47.74
N TYR C 89 -19.12 57.89 48.66
CA TYR C 89 -18.66 56.67 49.30
C TYR C 89 -19.85 55.79 49.65
N TYR C 90 -19.78 54.53 49.23
CA TYR C 90 -20.82 53.54 49.53
C TYR C 90 -20.17 52.33 50.20
N CYS C 91 -20.93 51.65 51.05
CA CYS C 91 -20.45 50.48 51.76
C CYS C 91 -21.23 49.24 51.33
N CYS C 92 -20.53 48.11 51.24
CA CYS C 92 -21.12 46.83 50.88
C CYS C 92 -21.49 46.03 52.13
N SER C 93 -22.45 45.12 51.95
CA SER C 93 -22.82 44.16 52.98
C SER C 93 -22.88 42.79 52.30
N TYR C 94 -21.92 41.93 52.63
CA TYR C 94 -21.76 40.69 51.89
C TYR C 94 -21.12 39.64 52.78
N THR C 95 -21.36 38.37 52.43
CA THR C 95 -20.69 37.22 53.02
C THR C 95 -19.83 36.56 51.95
N HIS C 96 -19.61 35.25 52.08
CA HIS C 96 -18.81 34.52 51.10
C HIS C 96 -19.62 34.04 49.90
N ASN C 97 -20.93 33.85 50.07
CA ASN C 97 -21.80 33.32 49.02
C ASN C 97 -23.07 34.17 48.92
N SER C 98 -22.90 35.45 48.59
CA SER C 98 -24.04 36.35 48.46
C SER C 98 -23.74 37.49 47.50
N GLY C 99 -24.29 38.67 47.77
CA GLY C 99 -24.05 39.82 46.93
C GLY C 99 -23.97 41.09 47.78
N CYS C 100 -23.38 42.11 47.17
CA CYS C 100 -23.25 43.41 47.84
C CYS C 100 -24.61 44.06 48.05
N VAL C 101 -24.89 44.46 49.28
CA VAL C 101 -26.06 45.23 49.61
C VAL C 101 -25.57 46.66 49.88
N PHE C 102 -25.62 47.50 48.87
CA PHE C 102 -25.04 48.83 48.95
C PHE C 102 -25.81 49.70 49.92
N GLY C 103 -25.17 50.80 50.34
CA GLY C 103 -25.76 51.75 51.25
C GLY C 103 -26.28 52.99 50.54
N THR C 104 -26.78 53.92 51.35
CA THR C 104 -27.38 55.15 50.82
C THR C 104 -26.33 56.11 50.26
N GLY C 105 -25.07 55.98 50.67
CA GLY C 105 -24.02 56.83 50.18
C GLY C 105 -23.77 58.03 51.08
N THR C 106 -22.55 58.56 50.98
CA THR C 106 -22.14 59.71 51.78
C THR C 106 -21.07 60.48 51.04
N LYS C 107 -21.38 61.72 50.66
CA LYS C 107 -20.42 62.56 49.98
C LYS C 107 -19.48 63.22 50.99
N VAL C 108 -18.35 63.69 50.48
CA VAL C 108 -17.38 64.42 51.32
C VAL C 108 -16.95 65.70 50.62
N ALA D 3 1.24 44.81 61.57
CA ALA D 3 0.87 43.72 62.48
C ALA D 3 0.73 42.41 61.72
N GLU D 4 1.83 41.98 61.09
CA GLU D 4 1.86 40.73 60.34
C GLU D 4 2.91 39.77 60.88
N ASN D 5 4.19 40.18 60.90
CA ASN D 5 5.30 39.35 61.35
C ASN D 5 5.40 38.08 60.51
N LEU D 6 5.79 38.28 59.25
CA LEU D 6 5.89 37.20 58.28
C LEU D 6 7.31 36.66 58.24
N TRP D 7 7.42 35.35 58.14
CA TRP D 7 8.71 34.67 58.09
C TRP D 7 8.73 33.72 56.91
N VAL D 8 9.94 33.45 56.40
CA VAL D 8 10.08 32.54 55.27
C VAL D 8 9.73 31.13 55.72
N THR D 9 8.94 30.43 54.89
CA THR D 9 8.54 29.06 55.15
C THR D 9 8.90 28.20 53.95
N VAL D 10 9.57 27.08 54.20
CA VAL D 10 10.01 26.19 53.14
C VAL D 10 8.93 25.14 52.89
N TYR D 11 8.64 24.91 51.60
CA TYR D 11 7.64 23.94 51.18
C TYR D 11 8.28 22.92 50.25
N TYR D 12 8.09 21.64 50.57
CA TYR D 12 8.65 20.54 49.78
C TYR D 12 7.51 19.84 49.06
N GLY D 13 7.49 19.94 47.73
CA GLY D 13 6.49 19.28 46.93
C GLY D 13 5.45 20.21 46.36
N VAL D 14 5.89 21.34 45.82
CA VAL D 14 4.97 22.35 45.31
C VAL D 14 4.78 22.19 43.81
N PRO D 15 3.57 22.39 43.28
CA PRO D 15 3.33 22.18 41.84
C PRO D 15 3.96 23.27 40.98
N VAL D 16 5.26 23.16 40.72
CA VAL D 16 5.97 24.07 39.83
C VAL D 16 7.03 23.27 39.07
N TRP D 17 7.11 23.52 37.77
CA TRP D 17 8.06 22.81 36.92
C TRP D 17 8.86 23.81 36.09
N ARG D 18 9.75 23.29 35.26
CA ARG D 18 10.65 24.11 34.46
C ARG D 18 10.92 23.40 33.14
N ASP D 19 10.92 24.16 32.05
CA ASP D 19 11.30 23.62 30.76
C ASP D 19 12.71 23.06 30.82
N ALA D 20 12.88 21.80 30.43
CA ALA D 20 14.17 21.16 30.49
C ALA D 20 14.21 20.00 29.52
N ASP D 21 15.43 19.60 29.15
CA ASP D 21 15.67 18.44 28.33
C ASP D 21 16.48 17.42 29.13
N THR D 22 16.11 16.14 29.01
CA THR D 22 16.79 15.07 29.72
C THR D 22 16.78 13.83 28.83
N THR D 23 17.24 12.71 29.38
CA THR D 23 17.24 11.45 28.65
C THR D 23 15.95 10.70 28.92
N LEU D 24 15.32 10.21 27.86
CA LEU D 24 14.07 9.46 27.95
C LEU D 24 14.35 7.99 27.71
N PHE D 25 13.98 7.15 28.67
CA PHE D 25 14.15 5.71 28.51
C PHE D 25 12.87 5.11 27.93
N CYS D 26 13.01 3.89 27.41
CA CYS D 26 11.95 3.24 26.64
C CYS D 26 11.19 2.23 27.50
N ALA D 27 9.91 2.07 27.16
CA ALA D 27 9.04 1.08 27.78
C ALA D 27 8.26 0.36 26.68
N SER D 28 7.90 -0.89 26.94
CA SER D 28 7.20 -1.72 25.97
C SER D 28 6.22 -2.62 26.68
N ASP D 29 5.39 -3.31 25.89
CA ASP D 29 4.34 -4.18 26.40
C ASP D 29 4.85 -5.62 26.45
N ALA D 30 3.93 -6.58 26.51
CA ALA D 30 4.29 -8.00 26.56
C ALA D 30 4.41 -8.57 25.15
N HIS D 38 13.23 -11.04 17.98
CA HIS D 38 12.82 -9.66 18.19
C HIS D 38 13.31 -8.76 17.06
N ASN D 39 12.74 -7.55 16.98
CA ASN D 39 12.98 -6.67 15.86
C ASN D 39 14.17 -5.74 16.13
N VAL D 40 14.40 -4.83 15.18
CA VAL D 40 15.57 -3.95 15.25
C VAL D 40 15.46 -2.95 16.40
N TRP D 41 14.24 -2.64 16.82
CA TRP D 41 14.02 -1.59 17.82
C TRP D 41 14.36 -2.02 19.24
N ALA D 42 14.87 -3.24 19.43
CA ALA D 42 15.37 -3.70 20.73
C ALA D 42 14.34 -3.50 21.84
N THR D 43 13.07 -3.78 21.51
CA THR D 43 12.00 -3.62 22.49
C THR D 43 12.09 -4.63 23.62
N HIS D 44 12.88 -5.70 23.45
CA HIS D 44 13.10 -6.64 24.54
C HIS D 44 13.94 -6.04 25.66
N ALA D 45 14.65 -4.94 25.39
CA ALA D 45 15.48 -4.29 26.39
C ALA D 45 14.75 -3.22 27.18
N CYS D 46 13.54 -2.85 26.78
CA CYS D 46 12.77 -1.84 27.49
C CYS D 46 12.00 -2.47 28.65
N VAL D 47 11.75 -1.67 29.67
CA VAL D 47 11.05 -2.12 30.87
C VAL D 47 9.59 -2.34 30.52
N PRO D 48 8.86 -3.19 31.26
CA PRO D 48 7.44 -3.41 30.94
C PRO D 48 6.60 -2.19 31.28
N THR D 49 5.72 -1.83 30.36
CA THR D 49 4.83 -0.69 30.58
C THR D 49 3.79 -1.03 31.64
N ASP D 50 3.40 -0.02 32.40
CA ASP D 50 2.30 -0.16 33.33
C ASP D 50 1.03 -0.49 32.55
N PRO D 51 0.36 -1.60 32.84
CA PRO D 51 -0.87 -1.93 32.09
C PRO D 51 -1.97 -0.89 32.23
N ASN D 52 -1.94 -0.07 33.27
CA ASN D 52 -2.90 1.02 33.47
C ASN D 52 -2.13 2.33 33.43
N PRO D 53 -1.92 2.92 32.26
CA PRO D 53 -1.15 4.17 32.16
C PRO D 53 -1.83 5.32 32.89
N GLN D 54 -1.31 5.67 34.07
CA GLN D 54 -1.91 6.71 34.88
C GLN D 54 -1.71 8.08 34.23
N GLU D 55 -2.75 8.90 34.30
CA GLU D 55 -2.71 10.26 33.79
C GLU D 55 -3.33 11.19 34.84
N ILE D 56 -2.64 12.29 35.12
CA ILE D 56 -3.08 13.27 36.11
C ILE D 56 -3.44 14.55 35.37
N HIS D 57 -4.72 14.94 35.44
CA HIS D 57 -5.18 16.13 34.76
C HIS D 57 -4.80 17.37 35.55
N LEU D 58 -4.29 18.39 34.85
CA LEU D 58 -3.88 19.64 35.49
C LEU D 58 -4.97 20.68 35.21
N ASP D 59 -5.96 20.72 36.09
CA ASP D 59 -7.03 21.69 35.96
C ASP D 59 -6.51 23.10 36.18
N ASN D 60 -7.11 24.05 35.48
CA ASN D 60 -6.76 25.48 35.54
C ASN D 60 -5.36 25.77 35.00
N VAL D 61 -4.77 24.87 34.23
CA VAL D 61 -3.39 25.01 33.77
C VAL D 61 -3.38 25.14 32.25
N THR D 62 -2.69 26.16 31.76
CA THR D 62 -2.42 26.33 30.33
C THR D 62 -0.92 26.46 30.15
N GLU D 63 -0.34 25.54 29.38
CA GLU D 63 1.10 25.53 29.13
C GLU D 63 1.36 25.77 27.64
N LYS D 64 2.49 26.41 27.36
CA LYS D 64 2.89 26.73 26.00
C LYS D 64 3.76 25.60 25.46
N PHE D 65 3.27 24.94 24.41
CA PHE D 65 4.01 23.91 23.71
C PHE D 65 4.67 24.48 22.47
N ASN D 66 5.51 23.65 21.84
CA ASN D 66 6.11 24.01 20.55
C ASN D 66 6.64 22.70 19.95
N MET D 67 5.82 22.07 19.11
CA MET D 67 6.19 20.81 18.50
C MET D 67 7.42 20.92 17.61
N TRP D 68 7.75 22.13 17.16
CA TRP D 68 8.87 22.32 16.24
C TRP D 68 10.17 22.64 16.95
N LYS D 69 10.11 23.04 18.22
CA LYS D 69 11.33 23.18 19.01
C LYS D 69 11.27 22.25 20.21
N ASN D 70 10.92 20.99 19.94
CA ASN D 70 10.95 19.93 20.93
C ASN D 70 12.27 19.18 20.84
N ASN D 71 12.69 18.58 21.96
CA ASN D 71 13.88 17.75 21.96
C ASN D 71 13.57 16.25 21.91
N MET D 72 12.34 15.86 22.27
CA MET D 72 11.94 14.47 22.08
C MET D 72 12.11 14.03 20.64
N VAL D 73 11.93 14.96 19.69
CA VAL D 73 12.14 14.64 18.27
C VAL D 73 13.61 14.38 18.00
N GLU D 74 14.46 15.38 18.26
CA GLU D 74 15.88 15.26 17.98
C GLU D 74 16.52 14.11 18.75
N GLN D 75 15.91 13.68 19.85
CA GLN D 75 16.43 12.56 20.64
C GLN D 75 15.91 11.21 20.13
N MET D 76 14.63 11.14 19.74
CA MET D 76 14.12 9.91 19.16
C MET D 76 14.76 9.63 17.80
N HIS D 77 15.00 10.68 17.01
CA HIS D 77 15.64 10.49 15.71
C HIS D 77 17.02 9.86 15.87
N THR D 78 17.78 10.28 16.89
CA THR D 78 19.09 9.69 17.10
C THR D 78 18.98 8.29 17.69
N ASP D 79 17.92 8.00 18.43
CA ASP D 79 17.74 6.66 18.98
C ASP D 79 17.42 5.64 17.89
N ILE D 80 16.57 6.02 16.93
CA ILE D 80 16.25 5.11 15.84
C ILE D 80 17.48 4.85 14.98
N ILE D 81 18.31 5.87 14.76
CA ILE D 81 19.54 5.68 14.00
C ILE D 81 20.51 4.80 14.77
N SER D 82 20.54 4.94 16.10
CA SER D 82 21.40 4.07 16.90
C SER D 82 20.82 2.66 16.98
N LEU D 83 19.50 2.54 17.11
CA LEU D 83 18.87 1.23 17.04
C LEU D 83 19.13 0.55 15.71
N TRP D 84 19.20 1.34 14.63
CA TRP D 84 19.49 0.80 13.31
C TRP D 84 20.93 0.30 13.23
N ASP D 85 21.89 1.12 13.65
CA ASP D 85 23.29 0.76 13.54
C ASP D 85 23.68 -0.33 14.54
N GLN D 86 23.07 -0.33 15.72
CA GLN D 86 23.38 -1.37 16.70
C GLN D 86 22.94 -2.75 16.22
N SER D 87 21.86 -2.82 15.44
CA SER D 87 21.37 -4.10 14.94
C SER D 87 22.20 -4.63 13.78
N LEU D 88 22.93 -3.77 13.08
CA LEU D 88 23.76 -4.20 11.97
C LEU D 88 25.20 -4.50 12.38
N LYS D 89 25.55 -4.27 13.64
CA LYS D 89 26.90 -4.58 14.11
C LYS D 89 27.27 -6.05 13.92
N PRO D 90 26.46 -7.03 14.35
CA PRO D 90 26.89 -8.43 14.23
C PRO D 90 26.63 -9.07 12.88
N CYS D 91 26.09 -8.33 11.92
CA CYS D 91 25.72 -8.93 10.64
C CYS D 91 26.92 -8.98 9.69
N VAL D 92 26.73 -9.64 8.56
CA VAL D 92 27.82 -9.96 7.65
C VAL D 92 28.16 -8.76 6.80
N LYS D 93 29.45 -8.45 6.69
CA LYS D 93 29.92 -7.39 5.81
C LYS D 93 30.01 -7.91 4.38
N LEU D 94 29.62 -7.06 3.43
CA LEU D 94 29.63 -7.41 2.01
C LEU D 94 30.77 -6.73 1.26
N THR D 95 31.97 -6.73 1.86
CA THR D 95 33.13 -6.21 1.14
C THR D 95 33.49 -7.06 -0.08
N PRO D 96 33.55 -8.39 0.00
CA PRO D 96 33.86 -9.17 -1.21
C PRO D 96 32.79 -9.10 -2.29
N LEU D 97 31.56 -8.71 -1.94
CA LEU D 97 30.53 -8.54 -2.96
C LEU D 97 30.79 -7.36 -3.87
N CYS D 98 31.80 -6.54 -3.56
CA CYS D 98 32.22 -5.45 -4.43
C CYS D 98 33.25 -5.96 -5.43
N VAL D 99 32.79 -6.84 -6.31
CA VAL D 99 33.60 -7.37 -7.39
C VAL D 99 32.96 -6.93 -8.72
N THR D 100 33.66 -7.23 -9.82
CA THR D 100 33.20 -6.84 -11.14
C THR D 100 32.07 -7.76 -11.57
N LEU D 101 30.89 -7.18 -11.82
CA LEU D 101 29.73 -7.94 -12.22
C LEU D 101 29.65 -8.04 -13.74
N HIS D 102 29.16 -9.18 -14.22
CA HIS D 102 28.90 -9.42 -15.64
C HIS D 102 27.41 -9.71 -15.78
N CYS D 103 26.64 -8.71 -16.21
CA CYS D 103 25.20 -8.76 -16.17
C CYS D 103 24.59 -8.83 -17.57
N THR D 104 23.43 -9.47 -17.65
CA THR D 104 22.59 -9.47 -18.84
C THR D 104 21.18 -9.07 -18.41
N ASN D 105 20.34 -8.76 -19.40
CA ASN D 105 18.98 -8.34 -19.12
C ASN D 105 18.14 -9.55 -18.71
N PHE D 106 16.82 -9.37 -18.67
CA PHE D 106 15.91 -10.41 -18.19
C PHE D 106 14.67 -10.43 -19.07
N ASN D 107 14.47 -11.56 -19.78
CA ASN D 107 13.26 -11.97 -20.49
C ASN D 107 13.12 -11.38 -21.89
N PRO D 108 12.42 -12.08 -22.80
CA PRO D 108 11.94 -11.61 -24.09
C PRO D 108 10.53 -11.00 -23.98
N ARG D 131 9.31 1.63 -14.74
CA ARG D 131 9.23 0.19 -14.94
C ARG D 131 9.94 -0.54 -13.80
N GLU D 132 10.59 -1.66 -14.13
CA GLU D 132 11.33 -2.44 -13.14
C GLU D 132 12.28 -3.36 -13.90
N GLU D 133 13.49 -2.88 -14.15
CA GLU D 133 14.50 -3.69 -14.83
C GLU D 133 15.22 -4.58 -13.82
N ILE D 134 15.42 -5.83 -14.19
CA ILE D 134 16.14 -6.81 -13.37
C ILE D 134 17.26 -7.38 -14.23
N LYS D 135 18.40 -7.65 -13.59
CA LYS D 135 19.57 -8.19 -14.29
C LYS D 135 19.95 -9.53 -13.67
N ASN D 136 20.54 -10.40 -14.50
CA ASN D 136 21.10 -11.67 -14.05
C ASN D 136 22.62 -11.56 -14.18
N CYS D 137 23.29 -11.38 -13.05
CA CYS D 137 24.70 -11.04 -13.01
C CYS D 137 25.52 -12.19 -12.46
N SER D 138 26.56 -12.59 -13.18
CA SER D 138 27.51 -13.59 -12.75
C SER D 138 28.82 -12.91 -12.36
N PHE D 139 29.46 -13.42 -11.30
CA PHE D 139 30.70 -12.82 -10.81
C PHE D 139 31.51 -13.88 -10.09
N ASN D 140 32.82 -13.63 -10.01
CA ASN D 140 33.71 -14.46 -9.20
C ASN D 140 33.56 -14.06 -7.73
N MET D 141 33.49 -15.05 -6.86
CA MET D 141 33.24 -14.82 -5.44
C MET D 141 34.12 -15.74 -4.62
N THR D 142 34.51 -15.26 -3.43
CA THR D 142 35.29 -16.07 -2.50
C THR D 142 34.42 -17.20 -1.94
N THR D 143 35.05 -18.09 -1.19
CA THR D 143 34.35 -19.24 -0.60
C THR D 143 34.89 -19.46 0.81
N GLU D 144 34.62 -20.64 1.36
CA GLU D 144 35.09 -20.99 2.70
C GLU D 144 36.61 -21.01 2.78
N LEU D 145 37.30 -21.20 1.67
CA LEU D 145 38.75 -21.28 1.63
C LEU D 145 39.31 -20.13 0.81
N ARG D 146 40.39 -19.53 1.32
CA ARG D 146 40.88 -18.26 0.77
C ARG D 146 41.40 -18.43 -0.65
N ASP D 147 42.04 -19.56 -0.95
CA ASP D 147 42.67 -19.74 -2.25
C ASP D 147 41.68 -20.09 -3.35
N LYS D 148 40.49 -20.59 -3.01
CA LYS D 148 39.52 -21.03 -4.00
C LYS D 148 38.44 -19.98 -4.21
N LYS D 149 37.89 -19.95 -5.41
CA LYS D 149 36.84 -19.03 -5.81
C LYS D 149 35.63 -19.82 -6.30
N GLN D 150 34.56 -19.10 -6.62
CA GLN D 150 33.36 -19.71 -7.17
C GLN D 150 32.71 -18.74 -8.14
N ARG D 151 32.20 -19.28 -9.25
CA ARG D 151 31.50 -18.49 -10.26
C ARG D 151 30.00 -18.63 -10.01
N VAL D 152 29.46 -17.71 -9.23
CA VAL D 152 28.05 -17.72 -8.86
C VAL D 152 27.37 -16.51 -9.48
N HIS D 153 26.05 -16.63 -9.66
CA HIS D 153 25.25 -15.60 -10.30
C HIS D 153 24.08 -15.22 -9.40
N SER D 154 23.59 -14.00 -9.59
CA SER D 154 22.50 -13.49 -8.77
C SER D 154 21.71 -12.46 -9.55
N LEU D 155 20.49 -12.20 -9.09
CA LEU D 155 19.64 -11.17 -9.66
C LEU D 155 19.82 -9.87 -8.88
N PHE D 156 20.01 -8.77 -9.62
CA PHE D 156 20.15 -7.45 -9.02
C PHE D 156 19.20 -6.49 -9.71
N TYR D 157 18.37 -5.80 -8.91
CA TYR D 157 17.54 -4.75 -9.46
C TYR D 157 18.40 -3.67 -10.08
N LYS D 158 17.92 -3.10 -11.19
CA LYS D 158 18.72 -2.15 -11.96
C LYS D 158 19.07 -0.91 -11.12
N LEU D 159 18.23 -0.57 -10.14
CA LEU D 159 18.45 0.63 -9.36
C LEU D 159 19.62 0.50 -8.38
N ASP D 160 20.02 -0.73 -8.06
CA ASP D 160 21.12 -0.98 -7.12
C ASP D 160 22.46 -1.14 -7.81
N ILE D 161 22.55 -0.80 -9.10
CA ILE D 161 23.71 -1.22 -9.89
C ILE D 161 23.92 -0.28 -11.06
N VAL D 162 25.17 0.14 -11.27
CA VAL D 162 25.51 1.07 -12.34
C VAL D 162 26.46 0.38 -13.31
N GLN D 163 26.48 0.90 -14.53
CA GLN D 163 27.34 0.38 -15.58
C GLN D 163 28.69 1.09 -15.54
N ILE D 164 29.74 0.35 -15.91
CA ILE D 164 31.09 0.90 -15.89
C ILE D 164 31.48 1.49 -17.24
N ASN D 165 31.19 0.77 -18.33
CA ASN D 165 31.47 1.24 -19.68
C ASN D 165 32.95 1.58 -19.88
N SER D 174 28.45 -6.42 -21.15
CA SER D 174 28.15 -5.28 -20.31
C SER D 174 28.54 -5.48 -18.86
N GLU D 175 29.65 -4.88 -18.46
CA GLU D 175 30.17 -5.02 -17.11
C GLU D 175 29.55 -3.95 -16.21
N TYR D 176 28.85 -4.38 -15.17
CA TYR D 176 28.18 -3.50 -14.23
C TYR D 176 28.92 -3.52 -12.88
N ARG D 177 28.38 -2.75 -11.93
CA ARG D 177 29.02 -2.60 -10.63
C ARG D 177 27.96 -2.20 -9.62
N LEU D 178 28.10 -2.69 -8.39
CA LEU D 178 27.20 -2.29 -7.32
C LEU D 178 27.36 -0.80 -7.04
N ILE D 179 26.22 -0.12 -6.88
CA ILE D 179 26.19 1.34 -6.83
C ILE D 179 26.87 1.93 -5.60
N ASN D 180 27.16 1.10 -4.59
CA ASN D 180 27.72 1.61 -3.34
C ASN D 180 29.24 1.46 -3.23
N CYS D 181 29.85 0.63 -4.07
CA CYS D 181 31.24 0.25 -3.88
C CYS D 181 32.20 1.43 -3.99
N ASN D 182 31.81 2.51 -4.64
CA ASN D 182 32.72 3.64 -4.84
C ASN D 182 32.67 4.66 -3.71
N THR D 183 31.73 4.54 -2.78
CA THR D 183 31.59 5.50 -1.69
C THR D 183 31.64 4.86 -0.30
N SER D 184 31.18 3.63 -0.14
CA SER D 184 31.08 3.04 1.19
C SER D 184 30.85 1.55 1.06
N ALA D 185 31.15 0.83 2.13
CA ALA D 185 30.82 -0.59 2.21
C ALA D 185 29.35 -0.75 2.58
N CYS D 186 28.88 -1.99 2.59
CA CYS D 186 27.48 -2.29 2.87
C CYS D 186 27.41 -3.50 3.80
N THR D 187 26.52 -3.42 4.77
CA THR D 187 26.28 -4.50 5.72
C THR D 187 24.86 -5.00 5.49
N GLN D 188 24.72 -6.24 5.02
CA GLN D 188 23.40 -6.80 4.78
C GLN D 188 22.76 -7.20 6.11
N ALA D 189 21.44 -7.11 6.16
CA ALA D 189 20.73 -7.33 7.41
C ALA D 189 20.79 -8.80 7.83
N CYS D 190 21.01 -9.02 9.11
CA CYS D 190 20.86 -10.35 9.68
C CYS D 190 19.44 -10.84 9.40
N PRO D 191 19.26 -11.92 8.63
CA PRO D 191 17.91 -12.27 8.16
C PRO D 191 16.96 -12.71 9.25
N LYS D 192 17.38 -12.72 10.52
CA LYS D 192 16.50 -13.10 11.61
C LYS D 192 15.80 -11.90 12.24
N VAL D 193 16.41 -10.71 12.16
CA VAL D 193 15.79 -9.51 12.70
C VAL D 193 14.74 -9.01 11.73
N SER D 194 13.76 -8.27 12.25
CA SER D 194 12.69 -7.71 11.45
C SER D 194 12.63 -6.20 11.62
N PHE D 195 12.17 -5.52 10.59
CA PHE D 195 11.95 -4.08 10.64
C PHE D 195 10.54 -3.73 11.07
N GLU D 196 9.83 -4.67 11.68
CA GLU D 196 8.46 -4.50 12.16
C GLU D 196 8.38 -3.36 13.16
N PRO D 197 7.73 -2.25 12.80
CA PRO D 197 7.61 -1.12 13.74
C PRO D 197 6.56 -1.44 14.79
N ILE D 198 6.99 -1.48 16.05
CA ILE D 198 6.09 -1.75 17.17
C ILE D 198 6.19 -0.58 18.14
N PRO D 199 5.14 -0.34 18.92
CA PRO D 199 5.06 0.91 19.70
C PRO D 199 6.18 1.05 20.72
N ILE D 200 6.78 2.23 20.74
CA ILE D 200 7.80 2.61 21.71
C ILE D 200 7.19 3.63 22.67
N HIS D 201 7.37 3.39 23.97
CA HIS D 201 6.94 4.32 25.01
C HIS D 201 8.16 5.08 25.54
N TYR D 202 8.18 6.39 25.31
CA TYR D 202 9.24 7.24 25.85
C TYR D 202 8.82 7.76 27.21
N CYS D 203 9.60 7.43 28.24
CA CYS D 203 9.30 7.82 29.61
C CYS D 203 10.29 8.86 30.10
N ALA D 204 9.87 9.64 31.09
CA ALA D 204 10.72 10.64 31.71
C ALA D 204 11.26 10.12 33.04
N PRO D 205 12.48 10.51 33.41
CA PRO D 205 13.09 10.01 34.64
C PRO D 205 12.32 10.46 35.87
N ALA D 206 12.67 9.87 37.01
CA ALA D 206 12.10 10.28 38.28
C ALA D 206 12.59 11.66 38.65
N GLY D 207 11.66 12.55 38.99
CA GLY D 207 11.96 13.95 39.21
C GLY D 207 11.65 14.85 38.03
N PHE D 208 11.35 14.28 36.87
CA PHE D 208 10.93 15.01 35.69
C PHE D 208 9.47 14.67 35.38
N ALA D 209 8.94 15.27 34.32
CA ALA D 209 7.55 15.06 33.96
C ALA D 209 7.37 15.30 32.47
N ILE D 210 6.24 14.83 31.95
CA ILE D 210 5.86 15.02 30.56
C ILE D 210 4.46 15.63 30.54
N LEU D 211 4.31 16.75 29.83
CA LEU D 211 3.04 17.45 29.75
C LEU D 211 2.37 17.12 28.42
N LYS D 212 1.17 16.54 28.49
CA LYS D 212 0.43 16.13 27.31
C LYS D 212 -0.71 17.10 27.06
N CYS D 213 -0.66 17.79 25.91
CA CYS D 213 -1.75 18.66 25.52
C CYS D 213 -2.92 17.83 25.00
N LYS D 214 -4.09 18.05 25.58
CA LYS D 214 -5.28 17.26 25.26
C LYS D 214 -6.34 18.06 24.51
N ASP D 215 -6.06 19.31 24.17
CA ASP D 215 -6.99 20.08 23.34
C ASP D 215 -7.03 19.47 21.95
N GLU D 216 -8.24 19.22 21.45
CA GLU D 216 -8.39 18.50 20.18
C GLU D 216 -7.80 19.31 19.02
N GLU D 217 -8.36 20.50 18.76
CA GLU D 217 -7.89 21.34 17.67
C GLU D 217 -6.59 22.05 17.99
N PHE D 218 -5.68 21.39 18.70
CA PHE D 218 -4.41 21.99 19.08
C PHE D 218 -3.54 22.18 17.84
N ASN D 219 -3.10 23.42 17.63
CA ASN D 219 -2.31 23.78 16.45
C ASN D 219 -0.91 23.18 16.46
N GLY D 220 -0.50 22.55 17.56
CA GLY D 220 0.86 22.10 17.72
C GLY D 220 1.78 23.12 18.36
N THR D 221 1.46 24.40 18.26
CA THR D 221 2.26 25.48 18.84
C THR D 221 1.33 26.46 19.54
N GLY D 222 1.79 27.01 20.67
CA GLY D 222 1.03 27.98 21.40
C GLY D 222 0.41 27.42 22.66
N PRO D 223 -0.43 28.21 23.32
CA PRO D 223 -1.05 27.75 24.57
C PRO D 223 -2.00 26.59 24.34
N CYS D 224 -2.13 25.75 25.36
CA CYS D 224 -3.03 24.61 25.33
C CYS D 224 -3.86 24.62 26.61
N LYS D 225 -5.18 24.64 26.48
CA LYS D 225 -6.07 24.84 27.62
C LYS D 225 -6.40 23.55 28.36
N ASN D 226 -6.17 22.39 27.74
CA ASN D 226 -6.49 21.09 28.33
C ASN D 226 -5.17 20.32 28.47
N VAL D 227 -4.46 20.59 29.56
CA VAL D 227 -3.13 20.03 29.78
C VAL D 227 -3.19 19.04 30.93
N SER D 228 -2.61 17.86 30.72
CA SER D 228 -2.45 16.86 31.75
C SER D 228 -1.01 16.36 31.73
N THR D 229 -0.56 15.80 32.85
CA THR D 229 0.80 15.30 32.98
C THR D 229 0.80 13.78 32.98
N VAL D 230 1.82 13.20 32.34
CA VAL D 230 1.98 11.76 32.24
C VAL D 230 3.43 11.40 32.49
N GLN D 231 3.68 10.14 32.83
CA GLN D 231 5.04 9.68 33.03
C GLN D 231 5.69 9.27 31.71
N CYS D 232 4.93 8.63 30.83
CA CYS D 232 5.42 8.21 29.52
C CYS D 232 4.45 8.67 28.45
N THR D 233 4.93 8.67 27.21
CA THR D 233 4.06 8.93 26.07
C THR D 233 3.27 7.67 25.73
N HIS D 234 2.41 7.77 24.73
CA HIS D 234 1.67 6.61 24.26
C HIS D 234 2.59 5.73 23.41
N GLY D 235 2.03 4.65 22.87
CA GLY D 235 2.79 3.77 22.02
C GLY D 235 3.05 4.37 20.64
N ILE D 236 4.28 4.78 20.39
CA ILE D 236 4.66 5.43 19.14
C ILE D 236 5.44 4.42 18.30
N LYS D 237 4.94 4.16 17.09
CA LYS D 237 5.57 3.20 16.20
C LYS D 237 6.58 3.92 15.31
N PRO D 238 7.85 3.51 15.29
CA PRO D 238 8.82 4.15 14.40
C PRO D 238 8.64 3.74 12.95
N VAL D 239 7.62 4.29 12.31
CA VAL D 239 7.27 3.95 10.92
C VAL D 239 7.99 4.92 10.00
N VAL D 240 8.97 4.42 9.25
CA VAL D 240 9.75 5.24 8.33
C VAL D 240 9.04 5.26 6.99
N SER D 241 8.69 6.46 6.52
CA SER D 241 8.03 6.62 5.24
C SER D 241 8.33 8.02 4.71
N THR D 242 7.88 8.28 3.49
CA THR D 242 8.08 9.56 2.83
C THR D 242 6.76 10.05 2.26
N GLN D 243 6.61 11.37 2.17
CA GLN D 243 5.43 12.02 1.62
C GLN D 243 4.17 11.62 2.38
N LEU D 244 3.80 10.34 2.32
CA LEU D 244 2.65 9.84 3.05
C LEU D 244 3.10 9.28 4.39
N LEU D 245 2.40 9.65 5.46
CA LEU D 245 2.66 9.09 6.79
C LEU D 245 1.76 7.88 6.99
N LEU D 246 2.37 6.71 7.09
CA LEU D 246 1.63 5.47 7.23
C LEU D 246 1.54 5.07 8.69
N ASN D 247 0.39 4.44 9.05
CA ASN D 247 0.17 3.89 10.38
C ASN D 247 0.42 4.92 11.48
N GLY D 248 -0.55 5.77 11.76
CA GLY D 248 -0.35 6.81 12.75
C GLY D 248 -1.59 7.24 13.52
N SER D 249 -1.46 8.33 14.27
CA SER D 249 -2.55 8.87 15.06
C SER D 249 -3.35 9.87 14.23
N LEU D 250 -4.67 9.73 14.27
CA LEU D 250 -5.56 10.55 13.46
C LEU D 250 -6.02 11.79 14.23
N ALA D 251 -6.59 12.73 13.51
CA ALA D 251 -7.25 13.87 14.12
C ALA D 251 -8.64 13.46 14.60
N LYS D 252 -8.99 13.88 15.82
CA LYS D 252 -10.27 13.49 16.39
C LYS D 252 -11.44 14.08 15.61
N LYS D 253 -11.23 15.23 14.97
CA LYS D 253 -12.21 15.83 14.07
C LYS D 253 -11.55 16.97 13.31
N GLU D 254 -11.86 17.07 12.02
CA GLU D 254 -11.31 18.09 11.12
C GLU D 254 -9.81 17.90 10.91
N VAL D 255 -9.40 17.77 9.64
CA VAL D 255 -8.01 17.54 9.30
C VAL D 255 -7.15 18.71 9.75
N LYS D 256 -6.33 18.50 10.76
CA LYS D 256 -5.52 19.56 11.35
C LYS D 256 -4.18 19.68 10.63
N ILE D 257 -3.75 20.92 10.44
CA ILE D 257 -2.53 21.24 9.70
C ILE D 257 -1.57 21.95 10.64
N ARG D 258 -0.29 21.57 10.58
CA ARG D 258 0.73 22.07 11.50
C ARG D 258 1.94 22.55 10.71
N SER D 259 2.57 23.61 11.19
CA SER D 259 3.78 24.17 10.58
C SER D 259 4.37 25.19 11.55
N GLU D 260 5.52 25.77 11.15
CA GLU D 260 6.11 26.87 11.91
C GLU D 260 5.67 28.19 11.31
N ASN D 261 6.45 28.72 10.38
CA ASN D 261 6.12 29.94 9.65
C ASN D 261 5.39 29.52 8.38
N ILE D 262 4.06 29.56 8.41
CA ILE D 262 3.26 29.20 7.24
C ILE D 262 3.60 30.10 6.06
N THR D 263 3.85 31.38 6.33
CA THR D 263 4.24 32.31 5.27
C THR D 263 5.57 31.93 4.64
N ASN D 264 6.42 31.21 5.37
CA ASN D 264 7.70 30.73 4.85
C ASN D 264 7.48 29.37 4.20
N ASN D 265 7.87 29.25 2.93
CA ASN D 265 7.70 28.00 2.20
C ASN D 265 8.78 26.98 2.52
N VAL D 266 9.94 27.43 3.00
CA VAL D 266 11.02 26.51 3.36
C VAL D 266 10.71 25.69 4.60
N LYS D 267 9.65 26.06 5.34
CA LYS D 267 9.23 25.29 6.51
C LYS D 267 8.25 24.20 6.08
N THR D 268 8.50 22.98 6.54
CA THR D 268 7.69 21.84 6.12
C THR D 268 6.31 21.90 6.77
N ILE D 269 5.28 21.67 5.95
CA ILE D 269 3.91 21.57 6.44
C ILE D 269 3.64 20.09 6.74
N ILE D 270 2.87 19.84 7.79
CA ILE D 270 2.52 18.48 8.21
C ILE D 270 1.01 18.39 8.34
N VAL D 271 0.39 17.61 7.46
CA VAL D 271 -1.04 17.34 7.53
C VAL D 271 -1.27 16.11 8.39
N GLN D 272 -2.40 16.06 9.07
CA GLN D 272 -2.79 14.90 9.87
C GLN D 272 -4.25 14.61 9.58
N LEU D 273 -4.52 13.51 8.88
CA LEU D 273 -5.87 13.21 8.43
C LEU D 273 -6.76 12.82 9.60
N VAL D 274 -8.07 12.96 9.38
CA VAL D 274 -9.08 12.61 10.38
C VAL D 274 -9.62 11.20 10.15
N ASN D 275 -9.79 10.81 8.89
CA ASN D 275 -10.20 9.46 8.53
C ASN D 275 -9.13 8.83 7.65
N PRO D 276 -8.71 7.59 7.94
CA PRO D 276 -7.55 7.02 7.25
C PRO D 276 -7.90 6.35 5.93
N VAL D 277 -7.30 6.81 4.84
CA VAL D 277 -7.40 6.10 3.58
C VAL D 277 -6.45 4.93 3.61
N ILE D 278 -6.88 3.79 3.08
CA ILE D 278 -6.15 2.54 3.19
C ILE D 278 -5.36 2.34 1.91
N ILE D 279 -4.04 2.25 2.03
CA ILE D 279 -3.18 1.91 0.90
C ILE D 279 -2.92 0.42 0.94
N ASN D 280 -2.87 -0.19 -0.25
CA ASN D 280 -2.77 -1.64 -0.39
C ASN D 280 -1.62 -1.95 -1.32
N CYS D 281 -0.50 -2.41 -0.77
CA CYS D 281 0.72 -2.65 -1.52
C CYS D 281 1.04 -4.14 -1.58
N THR D 282 1.76 -4.53 -2.62
CA THR D 282 2.17 -5.91 -2.79
C THR D 282 3.24 -6.00 -3.87
N ARG D 283 4.28 -6.79 -3.60
CA ARG D 283 5.24 -7.16 -4.63
C ARG D 283 4.85 -8.55 -5.14
N PRO D 284 4.38 -8.67 -6.37
CA PRO D 284 3.75 -9.92 -6.81
C PRO D 284 4.74 -11.03 -7.13
N ASN D 285 5.93 -10.68 -7.63
CA ASN D 285 6.88 -11.69 -8.09
C ASN D 285 7.24 -12.66 -6.98
N ASN D 286 7.14 -13.94 -7.26
CA ASN D 286 7.46 -15.00 -6.29
C ASN D 286 8.97 -15.21 -6.29
N ASN D 287 9.66 -14.46 -5.44
CA ASN D 287 11.10 -14.53 -5.38
C ASN D 287 11.57 -15.74 -4.57
N THR D 288 12.82 -16.13 -4.80
CA THR D 288 13.45 -17.23 -4.09
C THR D 288 14.81 -16.78 -3.57
N ARG D 289 15.18 -17.29 -2.39
CA ARG D 289 16.43 -16.94 -1.75
C ARG D 289 17.48 -17.99 -2.08
N LYS D 290 18.64 -17.54 -2.56
CA LYS D 290 19.78 -18.39 -2.86
C LYS D 290 20.95 -17.96 -1.99
N SER D 291 21.37 -18.85 -1.08
CA SER D 291 22.40 -18.51 -0.10
C SER D 291 23.77 -18.91 -0.64
N ILE D 292 24.62 -17.91 -0.87
CA ILE D 292 26.02 -18.15 -1.22
C ILE D 292 26.80 -18.33 0.07
N ARG D 293 28.11 -18.55 -0.02
CA ARG D 293 28.98 -18.67 1.15
C ARG D 293 30.28 -17.95 0.81
N ILE D 294 30.36 -16.66 1.16
CA ILE D 294 31.48 -15.82 0.76
C ILE D 294 32.64 -15.96 1.75
N GLY D 295 32.51 -16.88 2.71
CA GLY D 295 33.56 -17.11 3.66
C GLY D 295 33.15 -18.00 4.81
N PRO D 296 34.10 -18.35 5.68
CA PRO D 296 33.79 -19.20 6.83
C PRO D 296 32.81 -18.54 7.80
N GLY D 297 31.53 -18.85 7.63
CA GLY D 297 30.48 -18.25 8.42
C GLY D 297 29.78 -17.07 7.76
N GLN D 298 30.35 -16.54 6.69
CA GLN D 298 29.75 -15.43 5.97
C GLN D 298 28.94 -15.98 4.80
N ALA D 299 27.63 -15.77 4.84
CA ALA D 299 26.71 -16.27 3.82
C ALA D 299 25.93 -15.09 3.24
N PHE D 300 26.29 -14.67 2.04
CA PHE D 300 25.55 -13.64 1.33
C PHE D 300 24.33 -14.27 0.66
N TYR D 301 23.15 -13.77 1.00
CA TYR D 301 21.89 -14.29 0.46
C TYR D 301 21.59 -13.56 -0.85
N ALA D 302 21.69 -14.28 -1.96
CA ALA D 302 21.48 -13.72 -3.29
C ALA D 302 20.06 -13.96 -3.76
N THR D 303 19.60 -13.09 -4.66
CA THR D 303 18.27 -13.21 -5.23
C THR D 303 18.27 -14.35 -6.25
N GLY D 304 17.54 -15.42 -5.94
CA GLY D 304 17.50 -16.57 -6.82
C GLY D 304 16.68 -16.34 -8.08
N ALA D 305 15.90 -17.33 -8.47
CA ALA D 305 15.06 -17.21 -9.65
C ALA D 305 13.71 -16.60 -9.28
N ILE D 306 12.95 -16.24 -10.30
CA ILE D 306 11.60 -15.70 -10.13
C ILE D 306 10.64 -16.77 -10.61
N ILE D 307 10.07 -17.52 -9.67
CA ILE D 307 9.16 -18.61 -10.01
C ILE D 307 7.81 -18.02 -10.38
N GLY D 308 7.33 -18.35 -11.57
CA GLY D 308 6.06 -17.86 -12.04
C GLY D 308 6.18 -16.64 -12.93
N ASP D 309 5.10 -15.86 -12.97
CA ASP D 309 5.05 -14.67 -13.79
C ASP D 309 6.01 -13.61 -13.27
N ILE D 310 6.36 -12.68 -14.14
CA ILE D 310 7.09 -11.47 -13.78
C ILE D 310 6.12 -10.31 -13.90
N ARG D 311 5.74 -9.74 -12.76
CA ARG D 311 4.82 -8.62 -12.73
C ARG D 311 5.53 -7.38 -12.15
N GLN D 312 4.73 -6.38 -11.79
CA GLN D 312 5.24 -5.08 -11.35
C GLN D 312 4.72 -4.78 -9.95
N ALA D 313 5.63 -4.50 -9.03
CA ALA D 313 5.24 -4.12 -7.67
C ALA D 313 4.59 -2.75 -7.68
N HIS D 314 3.56 -2.58 -6.85
CA HIS D 314 2.76 -1.37 -6.89
C HIS D 314 1.91 -1.29 -5.62
N CYS D 315 1.11 -0.23 -5.53
CA CYS D 315 0.21 0.00 -4.41
C CYS D 315 -1.14 0.48 -4.94
N ASN D 316 -2.20 0.11 -4.23
CA ASN D 316 -3.55 0.55 -4.55
C ASN D 316 -4.11 1.37 -3.39
N VAL D 317 -4.62 2.57 -3.70
CA VAL D 317 -5.43 3.33 -2.77
C VAL D 317 -6.72 3.70 -3.49
N SER D 318 -7.77 3.94 -2.71
CA SER D 318 -9.11 4.06 -3.27
C SER D 318 -9.36 5.47 -3.79
N ARG D 319 -9.75 5.57 -5.06
CA ARG D 319 -10.32 6.81 -5.56
C ARG D 319 -11.65 7.08 -4.87
N SER D 320 -12.10 8.34 -4.95
CA SER D 320 -13.29 8.82 -4.26
C SER D 320 -13.13 8.71 -2.75
N ASP D 321 -11.99 8.21 -2.30
CA ASP D 321 -11.57 8.22 -0.90
C ASP D 321 -10.31 9.04 -0.70
N TRP D 322 -9.32 8.86 -1.58
CA TRP D 322 -8.24 9.84 -1.66
C TRP D 322 -8.75 11.16 -2.19
N ASN D 323 -9.74 11.12 -3.09
CA ASN D 323 -10.36 12.36 -3.56
C ASN D 323 -11.27 12.96 -2.49
N LYS D 324 -11.92 12.12 -1.68
CA LYS D 324 -12.76 12.63 -0.59
C LYS D 324 -11.91 13.26 0.50
N THR D 325 -10.75 12.68 0.79
CA THR D 325 -9.86 13.19 1.84
C THR D 325 -8.86 14.20 1.31
N LEU D 326 -8.83 14.45 0.01
CA LEU D 326 -7.99 15.54 -0.51
C LEU D 326 -8.75 16.85 -0.59
N GLN D 327 -10.08 16.80 -0.77
CA GLN D 327 -10.88 18.00 -0.58
C GLN D 327 -11.02 18.38 0.88
N GLN D 328 -10.69 17.46 1.79
CA GLN D 328 -10.61 17.79 3.21
C GLN D 328 -9.34 18.56 3.52
N VAL D 329 -8.20 18.05 3.04
CA VAL D 329 -6.94 18.78 3.17
C VAL D 329 -7.00 20.08 2.39
N ALA D 330 -7.81 20.14 1.33
CA ALA D 330 -7.88 21.34 0.50
C ALA D 330 -8.52 22.50 1.26
N ARG D 331 -9.71 22.28 1.82
CA ARG D 331 -10.43 23.38 2.47
C ARG D 331 -9.71 23.88 3.73
N GLN D 332 -8.80 23.09 4.29
CA GLN D 332 -8.00 23.55 5.41
C GLN D 332 -6.74 24.28 4.99
N LEU D 333 -6.23 23.98 3.79
CA LEU D 333 -5.08 24.72 3.27
C LEU D 333 -5.48 26.14 2.86
N ARG D 334 -6.74 26.36 2.50
CA ARG D 334 -7.19 27.68 2.12
C ARG D 334 -7.58 28.54 3.31
N LYS D 335 -7.84 27.93 4.47
CA LYS D 335 -8.08 28.70 5.68
C LYS D 335 -6.86 29.51 6.09
N HIS D 336 -5.67 29.08 5.68
CA HIS D 336 -4.44 29.83 5.94
C HIS D 336 -3.98 30.65 4.75
N PHE D 337 -4.49 30.38 3.55
CA PHE D 337 -4.05 31.02 2.32
C PHE D 337 -5.24 31.64 1.58
N VAL D 338 -6.07 32.39 2.31
CA VAL D 338 -7.21 33.13 1.76
C VAL D 338 -8.29 32.21 1.20
N LYS D 340 -8.29 31.98 -2.83
CA LYS D 340 -7.12 31.54 -3.59
C LYS D 340 -7.21 30.06 -3.96
N THR D 341 -6.84 29.75 -5.20
CA THR D 341 -6.84 28.37 -5.67
C THR D 341 -5.56 27.67 -5.24
N ILE D 342 -5.70 26.41 -4.84
CA ILE D 342 -4.58 25.58 -4.41
C ILE D 342 -4.42 24.42 -5.40
N ILE D 343 -3.17 24.11 -5.74
CA ILE D 343 -2.84 23.11 -6.75
C ILE D 343 -2.02 22.01 -6.09
N PHE D 344 -2.14 20.79 -6.63
CA PHE D 344 -1.32 19.67 -6.22
C PHE D 344 -0.52 19.18 -7.42
N THR D 345 0.78 18.93 -7.19
CA THR D 345 1.66 18.46 -8.25
C THR D 345 2.49 17.28 -7.76
N ASN D 346 3.55 16.93 -8.50
CA ASN D 346 4.42 15.84 -8.12
C ASN D 346 5.67 16.39 -7.42
N SER D 347 6.58 15.49 -7.07
CA SER D 347 7.80 15.89 -6.39
C SER D 347 8.69 16.71 -7.34
N SER D 348 9.70 17.36 -6.75
CA SER D 348 10.54 18.27 -7.53
C SER D 348 11.48 17.51 -8.46
N GLY D 349 12.30 16.63 -7.90
CA GLY D 349 13.25 15.86 -8.69
C GLY D 349 14.58 15.75 -7.98
N GLY D 350 15.30 14.67 -8.25
CA GLY D 350 16.60 14.43 -7.65
C GLY D 350 16.83 12.99 -7.29
N ASP D 351 17.16 12.74 -6.02
CA ASP D 351 17.35 11.38 -5.55
C ASP D 351 16.03 10.61 -5.60
N LEU D 352 16.14 9.29 -5.53
CA LEU D 352 14.94 8.46 -5.54
C LEU D 352 14.21 8.49 -4.20
N GLU D 353 14.96 8.50 -3.10
CA GLU D 353 14.33 8.52 -1.78
C GLU D 353 13.60 9.84 -1.52
N VAL D 354 14.04 10.92 -2.15
CA VAL D 354 13.43 12.23 -1.91
C VAL D 354 12.14 12.39 -2.69
N THR D 355 12.05 11.78 -3.89
CA THR D 355 10.98 12.05 -4.83
C THR D 355 10.02 10.87 -4.98
N THR D 356 9.82 10.10 -3.91
CA THR D 356 9.01 8.90 -4.01
C THR D 356 8.43 8.56 -2.64
N HIS D 357 7.39 7.72 -2.65
CA HIS D 357 6.79 7.21 -1.41
C HIS D 357 7.61 6.00 -0.93
N SER D 358 8.81 6.28 -0.45
CA SER D 358 9.68 5.23 0.04
C SER D 358 9.21 4.77 1.40
N PHE D 359 9.06 3.46 1.56
CA PHE D 359 8.61 2.88 2.82
C PHE D 359 9.04 1.42 2.85
N ASN D 360 8.59 0.69 3.87
CA ASN D 360 8.93 -0.72 4.04
C ASN D 360 7.65 -1.55 4.04
N CYS D 361 7.76 -2.76 3.49
CA CYS D 361 6.58 -3.59 3.25
C CYS D 361 7.05 -5.05 3.22
N GLY D 362 6.80 -5.77 4.31
CA GLY D 362 7.16 -7.18 4.40
C GLY D 362 8.63 -7.48 4.46
N GLY D 363 9.50 -6.47 4.43
CA GLY D 363 10.93 -6.71 4.47
C GLY D 363 11.69 -5.99 3.39
N GLU D 364 11.06 -5.79 2.24
CA GLU D 364 11.68 -5.07 1.13
C GLU D 364 11.21 -3.63 1.11
N PHE D 365 12.06 -2.76 0.57
CA PHE D 365 11.85 -1.32 0.62
C PHE D 365 11.32 -0.84 -0.72
N PHE D 366 10.05 -0.43 -0.73
CA PHE D 366 9.39 0.05 -1.93
C PHE D 366 9.75 1.51 -2.20
N TYR D 367 9.57 1.92 -3.46
CA TYR D 367 9.82 3.29 -3.89
C TYR D 367 8.73 3.67 -4.89
N CYS D 368 7.58 4.06 -4.36
CA CYS D 368 6.38 4.27 -5.15
C CYS D 368 6.30 5.70 -5.69
N ASN D 369 5.77 5.83 -6.90
CA ASN D 369 5.71 7.09 -7.62
C ASN D 369 4.32 7.69 -7.43
N THR D 370 4.22 8.73 -6.59
CA THR D 370 2.95 9.31 -6.19
C THR D 370 2.51 10.47 -7.07
N SER D 371 2.92 10.50 -8.35
CA SER D 371 2.42 11.54 -9.24
C SER D 371 0.93 11.39 -9.50
N GLY D 372 0.39 10.17 -9.38
CA GLY D 372 -1.02 9.92 -9.54
C GLY D 372 -1.87 10.18 -8.32
N LEU D 373 -1.25 10.54 -7.19
CA LEU D 373 -1.97 10.85 -5.96
C LEU D 373 -2.16 12.35 -5.75
N PHE D 374 -1.13 13.14 -6.05
CA PHE D 374 -1.16 14.59 -5.88
C PHE D 374 -1.22 15.20 -7.28
N ASN D 375 -2.43 15.35 -7.79
CA ASN D 375 -2.65 15.74 -9.18
C ASN D 375 -4.06 16.32 -9.33
N SER D 376 -4.38 17.32 -8.54
CA SER D 376 -5.72 17.91 -8.55
C SER D 376 -5.64 19.33 -8.02
N THR D 377 -6.21 20.28 -8.75
CA THR D 377 -6.25 21.68 -8.34
C THR D 377 -7.60 21.98 -7.70
N TRP D 378 -7.57 22.55 -6.51
CA TRP D 378 -8.79 22.87 -5.78
C TRP D 378 -8.93 24.38 -5.55
N GLU D 397 -12.88 0.83 -8.74
CA GLU D 397 -12.03 1.93 -9.21
C GLU D 397 -10.91 2.19 -8.21
N ASN D 398 -9.68 2.26 -8.70
CA ASN D 398 -8.50 2.48 -7.87
C ASN D 398 -7.58 3.49 -8.55
N ILE D 399 -6.57 3.91 -7.81
CA ILE D 399 -5.43 4.65 -8.35
C ILE D 399 -4.17 3.87 -7.97
N THR D 400 -3.45 3.41 -8.98
CA THR D 400 -2.31 2.51 -8.78
C THR D 400 -1.00 3.29 -8.87
N LEU D 401 -0.09 3.00 -7.93
CA LEU D 401 1.21 3.65 -7.90
C LEU D 401 2.30 2.68 -8.32
N PRO D 402 2.97 2.89 -9.44
CA PRO D 402 4.09 2.00 -9.83
C PRO D 402 5.26 2.19 -8.88
N CYS D 403 5.67 1.11 -8.22
CA CYS D 403 6.75 1.13 -7.25
C CYS D 403 7.93 0.32 -7.76
N ARG D 404 9.13 0.84 -7.54
CA ARG D 404 10.36 0.07 -7.71
C ARG D 404 10.86 -0.42 -6.35
N ILE D 405 11.73 -1.42 -6.38
CA ILE D 405 12.23 -2.05 -5.16
C ILE D 405 13.75 -2.06 -5.21
N LYS D 406 14.37 -1.50 -4.18
CA LYS D 406 15.81 -1.41 -4.05
C LYS D 406 16.30 -2.38 -2.99
N GLN D 407 17.56 -2.82 -3.15
CA GLN D 407 18.22 -3.63 -2.13
C GLN D 407 19.36 -2.89 -1.43
N ILE D 408 19.95 -1.89 -2.07
CA ILE D 408 21.00 -1.08 -1.48
C ILE D 408 20.36 0.23 -1.04
N ILE D 409 20.08 0.36 0.25
CA ILE D 409 19.44 1.54 0.81
C ILE D 409 20.38 2.20 1.81
N ASN D 410 20.32 3.54 1.86
CA ASN D 410 21.10 4.32 2.80
C ASN D 410 20.30 4.78 4.00
N MET D 411 18.98 4.69 3.94
CA MET D 411 18.08 4.94 5.06
C MET D 411 18.19 6.36 5.59
N TRP D 412 19.12 6.59 6.51
CA TRP D 412 19.21 7.86 7.22
C TRP D 412 20.08 8.89 6.51
N GLN D 413 20.34 8.70 5.21
CA GLN D 413 21.11 9.65 4.41
C GLN D 413 22.46 9.96 5.07
N ARG D 414 23.07 8.93 5.66
CA ARG D 414 24.28 9.11 6.44
C ARG D 414 25.50 9.22 5.54
N THR D 415 26.65 9.52 6.16
CA THR D 415 27.90 9.76 5.44
C THR D 415 28.56 8.42 5.15
N GLY D 416 28.01 7.73 4.15
CA GLY D 416 28.59 6.49 3.68
C GLY D 416 28.31 5.28 4.54
N GLN D 417 27.05 4.83 4.57
CA GLN D 417 26.67 3.62 5.27
C GLN D 417 25.38 3.10 4.67
N CYS D 418 25.41 1.90 4.11
CA CYS D 418 24.24 1.32 3.48
C CYS D 418 23.97 -0.08 4.03
N MET D 419 22.81 -0.60 3.69
CA MET D 419 22.38 -1.94 4.09
C MET D 419 21.82 -2.67 2.89
N TYR D 420 22.26 -3.90 2.68
CA TYR D 420 21.73 -4.76 1.62
C TYR D 420 20.50 -5.48 2.17
N ALA D 421 19.32 -5.11 1.68
CA ALA D 421 18.10 -5.80 2.07
C ALA D 421 18.03 -7.14 1.36
N PRO D 422 18.12 -8.26 2.08
CA PRO D 422 18.10 -9.56 1.41
C PRO D 422 16.76 -9.82 0.78
N PRO D 423 16.71 -10.63 -0.28
CA PRO D 423 15.43 -10.90 -0.94
C PRO D 423 14.53 -11.76 -0.06
N ILE D 424 13.30 -11.29 0.14
CA ILE D 424 12.30 -12.03 0.91
C ILE D 424 11.72 -13.10 0.00
N PRO D 425 11.82 -14.38 0.37
CA PRO D 425 11.26 -15.42 -0.50
C PRO D 425 9.74 -15.47 -0.43
N GLY D 426 9.11 -15.75 -1.56
CA GLY D 426 7.66 -15.81 -1.64
C GLY D 426 7.05 -14.55 -2.22
N VAL D 427 5.84 -14.23 -1.79
CA VAL D 427 5.12 -13.05 -2.24
C VAL D 427 5.00 -12.09 -1.07
N ILE D 428 5.09 -10.79 -1.35
CA ILE D 428 5.04 -9.75 -0.34
C ILE D 428 3.75 -8.95 -0.54
N SER D 429 3.05 -8.67 0.55
CA SER D 429 1.85 -7.85 0.50
C SER D 429 1.61 -7.26 1.88
N CYS D 430 1.39 -5.95 1.94
CA CYS D 430 1.14 -5.25 3.20
C CYS D 430 0.02 -4.24 3.01
N VAL D 431 -0.72 -3.99 4.09
CA VAL D 431 -1.80 -3.02 4.10
C VAL D 431 -1.49 -1.99 5.16
N SER D 432 -1.53 -0.71 4.78
CA SER D 432 -1.12 0.38 5.66
C SER D 432 -2.13 1.51 5.62
N ASN D 433 -2.52 2.01 6.79
CA ASN D 433 -3.30 3.23 6.86
C ASN D 433 -2.45 4.43 6.43
N ILE D 434 -3.06 5.37 5.72
CA ILE D 434 -2.43 6.64 5.41
C ILE D 434 -3.07 7.68 6.32
N THR D 435 -2.42 7.99 7.43
CA THR D 435 -2.99 8.89 8.42
C THR D 435 -2.45 10.31 8.34
N GLY D 436 -1.30 10.52 7.69
CA GLY D 436 -0.67 11.83 7.68
C GLY D 436 -0.10 12.18 6.31
N LEU D 437 0.42 13.41 6.22
CA LEU D 437 0.98 13.96 4.99
C LEU D 437 2.01 15.02 5.35
N LEU D 438 2.88 15.33 4.39
CA LEU D 438 3.87 16.40 4.56
C LEU D 438 4.12 17.05 3.20
N LEU D 439 3.68 18.29 3.05
CA LEU D 439 3.73 19.00 1.78
C LEU D 439 4.87 20.01 1.80
N THR D 440 5.03 20.73 0.68
CA THR D 440 6.07 21.75 0.56
C THR D 440 5.60 22.79 -0.44
N ARG D 441 5.36 24.02 0.03
CA ARG D 441 4.89 25.09 -0.82
C ARG D 441 6.04 25.70 -1.61
N ASP D 442 5.70 26.33 -2.74
CA ASP D 442 6.68 26.92 -3.64
C ASP D 442 6.84 28.42 -3.41
N GLY D 443 5.77 29.19 -3.60
CA GLY D 443 5.82 30.63 -3.42
C GLY D 443 5.09 31.41 -4.49
N ASN D 450 -3.07 30.31 -6.92
CA ASN D 450 -2.14 29.27 -7.35
C ASN D 450 -1.13 28.95 -6.26
N GLU D 451 -1.62 28.51 -5.10
CA GLU D 451 -0.77 28.12 -3.98
C GLU D 451 -0.56 26.62 -4.07
N THR D 452 0.44 26.21 -4.85
CA THR D 452 0.68 24.80 -5.12
C THR D 452 1.48 24.16 -4.00
N PHE D 453 1.17 22.89 -3.71
CA PHE D 453 1.87 22.12 -2.69
C PHE D 453 2.37 20.82 -3.30
N ARG D 454 3.69 20.62 -3.28
CA ARG D 454 4.19 19.36 -3.78
C ARG D 454 4.53 18.43 -2.62
N PRO D 455 4.25 17.13 -2.77
CA PRO D 455 4.55 16.19 -1.69
C PRO D 455 6.05 16.03 -1.47
N GLY D 456 6.58 16.74 -0.47
CA GLY D 456 7.99 16.65 -0.18
C GLY D 456 8.25 16.02 1.18
N GLY D 457 8.38 16.85 2.21
CA GLY D 457 8.52 16.36 3.57
C GLY D 457 9.74 16.87 4.32
N GLY D 458 10.71 17.39 3.59
CA GLY D 458 11.89 17.91 4.25
C GLY D 458 12.71 16.78 4.84
N ASP D 459 12.85 16.78 6.16
CA ASP D 459 13.72 15.85 6.86
C ASP D 459 12.95 14.60 7.28
N MET D 460 13.66 13.68 7.92
CA MET D 460 13.04 12.46 8.43
C MET D 460 12.48 12.63 9.83
N ARG D 461 13.06 13.55 10.62
CA ARG D 461 12.60 13.76 11.99
C ARG D 461 11.16 14.28 12.05
N ASP D 462 10.64 14.82 10.95
CA ASP D 462 9.26 15.28 10.92
C ASP D 462 8.28 14.14 11.10
N ASN D 463 8.70 12.90 10.82
CA ASN D 463 7.86 11.74 11.12
C ASN D 463 7.53 11.67 12.60
N TRP D 464 8.54 11.86 13.44
CA TRP D 464 8.34 11.79 14.89
C TRP D 464 7.67 13.04 15.45
N ARG D 465 7.74 14.17 14.74
CA ARG D 465 7.00 15.35 15.17
C ARG D 465 5.50 15.15 15.05
N SER D 466 5.05 14.40 14.05
CA SER D 466 3.63 14.18 13.83
C SER D 466 2.98 13.41 14.96
N GLU D 467 3.77 12.70 15.78
CA GLU D 467 3.26 11.93 16.90
C GLU D 467 3.63 12.51 18.25
N LEU D 468 4.65 13.37 18.32
CA LEU D 468 5.12 13.96 19.56
C LEU D 468 4.60 15.37 19.78
N TYR D 469 3.72 15.86 18.91
CA TYR D 469 3.25 17.24 19.02
C TYR D 469 2.47 17.50 20.30
N LYS D 470 1.95 16.46 20.94
CA LYS D 470 1.18 16.62 22.17
C LYS D 470 2.06 16.65 23.42
N TYR D 471 3.28 16.16 23.36
CA TYR D 471 4.10 15.95 24.54
C TYR D 471 5.21 16.99 24.65
N LYS D 472 5.64 17.23 25.89
CA LYS D 472 6.68 18.19 26.22
C LYS D 472 7.27 17.82 27.57
N VAL D 473 8.59 17.89 27.68
CA VAL D 473 9.32 17.44 28.86
C VAL D 473 9.64 18.63 29.75
N VAL D 474 9.30 18.52 31.03
CA VAL D 474 9.60 19.53 32.03
C VAL D 474 10.18 18.85 33.27
N LYS D 475 10.99 19.59 34.02
CA LYS D 475 11.58 19.09 35.25
C LYS D 475 10.90 19.70 36.46
N ILE D 476 10.80 18.91 37.53
CA ILE D 476 10.09 19.33 38.74
C ILE D 476 11.05 20.10 39.64
N GLU D 477 10.57 21.23 40.17
CA GLU D 477 11.30 22.04 41.14
C GLU D 477 10.47 22.08 42.42
N PRO D 478 10.45 20.99 43.18
CA PRO D 478 9.46 20.87 44.27
C PRO D 478 9.74 21.76 45.47
N LEU D 479 10.72 22.64 45.38
CA LEU D 479 11.07 23.54 46.48
C LEU D 479 10.47 24.91 46.25
N GLY D 480 9.85 25.45 47.30
CA GLY D 480 9.26 26.79 47.24
C GLY D 480 9.23 27.45 48.60
N VAL D 481 9.58 28.72 48.65
CA VAL D 481 9.59 29.49 49.89
C VAL D 481 8.54 30.59 49.80
N ALA D 482 7.77 30.76 50.86
CA ALA D 482 6.66 31.70 50.88
C ALA D 482 6.44 32.19 52.31
N PRO D 483 6.00 33.43 52.49
CA PRO D 483 5.87 33.97 53.85
C PRO D 483 4.62 33.45 54.56
N THR D 484 4.80 33.16 55.85
CA THR D 484 3.71 32.75 56.72
C THR D 484 3.89 33.41 58.08
N ARG D 485 2.84 33.35 58.91
CA ARG D 485 2.86 33.96 60.22
C ARG D 485 3.44 33.03 61.30
N CYS D 486 4.13 31.97 60.91
CA CYS D 486 4.77 31.07 61.86
C CYS D 486 6.26 31.36 61.95
N LYS D 487 6.80 31.14 63.15
CA LYS D 487 8.21 31.34 63.44
C LYS D 487 8.73 30.13 64.20
N ARG D 488 9.92 29.66 63.83
CA ARG D 488 10.52 28.50 64.47
C ARG D 488 10.93 28.87 65.90
N ARG D 489 10.20 28.35 66.88
CA ARG D 489 10.48 28.63 68.28
C ARG D 489 11.57 27.70 68.82
N GLN E 1 -19.59 -22.73 -41.34
CA GLN E 1 -19.93 -21.54 -42.12
C GLN E 1 -18.76 -21.10 -43.00
N VAL E 2 -17.54 -21.31 -42.50
CA VAL E 2 -16.32 -20.90 -43.19
C VAL E 2 -15.52 -22.14 -43.51
N GLN E 3 -15.20 -22.33 -44.79
CA GLN E 3 -14.36 -23.44 -45.24
C GLN E 3 -13.15 -22.87 -45.99
N LEU E 4 -12.19 -23.75 -46.25
CA LEU E 4 -10.96 -23.38 -46.93
C LEU E 4 -10.63 -24.43 -47.99
N GLN E 5 -9.72 -24.07 -48.89
CA GLN E 5 -9.23 -24.98 -49.91
C GLN E 5 -7.93 -24.44 -50.46
N GLU E 6 -6.88 -25.24 -50.42
CA GLU E 6 -5.58 -24.85 -50.95
C GLU E 6 -5.50 -25.15 -52.44
N SER E 7 -4.51 -24.53 -53.09
CA SER E 7 -4.22 -24.79 -54.49
C SER E 7 -2.73 -24.65 -54.71
N GLY E 8 -2.18 -25.45 -55.61
CA GLY E 8 -0.76 -25.45 -55.86
C GLY E 8 -0.36 -26.02 -57.20
N PRO E 9 0.96 -26.07 -57.46
CA PRO E 9 1.45 -26.60 -58.72
C PRO E 9 1.81 -28.08 -58.71
N GLY E 10 1.86 -28.71 -57.53
CA GLY E 10 2.16 -30.12 -57.45
C GLY E 10 3.64 -30.43 -57.59
N LEU E 11 4.30 -29.79 -58.56
CA LEU E 11 5.71 -29.96 -58.80
C LEU E 11 6.37 -28.59 -58.92
N VAL E 12 7.55 -28.46 -58.32
CA VAL E 12 8.33 -27.22 -58.36
C VAL E 12 9.79 -27.59 -58.55
N LYS E 13 10.45 -26.95 -59.52
CA LYS E 13 11.87 -27.20 -59.75
C LYS E 13 12.69 -26.61 -58.59
N PRO E 14 13.84 -27.19 -58.30
CA PRO E 14 14.69 -26.64 -57.24
C PRO E 14 15.20 -25.25 -57.59
N SER E 15 15.32 -24.41 -56.56
CA SER E 15 15.81 -23.04 -56.68
C SER E 15 14.88 -22.20 -57.56
N GLU E 16 13.57 -22.32 -57.31
CA GLU E 16 12.57 -21.53 -58.00
C GLU E 16 11.50 -21.13 -56.99
N THR E 17 10.65 -20.18 -57.41
CA THR E 17 9.64 -19.60 -56.53
C THR E 17 8.39 -20.47 -56.53
N LEU E 18 8.05 -21.02 -55.37
CA LEU E 18 6.79 -21.74 -55.20
C LEU E 18 5.67 -20.76 -54.89
N SER E 19 4.47 -21.07 -55.40
CA SER E 19 3.33 -20.19 -55.24
C SER E 19 2.07 -21.03 -55.00
N LEU E 20 1.38 -20.75 -53.90
CA LEU E 20 0.13 -21.40 -53.56
C LEU E 20 -0.94 -20.34 -53.32
N THR E 21 -2.20 -20.78 -53.29
CA THR E 21 -3.33 -19.92 -53.01
C THR E 21 -4.33 -20.67 -52.15
N CYS E 22 -5.27 -19.92 -51.58
CA CYS E 22 -6.36 -20.48 -50.80
C CYS E 22 -7.63 -19.69 -51.08
N THR E 23 -8.78 -20.36 -51.01
CA THR E 23 -10.07 -19.75 -51.29
C THR E 23 -10.95 -19.86 -50.05
N VAL E 24 -11.23 -18.74 -49.41
CA VAL E 24 -12.07 -18.70 -48.23
C VAL E 24 -13.53 -18.66 -48.65
N SER E 25 -14.34 -19.51 -48.03
CA SER E 25 -15.76 -19.61 -48.36
C SER E 25 -16.61 -19.18 -47.17
N GLY E 26 -17.67 -18.43 -47.48
CA GLY E 26 -18.63 -18.03 -46.46
C GLY E 26 -18.06 -17.14 -45.37
N GLY E 27 -17.11 -16.28 -45.72
CA GLY E 27 -16.52 -15.38 -44.74
C GLY E 27 -15.63 -14.32 -45.36
N SER E 28 -15.56 -13.16 -44.72
CA SER E 28 -14.70 -12.09 -45.22
C SER E 28 -13.24 -12.44 -44.99
N ILE E 29 -12.39 -12.05 -45.94
CA ILE E 29 -10.98 -12.41 -45.86
C ILE E 29 -10.21 -11.45 -44.96
N SER E 30 -10.50 -10.15 -45.07
CA SER E 30 -9.80 -9.15 -44.25
C SER E 30 -10.49 -9.00 -42.90
N ASN E 31 -11.03 -10.10 -42.37
CA ASN E 31 -11.69 -10.11 -41.08
C ASN E 31 -10.94 -10.92 -40.02
N TYR E 32 -10.13 -11.89 -40.41
CA TYR E 32 -9.44 -12.76 -39.48
C TYR E 32 -7.96 -12.85 -39.85
N TYR E 33 -7.21 -13.53 -38.99
CA TYR E 33 -5.81 -13.83 -39.25
C TYR E 33 -5.70 -15.16 -39.98
N TRP E 34 -4.74 -15.24 -40.90
CA TRP E 34 -4.53 -16.43 -41.70
C TRP E 34 -3.10 -16.93 -41.51
N SER E 35 -2.94 -18.26 -41.46
CA SER E 35 -1.65 -18.88 -41.21
C SER E 35 -1.31 -19.85 -42.34
N TRP E 36 -0.06 -20.33 -42.32
CA TRP E 36 0.42 -21.33 -43.25
C TRP E 36 1.23 -22.37 -42.50
N ILE E 37 0.89 -23.64 -42.68
CA ILE E 37 1.53 -24.74 -41.96
C ILE E 37 1.85 -25.84 -42.96
N ARG E 38 3.02 -26.46 -42.81
CA ARG E 38 3.46 -27.53 -43.69
C ARG E 38 3.94 -28.71 -42.86
N GLN E 39 3.72 -29.92 -43.37
CA GLN E 39 4.14 -31.15 -42.72
C GLN E 39 4.87 -32.02 -43.72
N SER E 40 6.17 -32.19 -43.54
CA SER E 40 7.01 -33.02 -44.39
C SER E 40 7.21 -34.39 -43.76
N PRO E 41 7.52 -35.41 -44.56
CA PRO E 41 7.74 -36.75 -44.01
C PRO E 41 8.98 -36.80 -43.14
N GLY E 42 8.78 -37.06 -41.84
CA GLY E 42 9.85 -37.11 -40.86
C GLY E 42 9.86 -35.93 -39.92
N LYS E 43 9.35 -34.78 -40.35
CA LYS E 43 9.29 -33.58 -39.54
C LYS E 43 7.84 -33.32 -39.11
N GLY E 44 7.69 -32.79 -37.91
CA GLY E 44 6.37 -32.47 -37.39
C GLY E 44 5.78 -31.26 -38.08
N LEU E 45 4.65 -30.80 -37.54
CA LEU E 45 4.00 -29.61 -38.06
C LEU E 45 4.89 -28.39 -37.86
N GLU E 46 5.09 -27.64 -38.94
CA GLU E 46 5.98 -26.48 -38.94
C GLU E 46 5.18 -25.25 -39.32
N TRP E 47 5.11 -24.29 -38.40
CA TRP E 47 4.37 -23.05 -38.63
C TRP E 47 5.19 -22.11 -39.49
N ILE E 48 4.70 -21.80 -40.69
CA ILE E 48 5.45 -20.97 -41.62
C ILE E 48 5.33 -19.49 -41.25
N GLY E 49 4.11 -18.97 -41.30
CA GLY E 49 3.89 -17.58 -40.95
C GLY E 49 2.42 -17.29 -40.79
N TYR E 50 2.09 -16.01 -40.66
CA TYR E 50 0.69 -15.63 -40.51
C TYR E 50 0.50 -14.18 -40.93
N ILE E 51 -0.69 -13.90 -41.44
CA ILE E 51 -1.08 -12.57 -41.91
C ILE E 51 -2.22 -12.08 -41.03
N SER E 52 -2.23 -10.78 -40.77
CA SER E 52 -3.23 -10.17 -39.90
C SER E 52 -4.43 -9.68 -40.70
N ASP E 53 -5.50 -9.34 -39.97
CA ASP E 53 -6.63 -8.68 -40.61
C ASP E 53 -6.25 -7.27 -41.07
N SER E 54 -5.29 -6.65 -40.40
CA SER E 54 -4.66 -5.42 -40.88
C SER E 54 -3.63 -5.66 -41.97
N GLU E 55 -3.45 -6.92 -42.38
CA GLU E 55 -2.55 -7.31 -43.47
C GLU E 55 -1.10 -6.96 -43.15
N SER E 56 -0.67 -7.32 -41.94
CA SER E 56 0.71 -7.18 -41.52
C SER E 56 1.35 -8.57 -41.42
N THR E 57 2.61 -8.66 -41.81
CA THR E 57 3.29 -9.94 -41.95
C THR E 57 4.22 -10.20 -40.77
N ASN E 58 4.38 -11.49 -40.45
CA ASN E 58 5.31 -11.92 -39.40
C ASN E 58 5.62 -13.39 -39.66
N TYR E 59 6.86 -13.69 -40.01
CA TYR E 59 7.25 -15.01 -40.47
C TYR E 59 8.09 -15.73 -39.42
N ASN E 60 8.06 -17.06 -39.50
CA ASN E 60 8.92 -17.88 -38.65
C ASN E 60 10.38 -17.53 -38.90
N PRO E 61 11.21 -17.48 -37.86
CA PRO E 61 12.65 -17.32 -38.09
C PRO E 61 13.26 -18.42 -38.93
N SER E 62 12.58 -19.55 -39.09
CA SER E 62 13.10 -20.63 -39.92
C SER E 62 13.14 -20.28 -41.40
N LEU E 63 12.33 -19.33 -41.84
CA LEU E 63 12.26 -18.98 -43.26
C LEU E 63 11.77 -17.55 -43.47
N LYS E 64 12.10 -16.66 -42.53
CA LYS E 64 11.72 -15.25 -42.68
C LYS E 64 12.32 -14.63 -43.94
N SER E 65 13.47 -15.12 -44.37
CA SER E 65 14.20 -14.57 -45.51
C SER E 65 13.83 -15.22 -46.84
N ARG E 66 12.67 -15.90 -46.91
CA ARG E 66 12.31 -16.62 -48.12
C ARG E 66 10.82 -16.62 -48.39
N VAL E 67 10.01 -16.17 -47.43
CA VAL E 67 8.56 -16.26 -47.50
C VAL E 67 7.96 -14.86 -47.65
N ILE E 68 6.92 -14.75 -48.49
CA ILE E 68 6.11 -13.55 -48.62
C ILE E 68 4.65 -14.00 -48.61
N ILE E 69 3.92 -13.60 -47.57
CA ILE E 69 2.52 -13.96 -47.42
C ILE E 69 1.68 -12.75 -47.83
N SER E 70 1.12 -12.81 -49.03
CA SER E 70 0.34 -11.70 -49.57
C SER E 70 -1.14 -11.92 -49.25
N VAL E 71 -2.02 -11.22 -49.96
CA VAL E 71 -3.46 -11.34 -49.77
C VAL E 71 -4.15 -10.73 -50.98
N ASP E 72 -5.43 -11.06 -51.16
CA ASP E 72 -6.24 -10.49 -52.25
C ASP E 72 -7.66 -10.30 -51.68
N THR E 73 -7.93 -9.09 -51.19
CA THR E 73 -9.21 -8.78 -50.57
C THR E 73 -10.34 -8.58 -51.58
N SER E 74 -10.03 -8.49 -52.88
CA SER E 74 -11.08 -8.39 -53.88
C SER E 74 -11.98 -9.61 -53.84
N LYS E 75 -11.39 -10.80 -53.86
CA LYS E 75 -12.12 -12.03 -53.56
C LYS E 75 -11.78 -12.46 -52.13
N ASN E 76 -11.62 -13.77 -51.92
CA ASN E 76 -11.18 -14.30 -50.63
C ASN E 76 -9.98 -15.20 -50.82
N GLN E 77 -8.95 -14.67 -51.48
CA GLN E 77 -7.77 -15.45 -51.86
C GLN E 77 -6.56 -15.01 -51.03
N LEU E 78 -5.92 -15.99 -50.39
CA LEU E 78 -4.71 -15.77 -49.60
C LEU E 78 -3.52 -16.37 -50.34
N SER E 79 -2.42 -15.62 -50.40
CA SER E 79 -1.25 -15.99 -51.17
C SER E 79 -0.11 -16.45 -50.26
N LEU E 80 0.87 -17.10 -50.88
CA LEU E 80 2.08 -17.54 -50.20
C LEU E 80 3.14 -17.83 -51.26
N LYS E 81 4.36 -17.36 -51.01
CA LYS E 81 5.48 -17.58 -51.91
C LYS E 81 6.65 -18.16 -51.14
N LEU E 82 7.52 -18.86 -51.88
CA LEU E 82 8.69 -19.53 -51.29
C LEU E 82 9.87 -19.34 -52.24
N ASN E 83 10.73 -18.39 -51.94
CA ASN E 83 11.89 -18.10 -52.78
C ASN E 83 13.00 -19.11 -52.53
N SER E 84 13.68 -19.50 -53.60
CA SER E 84 14.81 -20.44 -53.54
C SER E 84 14.43 -21.72 -52.82
N VAL E 85 13.72 -22.60 -53.49
CA VAL E 85 13.21 -23.84 -52.89
C VAL E 85 14.23 -24.95 -53.07
N THR E 86 14.43 -25.73 -52.01
CA THR E 86 15.30 -26.91 -52.03
C THR E 86 14.45 -28.16 -51.80
N ALA E 87 15.12 -29.32 -51.83
CA ALA E 87 14.41 -30.59 -51.75
C ALA E 87 13.73 -30.80 -50.41
N ALA E 88 14.19 -30.14 -49.35
CA ALA E 88 13.59 -30.30 -48.03
C ALA E 88 12.30 -29.52 -47.86
N ASP E 89 11.96 -28.64 -48.80
CA ASP E 89 10.77 -27.80 -48.70
C ASP E 89 9.52 -28.48 -49.25
N SER E 90 9.62 -29.75 -49.64
CA SER E 90 8.45 -30.49 -50.13
C SER E 90 7.66 -31.03 -48.94
N ALA E 91 6.37 -30.71 -48.91
CA ALA E 91 5.50 -31.09 -47.80
C ALA E 91 4.06 -30.85 -48.21
N ILE E 92 3.13 -31.20 -47.33
CA ILE E 92 1.72 -30.89 -47.50
C ILE E 92 1.46 -29.55 -46.82
N TYR E 93 1.06 -28.55 -47.61
CA TYR E 93 0.89 -27.20 -47.10
C TYR E 93 -0.57 -26.93 -46.77
N TYR E 94 -0.79 -26.27 -45.64
CA TYR E 94 -2.13 -25.95 -45.15
C TYR E 94 -2.26 -24.45 -44.93
N CYS E 95 -3.49 -23.96 -45.03
CA CYS E 95 -3.82 -22.58 -44.66
C CYS E 95 -5.00 -22.63 -43.70
N ALA E 96 -4.84 -22.02 -42.54
CA ALA E 96 -5.85 -22.04 -41.49
C ALA E 96 -6.13 -20.63 -41.01
N ARG E 97 -7.22 -20.48 -40.27
CA ARG E 97 -7.65 -19.19 -39.74
C ARG E 97 -7.14 -19.04 -38.32
N ALA E 98 -6.12 -18.21 -38.14
CA ALA E 98 -5.60 -17.94 -36.81
C ALA E 98 -6.55 -16.98 -36.08
N GLN E 99 -6.93 -17.35 -34.87
CA GLN E 99 -7.78 -16.52 -34.03
C GLN E 99 -6.95 -15.98 -32.88
N GLN E 100 -6.86 -14.65 -32.80
CA GLN E 100 -6.00 -14.02 -31.81
C GLN E 100 -6.61 -14.13 -30.41
N GLY E 101 -5.79 -14.56 -29.46
CA GLY E 101 -6.19 -14.62 -28.06
C GLY E 101 -5.35 -13.68 -27.22
N LYS E 102 -5.95 -13.17 -26.14
CA LYS E 102 -5.30 -12.20 -25.26
C LYS E 102 -5.35 -12.75 -23.85
N ARG E 103 -4.24 -13.33 -23.39
CA ARG E 103 -4.14 -13.88 -22.05
C ARG E 103 -3.58 -12.81 -21.11
N ILE E 104 -4.39 -12.41 -20.13
CA ILE E 104 -4.01 -11.38 -19.17
C ILE E 104 -3.74 -12.06 -17.84
N TYR E 105 -2.51 -11.91 -17.34
CA TYR E 105 -2.12 -12.48 -16.06
C TYR E 105 -1.91 -11.46 -14.96
N GLY E 106 -1.69 -10.19 -15.31
CA GLY E 106 -1.50 -9.16 -14.32
C GLY E 106 -2.37 -7.94 -14.56
N MET E 107 -1.76 -6.77 -14.70
CA MET E 107 -2.47 -5.53 -14.96
C MET E 107 -2.38 -5.19 -16.45
N VAL E 108 -3.53 -4.94 -17.06
CA VAL E 108 -3.56 -4.64 -18.49
C VAL E 108 -2.84 -3.32 -18.77
N SER E 109 -2.81 -2.42 -17.80
CA SER E 109 -2.15 -1.13 -17.98
C SER E 109 -0.64 -1.22 -17.85
N PHE E 110 -0.14 -2.13 -17.00
CA PHE E 110 1.29 -2.38 -16.90
C PHE E 110 1.83 -3.21 -18.05
N GLY E 111 0.97 -3.66 -18.97
CA GLY E 111 1.42 -4.49 -20.07
C GLY E 111 1.61 -5.94 -19.71
N GLU E 112 0.93 -6.42 -18.67
CA GLU E 112 1.12 -7.79 -18.18
C GLU E 112 0.15 -8.75 -18.86
N PHE E 113 0.28 -8.82 -20.18
CA PHE E 113 -0.44 -9.80 -20.99
C PHE E 113 0.49 -10.33 -22.06
N PHE E 114 0.03 -11.35 -22.77
CA PHE E 114 0.76 -11.85 -23.93
C PHE E 114 -0.24 -12.36 -24.95
N TYR E 115 0.05 -12.12 -26.22
CA TYR E 115 -0.82 -12.53 -27.31
C TYR E 115 -0.47 -13.92 -27.79
N TYR E 116 -1.50 -14.74 -28.02
CA TYR E 116 -1.34 -16.10 -28.49
C TYR E 116 -2.40 -16.38 -29.55
N TYR E 117 -2.04 -17.17 -30.56
CA TYR E 117 -2.92 -17.47 -31.67
C TYR E 117 -3.26 -18.95 -31.69
N TYR E 118 -4.46 -19.26 -32.17
CA TYR E 118 -4.90 -20.63 -32.40
C TYR E 118 -5.66 -20.70 -33.70
N MET E 119 -5.43 -21.78 -34.46
CA MET E 119 -5.99 -21.97 -35.79
C MET E 119 -7.04 -23.07 -35.72
N ASP E 120 -8.32 -22.69 -35.86
CA ASP E 120 -9.43 -23.59 -35.61
C ASP E 120 -10.00 -24.24 -36.88
N VAL E 121 -9.99 -23.55 -38.01
CA VAL E 121 -10.50 -24.11 -39.27
C VAL E 121 -9.35 -24.16 -40.27
N TRP E 122 -9.05 -25.36 -40.76
CA TRP E 122 -7.93 -25.61 -41.65
C TRP E 122 -8.43 -25.96 -43.04
N GLY E 123 -7.53 -25.83 -44.02
CA GLY E 123 -7.81 -26.30 -45.35
C GLY E 123 -7.53 -27.78 -45.51
N LYS E 124 -7.83 -28.29 -46.70
CA LYS E 124 -7.66 -29.72 -46.94
C LYS E 124 -6.20 -30.09 -47.13
N GLY E 125 -5.43 -29.21 -47.75
CA GLY E 125 -4.00 -29.41 -47.93
C GLY E 125 -3.65 -29.53 -49.40
N THR E 126 -2.49 -29.00 -49.77
CA THR E 126 -1.96 -29.10 -51.12
C THR E 126 -0.59 -29.77 -51.07
N THR E 127 -0.40 -30.79 -51.89
CA THR E 127 0.85 -31.53 -51.96
C THR E 127 1.76 -30.86 -52.98
N VAL E 128 3.01 -30.62 -52.58
CA VAL E 128 4.04 -30.11 -53.49
C VAL E 128 5.26 -31.00 -53.37
N THR E 129 5.94 -31.22 -54.50
CA THR E 129 7.10 -32.09 -54.57
C THR E 129 8.24 -31.33 -55.22
N VAL E 130 9.42 -31.36 -54.58
CA VAL E 130 10.58 -30.61 -55.04
C VAL E 130 11.57 -31.61 -55.62
N SER E 131 11.62 -31.69 -56.94
CA SER E 131 12.57 -32.54 -57.63
C SER E 131 12.70 -32.06 -59.07
N SER E 132 13.94 -32.04 -59.58
CA SER E 132 14.18 -31.58 -60.94
C SER E 132 13.65 -32.54 -61.99
N ALA E 133 13.12 -33.70 -61.59
CA ALA E 133 12.53 -34.62 -62.54
C ALA E 133 11.27 -34.05 -63.16
N SER E 134 11.00 -34.45 -64.40
CA SER E 134 9.87 -33.92 -65.14
C SER E 134 8.59 -34.64 -64.75
N THR E 135 7.47 -33.97 -65.03
CA THR E 135 6.16 -34.58 -64.77
C THR E 135 5.87 -35.65 -65.82
N LYS E 136 4.83 -36.43 -65.56
CA LYS E 136 4.42 -37.49 -66.49
C LYS E 136 3.00 -37.92 -66.16
N GLY E 137 2.17 -38.05 -67.18
CA GLY E 137 0.81 -38.53 -67.02
C GLY E 137 0.77 -40.02 -66.74
N PRO E 138 -0.32 -40.49 -66.15
CA PRO E 138 -0.42 -41.92 -65.81
C PRO E 138 -0.69 -42.80 -67.02
N SER E 139 -1.15 -44.03 -66.79
CA SER E 139 -1.46 -45.00 -67.85
C SER E 139 -2.47 -46.00 -67.27
N VAL E 140 -3.67 -45.51 -66.97
CA VAL E 140 -4.67 -46.33 -66.29
C VAL E 140 -5.09 -47.48 -67.21
N PHE E 141 -4.84 -48.72 -66.75
CA PHE E 141 -5.29 -49.93 -67.40
C PHE E 141 -6.40 -50.58 -66.58
N PRO E 142 -7.48 -51.04 -67.22
CA PRO E 142 -8.60 -51.59 -66.47
C PRO E 142 -8.33 -53.00 -65.96
N LEU E 143 -8.93 -53.31 -64.81
CA LEU E 143 -8.85 -54.63 -64.20
C LEU E 143 -10.23 -55.26 -64.23
N ALA E 144 -10.43 -56.23 -65.12
CA ALA E 144 -11.71 -56.87 -65.27
C ALA E 144 -12.03 -57.75 -64.06
N PRO E 145 -13.30 -57.85 -63.67
CA PRO E 145 -13.66 -58.68 -62.51
C PRO E 145 -13.72 -60.16 -62.83
N SER E 146 -14.38 -60.93 -61.97
CA SER E 146 -14.52 -62.37 -62.18
C SER E 146 -15.74 -62.90 -61.43
N GLY E 153 -20.36 -64.46 -53.81
CA GLY E 153 -21.51 -63.59 -53.66
C GLY E 153 -21.36 -62.26 -54.38
N THR E 154 -20.16 -61.69 -54.31
CA THR E 154 -19.85 -60.42 -54.95
C THR E 154 -18.54 -60.55 -55.71
N ALA E 155 -18.25 -59.54 -56.52
CA ALA E 155 -17.04 -59.51 -57.33
C ALA E 155 -16.29 -58.20 -57.10
N ALA E 156 -15.02 -58.19 -57.50
CA ALA E 156 -14.16 -57.03 -57.33
C ALA E 156 -13.57 -56.65 -58.68
N LEU E 157 -13.48 -55.34 -58.93
CA LEU E 157 -13.00 -54.81 -60.20
C LEU E 157 -12.37 -53.45 -59.96
N GLY E 158 -11.31 -53.17 -60.70
CA GLY E 158 -10.60 -51.92 -60.52
C GLY E 158 -9.83 -51.50 -61.76
N CYS E 159 -8.81 -50.67 -61.53
CA CYS E 159 -8.00 -50.14 -62.61
C CYS E 159 -6.60 -49.83 -62.08
N LEU E 160 -5.60 -50.21 -62.87
CA LEU E 160 -4.19 -50.12 -62.46
C LEU E 160 -3.61 -48.83 -63.01
N VAL E 161 -3.63 -47.78 -62.18
CA VAL E 161 -2.99 -46.52 -62.54
C VAL E 161 -1.48 -46.70 -62.46
N LYS E 162 -0.85 -46.96 -63.61
CA LYS E 162 0.57 -47.29 -63.62
C LYS E 162 1.45 -46.04 -63.52
N ASP E 163 2.66 -46.13 -64.07
CA ASP E 163 3.74 -45.17 -63.86
C ASP E 163 3.32 -43.72 -64.05
N TYR E 164 3.37 -42.94 -62.96
CA TYR E 164 3.02 -41.53 -62.99
C TYR E 164 3.83 -40.79 -61.93
N PHE E 165 4.07 -39.50 -62.17
CA PHE E 165 4.83 -38.64 -61.27
C PHE E 165 4.39 -37.21 -61.48
N PRO E 166 4.21 -36.42 -60.42
CA PRO E 166 4.31 -36.83 -59.01
C PRO E 166 2.95 -37.00 -58.33
N GLU E 167 2.98 -37.19 -57.01
CA GLU E 167 1.76 -37.25 -56.22
C GLU E 167 1.02 -35.92 -56.33
N PRO E 168 -0.33 -35.93 -56.25
CA PRO E 168 -1.22 -37.08 -56.08
C PRO E 168 -2.00 -37.47 -57.33
N VAL E 169 -2.97 -38.35 -57.16
CA VAL E 169 -3.87 -38.76 -58.23
C VAL E 169 -5.24 -39.02 -57.61
N THR E 170 -6.29 -38.72 -58.38
CA THR E 170 -7.66 -38.86 -57.92
C THR E 170 -8.37 -39.95 -58.72
N VAL E 171 -9.18 -40.76 -58.04
CA VAL E 171 -9.95 -41.82 -58.67
C VAL E 171 -11.39 -41.70 -58.22
N SER E 172 -12.31 -41.68 -59.19
CA SER E 172 -13.74 -41.65 -58.92
C SER E 172 -14.45 -42.63 -59.84
N TRP E 173 -15.42 -43.34 -59.30
CA TRP E 173 -16.15 -44.37 -60.04
C TRP E 173 -17.50 -43.84 -60.49
N ASN E 174 -17.79 -43.98 -61.78
CA ASN E 174 -19.00 -43.46 -62.40
C ASN E 174 -19.14 -41.96 -62.19
N SER E 175 -18.00 -41.24 -62.18
CA SER E 175 -17.96 -39.79 -62.00
C SER E 175 -18.64 -39.35 -60.70
N GLY E 176 -18.56 -40.19 -59.66
CA GLY E 176 -19.11 -39.87 -58.36
C GLY E 176 -20.40 -40.58 -58.02
N ALA E 177 -20.96 -41.35 -58.96
CA ALA E 177 -22.21 -42.05 -58.68
C ALA E 177 -21.98 -43.26 -57.78
N LEU E 178 -20.97 -44.07 -58.10
CA LEU E 178 -20.64 -45.26 -57.32
C LEU E 178 -19.63 -44.88 -56.25
N THR E 179 -20.08 -44.81 -55.00
CA THR E 179 -19.23 -44.48 -53.87
C THR E 179 -19.19 -45.55 -52.79
N SER E 180 -20.12 -46.51 -52.82
CA SER E 180 -20.16 -47.59 -51.83
C SER E 180 -19.28 -48.74 -52.29
N GLY E 181 -18.32 -49.11 -51.46
CA GLY E 181 -17.41 -50.20 -51.77
C GLY E 181 -16.11 -49.80 -52.43
N VAL E 182 -15.89 -48.50 -52.66
CA VAL E 182 -14.65 -48.06 -53.29
C VAL E 182 -13.49 -48.24 -52.31
N HIS E 183 -12.30 -48.49 -52.87
CA HIS E 183 -11.10 -48.67 -52.05
C HIS E 183 -9.88 -48.29 -52.91
N THR E 184 -9.51 -47.02 -52.84
CA THR E 184 -8.33 -46.52 -53.52
C THR E 184 -7.12 -46.74 -52.63
N PHE E 185 -6.20 -47.58 -53.08
CA PHE E 185 -5.04 -47.97 -52.29
C PHE E 185 -3.95 -46.92 -52.35
N PRO E 186 -3.04 -46.90 -51.37
CA PRO E 186 -1.88 -46.01 -51.43
C PRO E 186 -1.01 -46.35 -52.63
N ALA E 187 -0.10 -45.42 -52.95
CA ALA E 187 0.74 -45.53 -54.12
C ALA E 187 1.99 -46.34 -53.81
N VAL E 188 2.80 -46.59 -54.85
CA VAL E 188 4.05 -47.32 -54.73
C VAL E 188 5.11 -46.60 -55.55
N LEU E 189 6.16 -46.11 -54.89
CA LEU E 189 7.25 -45.44 -55.58
C LEU E 189 8.23 -46.48 -56.09
N GLN E 190 8.24 -46.72 -57.39
CA GLN E 190 9.13 -47.71 -57.97
C GLN E 190 10.55 -47.16 -58.07
N SER E 191 11.50 -48.06 -58.30
CA SER E 191 12.88 -47.65 -58.51
C SER E 191 13.04 -46.80 -59.76
N SER E 192 12.11 -46.91 -60.71
CA SER E 192 12.13 -46.07 -61.90
C SER E 192 11.83 -44.61 -61.59
N GLY E 193 11.38 -44.30 -60.38
CA GLY E 193 11.23 -42.93 -59.94
C GLY E 193 9.84 -42.34 -60.07
N LEU E 194 8.80 -43.16 -60.21
CA LEU E 194 7.45 -42.64 -60.37
C LEU E 194 6.45 -43.64 -59.81
N TYR E 195 5.36 -43.11 -59.26
CA TYR E 195 4.42 -43.87 -58.45
C TYR E 195 3.54 -44.76 -59.32
N SER E 196 2.75 -45.59 -58.65
CA SER E 196 1.75 -46.44 -59.30
C SER E 196 0.65 -46.72 -58.29
N LEU E 197 -0.59 -46.43 -58.67
CA LEU E 197 -1.75 -46.54 -57.78
C LEU E 197 -2.69 -47.62 -58.32
N SER E 198 -3.62 -48.04 -57.46
CA SER E 198 -4.66 -48.97 -57.88
C SER E 198 -5.88 -48.80 -56.99
N SER E 199 -7.05 -48.65 -57.61
CA SER E 199 -8.31 -48.58 -56.91
C SER E 199 -9.19 -49.75 -57.35
N VAL E 200 -10.10 -50.15 -56.46
CA VAL E 200 -11.04 -51.23 -56.73
C VAL E 200 -12.39 -50.87 -56.09
N VAL E 201 -13.39 -51.69 -56.40
CA VAL E 201 -14.73 -51.48 -55.87
C VAL E 201 -15.48 -52.81 -55.84
N THR E 202 -15.87 -53.23 -54.64
CA THR E 202 -16.71 -54.41 -54.49
C THR E 202 -18.15 -54.07 -54.88
N VAL E 203 -18.73 -54.90 -55.75
CA VAL E 203 -20.06 -54.63 -56.30
C VAL E 203 -20.79 -55.94 -56.52
N PRO E 204 -22.11 -55.91 -56.40
CA PRO E 204 -22.89 -57.16 -56.57
C PRO E 204 -22.65 -57.82 -57.90
N SER E 205 -22.56 -59.15 -57.88
CA SER E 205 -22.32 -59.93 -59.08
C SER E 205 -23.46 -59.86 -60.08
N SER E 206 -24.63 -59.36 -59.68
CA SER E 206 -25.76 -59.29 -60.59
C SER E 206 -25.47 -58.37 -61.77
N SER E 207 -24.88 -57.22 -61.50
CA SER E 207 -24.72 -56.16 -62.50
C SER E 207 -23.40 -56.27 -63.27
N LEU E 208 -23.08 -57.46 -63.75
CA LEU E 208 -21.85 -57.70 -64.52
C LEU E 208 -22.24 -57.88 -65.98
N GLY E 209 -22.44 -56.75 -66.66
CA GLY E 209 -22.87 -56.74 -68.04
C GLY E 209 -23.82 -55.59 -68.33
N THR E 210 -24.70 -55.29 -67.37
CA THR E 210 -25.67 -54.23 -67.53
C THR E 210 -25.08 -52.87 -67.17
N GLN E 211 -25.19 -52.47 -65.90
CA GLN E 211 -24.68 -51.18 -65.44
C GLN E 211 -23.17 -51.08 -65.63
N THR E 212 -22.75 -50.19 -66.53
CA THR E 212 -21.33 -50.05 -66.82
C THR E 212 -20.62 -49.33 -65.68
N TYR E 213 -19.41 -49.78 -65.38
CA TYR E 213 -18.57 -49.18 -64.36
C TYR E 213 -17.42 -48.45 -65.05
N ILE E 214 -17.29 -47.16 -64.77
CA ILE E 214 -16.30 -46.30 -65.41
C ILE E 214 -15.57 -45.53 -64.33
N CYS E 215 -14.24 -45.65 -64.32
CA CYS E 215 -13.43 -44.88 -63.39
C CYS E 215 -13.07 -43.53 -64.00
N ASN E 216 -12.59 -42.62 -63.16
CA ASN E 216 -12.21 -41.28 -63.58
C ASN E 216 -10.92 -40.90 -62.87
N VAL E 217 -9.82 -40.84 -63.61
CA VAL E 217 -8.50 -40.57 -63.06
C VAL E 217 -8.12 -39.12 -63.34
N ASN E 218 -7.69 -38.41 -62.30
CA ASN E 218 -7.29 -37.01 -62.41
C ASN E 218 -5.86 -36.87 -61.93
N HIS E 219 -4.99 -36.32 -62.78
CA HIS E 219 -3.60 -36.04 -62.45
C HIS E 219 -3.29 -34.62 -62.90
N LYS E 220 -3.48 -33.66 -61.99
CA LYS E 220 -3.33 -32.24 -62.27
C LYS E 220 -1.88 -31.80 -62.50
N PRO E 221 -0.88 -32.32 -61.78
CA PRO E 221 0.51 -31.91 -62.06
C PRO E 221 0.96 -32.12 -63.49
N SER E 222 0.21 -32.86 -64.30
CA SER E 222 0.49 -32.96 -65.73
C SER E 222 -0.72 -32.62 -66.59
N ASN E 223 -1.87 -32.31 -65.98
CA ASN E 223 -3.11 -32.00 -66.70
C ASN E 223 -3.46 -33.12 -67.68
N THR E 224 -3.28 -34.36 -67.24
CA THR E 224 -3.56 -35.55 -68.04
C THR E 224 -4.76 -36.26 -67.41
N LYS E 225 -5.95 -35.83 -67.81
CA LYS E 225 -7.19 -36.37 -67.26
C LYS E 225 -7.67 -37.51 -68.15
N VAL E 226 -7.86 -38.68 -67.56
CA VAL E 226 -8.24 -39.89 -68.28
C VAL E 226 -9.45 -40.52 -67.60
N ASP E 227 -10.08 -41.46 -68.31
CA ASP E 227 -11.15 -42.29 -67.75
C ASP E 227 -11.24 -43.56 -68.59
N LYS E 228 -11.64 -44.65 -67.94
CA LYS E 228 -11.69 -45.95 -68.59
C LYS E 228 -12.88 -46.74 -68.04
N LYS E 229 -13.22 -47.81 -68.76
CA LYS E 229 -14.35 -48.67 -68.42
C LYS E 229 -13.86 -50.09 -68.17
N VAL E 230 -14.52 -50.79 -67.27
CA VAL E 230 -14.18 -52.15 -66.88
C VAL E 230 -15.33 -53.07 -67.24
N GLU E 231 -15.00 -54.24 -67.80
CA GLU E 231 -15.97 -55.26 -68.16
C GLU E 231 -15.24 -56.58 -68.43
N PRO E 232 -15.88 -57.72 -68.16
CA PRO E 232 -15.27 -59.06 -68.36
C PRO E 232 -14.72 -59.26 -69.77
N SER F 4 11.12 -33.81 -36.44
CA SER F 4 11.61 -33.83 -35.07
C SER F 4 11.57 -35.24 -34.49
N TYR F 5 11.51 -35.33 -33.16
CA TYR F 5 11.52 -36.60 -32.45
C TYR F 5 10.17 -36.81 -31.76
N VAL F 6 9.73 -38.06 -31.72
CA VAL F 6 8.37 -38.41 -31.33
C VAL F 6 8.38 -39.13 -29.99
N ARG F 7 7.28 -38.98 -29.25
CA ARG F 7 7.09 -39.65 -27.96
C ARG F 7 6.05 -40.75 -28.12
N PRO F 8 6.40 -42.01 -27.84
CA PRO F 8 5.42 -43.09 -28.00
C PRO F 8 4.52 -43.22 -26.78
N LEU F 9 3.21 -43.34 -27.02
CA LEU F 9 2.23 -43.51 -25.97
C LEU F 9 1.29 -44.66 -26.34
N SER F 10 0.83 -45.38 -25.33
CA SER F 10 -0.05 -46.53 -25.53
C SER F 10 -1.04 -46.59 -24.37
N VAL F 11 -2.33 -46.53 -24.69
CA VAL F 11 -3.40 -46.76 -23.73
C VAL F 11 -4.26 -47.90 -24.24
N ALA F 12 -5.01 -48.51 -23.32
CA ALA F 12 -5.93 -49.57 -23.71
C ALA F 12 -7.24 -48.98 -24.21
N LEU F 13 -7.96 -49.78 -24.99
CA LEU F 13 -9.24 -49.34 -25.53
C LEU F 13 -10.26 -49.18 -24.41
N GLY F 14 -10.89 -48.00 -24.36
CA GLY F 14 -11.85 -47.69 -23.32
C GLY F 14 -11.28 -46.98 -22.12
N GLU F 15 -9.96 -46.95 -21.96
CA GLU F 15 -9.34 -46.28 -20.84
C GLU F 15 -9.28 -44.77 -21.08
N THR F 16 -8.70 -44.06 -20.13
CA THR F 16 -8.56 -42.61 -20.21
C THR F 16 -7.08 -42.28 -20.45
N ALA F 17 -6.82 -41.56 -21.53
CA ALA F 17 -5.46 -41.18 -21.89
C ALA F 17 -5.09 -39.86 -21.23
N SER F 18 -3.93 -39.83 -20.59
CA SER F 18 -3.40 -38.63 -19.94
C SER F 18 -2.11 -38.27 -20.68
N ILE F 19 -2.21 -37.33 -21.62
CA ILE F 19 -1.10 -36.95 -22.48
C ILE F 19 -0.45 -35.72 -21.87
N SER F 20 0.79 -35.87 -21.40
CA SER F 20 1.53 -34.76 -20.81
C SER F 20 2.08 -33.85 -21.90
N CYS F 21 2.08 -32.55 -21.62
CA CYS F 21 2.58 -31.58 -22.58
C CYS F 21 4.11 -31.65 -22.64
N GLY F 22 4.65 -31.19 -23.76
CA GLY F 22 6.09 -31.24 -23.99
C GLY F 22 6.88 -30.32 -23.09
N ARG F 23 6.70 -29.01 -23.27
CA ARG F 23 7.47 -28.01 -22.55
C ARG F 23 6.63 -27.43 -21.41
N GLN F 24 7.18 -27.45 -20.20
CA GLN F 24 6.52 -26.84 -19.06
C GLN F 24 6.50 -25.33 -19.21
N ALA F 25 5.47 -24.70 -18.66
CA ALA F 25 5.32 -23.25 -18.73
C ALA F 25 6.08 -22.58 -17.60
N LEU F 26 6.76 -21.48 -17.92
CA LEU F 26 7.49 -20.72 -16.92
C LEU F 26 6.59 -19.74 -16.17
N GLY F 27 5.43 -19.42 -16.72
CA GLY F 27 4.50 -18.51 -16.07
C GLY F 27 3.09 -18.89 -16.41
N SER F 28 2.19 -17.91 -16.35
CA SER F 28 0.80 -18.13 -16.79
C SER F 28 0.79 -18.47 -18.27
N ARG F 29 0.01 -19.48 -18.63
CA ARG F 29 0.11 -20.11 -19.93
C ARG F 29 -1.20 -20.02 -20.71
N ALA F 30 -1.09 -20.28 -22.02
CA ALA F 30 -2.23 -20.39 -22.91
C ALA F 30 -1.91 -21.51 -23.89
N VAL F 31 -2.45 -22.70 -23.63
CA VAL F 31 -2.04 -23.91 -24.33
C VAL F 31 -3.07 -24.27 -25.40
N GLN F 32 -2.58 -24.81 -26.52
CA GLN F 32 -3.43 -25.33 -27.58
C GLN F 32 -3.14 -26.81 -27.80
N TRP F 33 -4.20 -27.58 -28.07
CA TRP F 33 -4.09 -29.00 -28.33
C TRP F 33 -4.65 -29.29 -29.72
N TYR F 34 -3.81 -29.80 -30.61
CA TYR F 34 -4.22 -30.19 -31.95
C TYR F 34 -4.13 -31.70 -32.09
N GLN F 35 -5.17 -32.31 -32.64
CA GLN F 35 -5.14 -33.70 -33.06
C GLN F 35 -4.83 -33.74 -34.55
N HIS F 36 -3.69 -34.32 -34.90
CA HIS F 36 -3.25 -34.37 -36.29
C HIS F 36 -2.89 -35.80 -36.67
N ARG F 37 -3.29 -36.20 -37.88
CA ARG F 37 -2.90 -37.48 -38.44
C ARG F 37 -2.00 -37.27 -39.65
N PRO F 38 -1.01 -38.13 -39.86
CA PRO F 38 -0.14 -37.99 -41.04
C PRO F 38 -0.95 -38.02 -42.32
N GLY F 39 -0.75 -37.01 -43.17
CA GLY F 39 -1.52 -36.87 -44.39
C GLY F 39 -2.97 -36.49 -44.14
N GLN F 40 -3.21 -35.65 -43.13
CA GLN F 40 -4.56 -35.30 -42.73
C GLN F 40 -4.56 -33.90 -42.15
N ALA F 41 -5.65 -33.17 -42.37
CA ALA F 41 -5.76 -31.81 -41.84
C ALA F 41 -5.84 -31.87 -40.32
N PRO F 42 -4.98 -31.15 -39.60
CA PRO F 42 -5.06 -31.15 -38.13
C PRO F 42 -6.33 -30.46 -37.65
N ILE F 43 -6.97 -31.07 -36.65
CA ILE F 43 -8.16 -30.50 -36.03
C ILE F 43 -7.77 -29.97 -34.66
N LEU F 44 -8.40 -28.86 -34.26
CA LEU F 44 -8.14 -28.25 -32.98
C LEU F 44 -9.03 -28.86 -31.92
N LEU F 45 -8.43 -29.36 -30.85
CA LEU F 45 -9.17 -29.97 -29.76
C LEU F 45 -9.51 -28.97 -28.67
N ILE F 46 -8.52 -28.22 -28.18
CA ILE F 46 -8.70 -27.25 -27.11
C ILE F 46 -7.78 -26.07 -27.39
N TYR F 47 -8.35 -24.86 -27.43
CA TYR F 47 -7.59 -23.67 -27.80
C TYR F 47 -7.20 -22.80 -26.60
N ASN F 48 -8.09 -22.59 -25.65
CA ASN F 48 -7.69 -21.98 -24.39
C ASN F 48 -7.06 -23.08 -23.53
N ASN F 49 -6.88 -22.83 -22.24
CA ASN F 49 -6.33 -23.88 -21.38
C ASN F 49 -7.31 -25.03 -21.18
N GLN F 50 -8.60 -24.83 -21.48
CA GLN F 50 -9.60 -25.87 -21.30
C GLN F 50 -10.80 -25.68 -22.22
N ASP F 51 -10.86 -24.54 -22.91
CA ASP F 51 -11.98 -24.27 -23.81
C ASP F 51 -11.84 -25.09 -25.08
N ARG F 52 -12.82 -25.95 -25.33
CA ARG F 52 -12.86 -26.73 -26.56
C ARG F 52 -13.93 -26.17 -27.50
N PRO F 53 -13.65 -26.09 -28.80
CA PRO F 53 -14.59 -25.44 -29.72
C PRO F 53 -15.75 -26.35 -30.10
N SER F 54 -16.58 -25.88 -31.03
CA SER F 54 -17.77 -26.63 -31.42
C SER F 54 -17.38 -27.92 -32.14
N GLY F 55 -18.07 -29.00 -31.80
CA GLY F 55 -17.90 -30.29 -32.44
C GLY F 55 -17.03 -31.27 -31.68
N ILE F 56 -16.04 -30.78 -30.96
CA ILE F 56 -15.13 -31.68 -30.24
C ILE F 56 -15.85 -32.28 -29.04
N PRO F 57 -15.80 -33.59 -28.84
CA PRO F 57 -16.55 -34.21 -27.75
C PRO F 57 -15.98 -33.83 -26.39
N GLU F 58 -16.83 -33.97 -25.37
CA GLU F 58 -16.44 -33.60 -24.01
C GLU F 58 -15.34 -34.51 -23.46
N ARG F 59 -15.10 -35.66 -24.09
CA ARG F 59 -14.03 -36.55 -23.66
C ARG F 59 -12.65 -35.96 -23.86
N PHE F 60 -12.52 -34.86 -24.58
CA PHE F 60 -11.27 -34.12 -24.71
C PHE F 60 -11.30 -32.94 -23.75
N SER F 61 -10.54 -33.03 -22.67
CA SER F 61 -10.52 -32.01 -21.64
C SER F 61 -9.09 -31.65 -21.28
N GLY F 62 -8.85 -30.37 -20.98
CA GLY F 62 -7.56 -29.88 -20.59
C GLY F 62 -7.55 -29.42 -19.13
N THR F 63 -6.38 -28.92 -18.72
CA THR F 63 -6.21 -28.43 -17.36
C THR F 63 -6.24 -26.91 -17.37
N PRO F 64 -7.19 -26.27 -16.70
CA PRO F 64 -7.16 -24.81 -16.60
C PRO F 64 -6.00 -24.34 -15.72
N ASP F 65 -5.46 -23.17 -16.06
CA ASP F 65 -4.33 -22.60 -15.35
C ASP F 65 -4.84 -21.63 -14.28
N ILE F 66 -5.42 -22.21 -13.22
CA ILE F 66 -5.97 -21.39 -12.14
C ILE F 66 -4.86 -20.89 -11.22
N ASN F 67 -3.86 -21.73 -10.95
CA ASN F 67 -2.74 -21.35 -10.11
C ASN F 67 -1.46 -21.90 -10.74
N PHE F 68 -0.44 -21.06 -10.82
CA PHE F 68 0.81 -21.47 -11.46
C PHE F 68 1.42 -22.67 -10.73
N GLY F 69 2.07 -23.54 -11.51
CA GLY F 69 2.59 -24.78 -10.99
C GLY F 69 1.85 -25.97 -11.57
N THR F 70 0.54 -25.81 -11.75
CA THR F 70 -0.26 -26.86 -12.37
C THR F 70 0.20 -27.09 -13.80
N ARG F 71 0.36 -28.37 -14.17
CA ARG F 71 0.91 -28.74 -15.45
C ARG F 71 -0.20 -28.93 -16.48
N ALA F 72 0.14 -28.68 -17.75
CA ALA F 72 -0.81 -28.79 -18.84
C ALA F 72 -0.82 -30.21 -19.36
N THR F 73 -2.00 -30.84 -19.36
CA THR F 73 -2.18 -32.19 -19.87
C THR F 73 -3.47 -32.28 -20.65
N LEU F 74 -3.47 -33.12 -21.68
CA LEU F 74 -4.67 -33.41 -22.46
C LEU F 74 -5.24 -34.75 -21.99
N THR F 75 -6.50 -34.73 -21.58
CA THR F 75 -7.16 -35.90 -21.01
C THR F 75 -8.19 -36.41 -22.02
N ILE F 76 -7.94 -37.60 -22.56
CA ILE F 76 -8.83 -38.24 -23.53
C ILE F 76 -9.50 -39.40 -22.81
N SER F 77 -10.73 -39.20 -22.36
CA SER F 77 -11.47 -40.23 -21.65
C SER F 77 -12.17 -41.16 -22.62
N GLY F 78 -12.18 -42.45 -22.29
CA GLY F 78 -12.81 -43.44 -23.14
C GLY F 78 -12.20 -43.51 -24.52
N VAL F 79 -10.91 -43.84 -24.59
CA VAL F 79 -10.20 -43.86 -25.86
C VAL F 79 -10.76 -44.97 -26.75
N GLU F 80 -10.96 -44.65 -28.02
CA GLU F 80 -11.37 -45.61 -29.04
C GLU F 80 -10.28 -45.71 -30.10
N ALA F 81 -10.58 -46.47 -31.15
CA ALA F 81 -9.60 -46.70 -32.21
C ALA F 81 -9.32 -45.43 -33.02
N GLY F 82 -10.25 -44.46 -33.00
CA GLY F 82 -10.03 -43.23 -33.75
C GLY F 82 -9.07 -42.27 -33.11
N ASP F 83 -8.81 -42.40 -31.80
CA ASP F 83 -7.93 -41.49 -31.09
C ASP F 83 -6.47 -41.89 -31.27
N GLU F 84 -6.14 -42.58 -32.36
CA GLU F 84 -4.79 -43.05 -32.64
C GLU F 84 -4.17 -42.10 -33.64
N ALA F 85 -3.58 -41.02 -33.14
CA ALA F 85 -3.06 -39.96 -34.00
C ALA F 85 -1.93 -39.24 -33.28
N ASP F 86 -1.41 -38.18 -33.89
CA ASP F 86 -0.42 -37.33 -33.27
C ASP F 86 -1.10 -36.15 -32.59
N TYR F 87 -0.66 -35.84 -31.37
CA TYR F 87 -1.17 -34.73 -30.60
C TYR F 87 -0.06 -33.74 -30.31
N TYR F 88 -0.35 -32.46 -30.48
CA TYR F 88 0.63 -31.40 -30.28
C TYR F 88 0.21 -30.51 -29.13
N CYS F 89 1.19 -29.94 -28.44
CA CYS F 89 0.98 -29.01 -27.33
C CYS F 89 1.59 -27.67 -27.71
N HIS F 90 0.76 -26.76 -28.22
CA HIS F 90 1.21 -25.41 -28.55
C HIS F 90 1.27 -24.60 -27.27
N MET F 91 2.46 -24.43 -26.73
CA MET F 91 2.65 -23.84 -25.40
C MET F 91 3.00 -22.36 -25.54
N TRP F 92 2.08 -21.49 -25.14
CA TRP F 92 2.33 -20.08 -24.98
C TRP F 92 2.34 -19.75 -23.49
N ASP F 93 3.17 -18.79 -23.10
CA ASP F 93 3.19 -18.33 -21.72
C ASP F 93 3.69 -16.89 -21.69
N SER F 94 3.82 -16.35 -20.47
CA SER F 94 4.18 -14.95 -20.28
C SER F 94 5.68 -14.71 -20.32
N ARG F 95 6.49 -15.75 -20.17
CA ARG F 95 7.94 -15.59 -20.06
C ARG F 95 8.68 -15.98 -21.34
N SER F 96 8.31 -17.09 -21.98
CA SER F 96 8.97 -17.48 -23.21
C SER F 96 8.58 -16.53 -24.35
N GLY F 97 9.32 -16.62 -25.44
CA GLY F 97 9.08 -15.75 -26.58
C GLY F 97 7.86 -16.12 -27.40
N PHE F 98 7.94 -15.91 -28.70
CA PHE F 98 6.83 -16.23 -29.59
C PHE F 98 6.82 -17.73 -29.89
N SER F 99 5.76 -18.41 -29.47
CA SER F 99 5.66 -19.87 -29.56
C SER F 99 5.46 -20.26 -31.03
N TRP F 100 6.57 -20.31 -31.77
CA TRP F 100 6.50 -20.59 -33.20
C TRP F 100 6.24 -22.06 -33.48
N SER F 101 7.00 -22.96 -32.86
CA SER F 101 6.87 -24.38 -33.12
C SER F 101 5.77 -25.00 -32.27
N PHE F 102 5.14 -26.03 -32.83
CA PHE F 102 4.09 -26.76 -32.13
C PHE F 102 4.64 -27.77 -31.13
N GLY F 103 5.96 -27.93 -31.06
CA GLY F 103 6.56 -28.89 -30.17
C GLY F 103 6.52 -30.31 -30.72
N GLY F 104 7.17 -31.21 -29.99
CA GLY F 104 7.19 -32.60 -30.39
C GLY F 104 5.81 -33.22 -30.35
N ALA F 105 5.61 -34.22 -31.21
CA ALA F 105 4.33 -34.91 -31.32
C ALA F 105 4.34 -36.17 -30.46
N THR F 106 3.24 -36.40 -29.77
CA THR F 106 3.02 -37.63 -29.01
C THR F 106 2.00 -38.48 -29.76
N ARG F 107 2.40 -39.68 -30.15
CA ARG F 107 1.59 -40.54 -31.02
C ARG F 107 0.87 -41.57 -30.15
N LEU F 108 -0.36 -41.24 -29.77
CA LEU F 108 -1.18 -42.17 -29.01
C LEU F 108 -1.56 -43.37 -29.88
N THR F 109 -1.26 -44.56 -29.39
CA THR F 109 -1.57 -45.81 -30.08
C THR F 109 -2.46 -46.65 -29.16
N VAL F 110 -3.77 -46.58 -29.38
CA VAL F 110 -4.72 -47.28 -28.53
C VAL F 110 -4.56 -48.78 -28.72
N LEU F 111 -4.33 -49.49 -27.63
CA LEU F 111 -4.11 -50.93 -27.65
C LEU F 111 -5.42 -51.69 -27.45
N GLY F 112 -5.33 -53.01 -27.57
CA GLY F 112 -6.48 -53.87 -27.31
C GLY F 112 -7.54 -53.88 -28.37
N GLN F 113 -7.26 -53.35 -29.56
CA GLN F 113 -8.24 -53.38 -30.63
C GLN F 113 -8.41 -54.81 -31.15
N PRO F 114 -9.62 -55.18 -31.57
CA PRO F 114 -9.84 -56.54 -32.07
C PRO F 114 -9.07 -56.81 -33.35
N LYS F 115 -8.73 -58.07 -33.56
CA LYS F 115 -7.95 -58.47 -34.72
C LYS F 115 -8.84 -58.65 -35.94
N ALA F 116 -8.29 -58.39 -37.12
CA ALA F 116 -9.01 -58.48 -38.37
C ALA F 116 -8.16 -59.22 -39.40
N ALA F 117 -8.83 -60.06 -40.23
CA ALA F 117 -8.20 -60.89 -41.24
C ALA F 117 -8.16 -60.17 -42.58
N PRO F 118 -7.13 -60.44 -43.39
CA PRO F 118 -7.00 -59.74 -44.67
C PRO F 118 -8.13 -60.08 -45.64
N SER F 119 -8.20 -59.30 -46.71
CA SER F 119 -9.13 -59.52 -47.82
C SER F 119 -8.31 -59.55 -49.12
N VAL F 120 -7.59 -60.65 -49.32
CA VAL F 120 -6.66 -60.75 -50.45
C VAL F 120 -7.44 -60.83 -51.75
N THR F 121 -6.92 -60.17 -52.79
CA THR F 121 -7.54 -60.17 -54.11
C THR F 121 -6.46 -59.95 -55.15
N LEU F 122 -6.32 -60.87 -56.10
CA LEU F 122 -5.26 -60.85 -57.08
C LEU F 122 -5.86 -60.72 -58.47
N PHE F 123 -5.44 -59.69 -59.21
CA PHE F 123 -5.92 -59.45 -60.57
C PHE F 123 -4.85 -59.85 -61.59
N PRO F 124 -5.23 -60.54 -62.65
CA PRO F 124 -4.28 -60.89 -63.70
C PRO F 124 -3.97 -59.68 -64.57
N PRO F 125 -2.92 -59.74 -65.38
CA PRO F 125 -2.62 -58.62 -66.28
C PRO F 125 -3.76 -58.36 -67.26
N SER F 126 -3.99 -57.09 -67.54
CA SER F 126 -5.07 -56.70 -68.43
C SER F 126 -4.75 -57.09 -69.87
N SER F 127 -5.81 -57.22 -70.68
CA SER F 127 -5.62 -57.47 -72.10
C SER F 127 -4.95 -56.29 -72.78
N GLU F 128 -5.33 -55.07 -72.39
CA GLU F 128 -4.69 -53.87 -72.93
C GLU F 128 -3.26 -53.75 -72.45
N GLU F 129 -3.01 -54.10 -71.19
CA GLU F 129 -1.65 -54.06 -70.66
C GLU F 129 -0.76 -55.08 -71.33
N LEU F 130 -1.26 -56.31 -71.49
CA LEU F 130 -0.50 -57.35 -72.19
C LEU F 130 -0.25 -56.96 -73.64
N GLN F 131 -1.19 -56.23 -74.26
CA GLN F 131 -0.97 -55.76 -75.63
C GLN F 131 0.20 -54.79 -75.71
N ALA F 132 0.43 -54.02 -74.64
CA ALA F 132 1.56 -53.11 -74.58
C ALA F 132 2.87 -53.81 -74.20
N ASN F 133 2.89 -55.14 -74.24
CA ASN F 133 4.09 -55.95 -73.97
C ASN F 133 4.61 -55.71 -72.55
N LYS F 134 3.72 -55.48 -71.60
CA LYS F 134 4.08 -55.31 -70.20
C LYS F 134 2.98 -55.90 -69.33
N ALA F 135 3.35 -56.81 -68.44
CA ALA F 135 2.41 -57.48 -67.55
C ALA F 135 2.71 -57.12 -66.11
N THR F 136 1.66 -56.86 -65.33
CA THR F 136 1.83 -56.46 -63.93
C THR F 136 0.65 -57.01 -63.14
N LEU F 137 0.91 -58.08 -62.37
CA LEU F 137 -0.10 -58.56 -61.43
C LEU F 137 -0.22 -57.61 -60.26
N VAL F 138 -1.38 -57.64 -59.60
CA VAL F 138 -1.68 -56.74 -58.49
C VAL F 138 -2.44 -57.52 -57.43
N CYS F 139 -1.86 -57.60 -56.23
CA CYS F 139 -2.46 -58.30 -55.11
C CYS F 139 -2.83 -57.27 -54.05
N LEU F 140 -4.11 -57.16 -53.75
CA LEU F 140 -4.64 -56.12 -52.87
C LEU F 140 -5.05 -56.73 -51.53
N ILE F 141 -4.37 -56.33 -50.47
CA ILE F 141 -4.67 -56.77 -49.10
C ILE F 141 -5.40 -55.64 -48.39
N SER F 142 -6.42 -55.99 -47.61
CA SER F 142 -7.29 -54.97 -47.04
C SER F 142 -7.93 -55.47 -45.76
N ASP F 143 -8.35 -54.52 -44.93
CA ASP F 143 -9.20 -54.77 -43.76
C ASP F 143 -8.57 -55.75 -42.78
N PHE F 144 -7.27 -55.59 -42.54
CA PHE F 144 -6.57 -56.41 -41.55
C PHE F 144 -6.10 -55.55 -40.39
N TYR F 145 -5.82 -56.23 -39.27
CA TYR F 145 -5.31 -55.56 -38.07
C TYR F 145 -4.64 -56.63 -37.21
N PRO F 146 -3.47 -56.35 -36.64
CA PRO F 146 -2.72 -55.09 -36.73
C PRO F 146 -2.06 -54.86 -38.09
N GLY F 147 -1.73 -53.60 -38.37
CA GLY F 147 -1.17 -53.22 -39.66
C GLY F 147 0.22 -53.78 -39.92
N ALA F 148 0.29 -55.07 -40.22
CA ALA F 148 1.54 -55.73 -40.57
C ALA F 148 1.28 -57.07 -41.25
N VAL F 149 1.66 -57.19 -42.52
CA VAL F 149 1.47 -58.41 -43.30
C VAL F 149 2.79 -58.79 -43.96
N THR F 150 2.77 -59.91 -44.68
CA THR F 150 3.93 -60.41 -45.39
C THR F 150 3.47 -60.99 -46.72
N VAL F 151 4.05 -60.51 -47.81
CA VAL F 151 3.70 -60.97 -49.15
C VAL F 151 4.76 -61.95 -49.63
N ALA F 152 4.32 -62.98 -50.35
CA ALA F 152 5.22 -63.95 -50.94
C ALA F 152 4.62 -64.41 -52.27
N TRP F 153 5.33 -64.15 -53.36
CA TRP F 153 4.83 -64.44 -54.70
C TRP F 153 5.33 -65.79 -55.17
N LYS F 154 4.42 -66.61 -55.68
CA LYS F 154 4.73 -67.95 -56.17
C LYS F 154 4.67 -67.96 -57.69
N ALA F 155 5.69 -68.53 -58.32
CA ALA F 155 5.71 -68.77 -59.76
C ALA F 155 5.62 -70.29 -59.94
N ASP F 156 4.39 -70.79 -60.07
CA ASP F 156 4.09 -72.23 -60.05
C ASP F 156 4.56 -72.75 -58.69
N SER F 157 5.55 -73.64 -58.64
CA SER F 157 6.04 -74.14 -57.36
C SER F 157 7.04 -73.18 -56.73
N SER F 158 8.11 -72.86 -57.46
CA SER F 158 9.17 -72.02 -56.93
C SER F 158 8.68 -70.59 -56.75
N PRO F 159 9.17 -69.89 -55.72
CA PRO F 159 8.75 -68.51 -55.47
C PRO F 159 9.56 -67.50 -56.30
N VAL F 160 9.10 -66.26 -56.25
CA VAL F 160 9.75 -65.15 -56.94
C VAL F 160 9.71 -63.92 -56.05
N LYS F 161 10.77 -63.12 -56.11
CA LYS F 161 10.82 -61.85 -55.40
C LYS F 161 11.50 -60.74 -56.20
N ALA F 162 12.00 -61.03 -57.39
CA ALA F 162 12.63 -60.03 -58.24
C ALA F 162 11.54 -59.38 -59.10
N GLY F 163 11.14 -58.17 -58.72
CA GLY F 163 10.11 -57.47 -59.46
C GLY F 163 8.88 -57.16 -58.62
N VAL F 164 8.99 -57.32 -57.30
CA VAL F 164 7.89 -57.05 -56.38
C VAL F 164 8.05 -55.65 -55.82
N GLU F 165 6.93 -54.96 -55.66
CA GLU F 165 6.89 -53.62 -55.06
C GLU F 165 5.65 -53.57 -54.17
N THR F 166 5.85 -53.58 -52.87
CA THR F 166 4.77 -53.74 -51.90
C THR F 166 4.60 -52.47 -51.08
N THR F 167 3.37 -51.97 -51.01
CA THR F 167 3.07 -50.84 -50.15
C THR F 167 3.23 -51.22 -48.68
N THR F 168 3.56 -50.22 -47.86
CA THR F 168 3.49 -50.42 -46.43
C THR F 168 2.05 -50.25 -45.96
N PRO F 169 1.67 -50.89 -44.85
CA PRO F 169 0.29 -50.76 -44.37
C PRO F 169 -0.10 -49.30 -44.14
N SER F 170 -1.39 -49.02 -44.33
CA SER F 170 -1.91 -47.67 -44.20
C SER F 170 -3.32 -47.74 -43.63
N LYS F 171 -3.60 -46.91 -42.63
CA LYS F 171 -4.87 -46.95 -41.94
C LYS F 171 -6.00 -46.49 -42.86
N GLN F 172 -7.13 -47.18 -42.82
CA GLN F 172 -8.27 -46.89 -43.66
C GLN F 172 -9.22 -45.95 -42.94
N SER F 173 -10.45 -45.82 -43.43
CA SER F 173 -11.49 -45.06 -42.75
C SER F 173 -12.20 -45.87 -41.69
N ASN F 174 -12.12 -47.21 -41.75
CA ASN F 174 -12.67 -48.08 -40.73
C ASN F 174 -11.63 -48.45 -39.68
N ASN F 175 -10.58 -47.65 -39.53
CA ASN F 175 -9.51 -47.86 -38.55
C ASN F 175 -8.75 -49.17 -38.79
N LYS F 176 -8.86 -49.73 -39.99
CA LYS F 176 -8.13 -50.92 -40.39
C LYS F 176 -7.05 -50.55 -41.39
N TYR F 177 -6.19 -51.51 -41.71
CA TYR F 177 -5.03 -51.26 -42.53
C TYR F 177 -5.14 -51.97 -43.87
N ALA F 178 -4.45 -51.42 -44.87
CA ALA F 178 -4.47 -51.96 -46.22
C ALA F 178 -3.10 -51.75 -46.86
N ALA F 179 -2.80 -52.57 -47.86
CA ALA F 179 -1.53 -52.48 -48.55
C ALA F 179 -1.66 -53.15 -49.92
N SER F 180 -0.91 -52.62 -50.90
CA SER F 180 -0.90 -53.19 -52.22
C SER F 180 0.29 -54.16 -52.37
N SER F 181 0.39 -54.79 -53.54
CA SER F 181 1.47 -55.71 -53.84
C SER F 181 1.53 -55.97 -55.33
N TYR F 182 2.55 -55.45 -56.01
CA TYR F 182 2.64 -55.51 -57.46
C TYR F 182 3.82 -56.38 -57.87
N LEU F 183 3.54 -57.43 -58.63
CA LEU F 183 4.56 -58.23 -59.30
C LEU F 183 4.59 -57.83 -60.76
N SER F 184 5.76 -57.43 -61.25
CA SER F 184 5.94 -56.99 -62.62
C SER F 184 6.80 -58.00 -63.37
N LEU F 185 6.29 -58.46 -64.51
CA LEU F 185 7.01 -59.46 -65.29
C LEU F 185 6.68 -59.26 -66.77
N THR F 186 7.54 -59.82 -67.62
CA THR F 186 7.33 -59.72 -69.05
C THR F 186 6.13 -60.58 -69.46
N PRO F 187 5.45 -60.23 -70.56
CA PRO F 187 4.28 -61.03 -70.98
C PRO F 187 4.64 -62.45 -71.38
N MET F 188 5.90 -62.72 -71.74
CA MET F 188 6.30 -64.09 -72.04
C MET F 188 6.20 -64.98 -70.81
N GLN F 189 6.88 -64.59 -69.72
CA GLN F 189 6.88 -65.39 -68.51
C GLN F 189 5.53 -65.42 -67.82
N TRP F 190 4.56 -64.61 -68.27
CA TRP F 190 3.21 -64.73 -67.75
C TRP F 190 2.46 -65.89 -68.42
N LYS F 191 2.67 -66.08 -69.72
CA LYS F 191 1.98 -67.14 -70.44
C LYS F 191 2.66 -68.51 -70.26
N MET F 192 3.98 -68.52 -70.07
CA MET F 192 4.71 -69.78 -69.98
C MET F 192 4.60 -70.44 -68.62
N HIS F 193 4.21 -69.70 -67.59
CA HIS F 193 4.03 -70.27 -66.26
C HIS F 193 2.58 -70.70 -66.05
N LYS F 194 2.40 -71.81 -65.34
CA LYS F 194 1.06 -72.38 -65.18
C LYS F 194 0.17 -71.48 -64.33
N SER F 195 0.69 -71.00 -63.20
CA SER F 195 -0.11 -70.16 -62.31
C SER F 195 0.80 -69.34 -61.41
N TYR F 196 0.29 -68.20 -60.97
CA TYR F 196 0.95 -67.35 -59.99
C TYR F 196 0.07 -67.20 -58.76
N SER F 197 0.70 -67.10 -57.59
CA SER F 197 -0.02 -67.03 -56.33
C SER F 197 0.49 -65.85 -55.51
N CYS F 198 -0.37 -65.37 -54.61
CA CYS F 198 -0.06 -64.27 -53.70
C CYS F 198 -0.33 -64.76 -52.28
N GLN F 199 0.72 -65.13 -51.56
CA GLN F 199 0.59 -65.63 -50.20
C GLN F 199 0.77 -64.48 -49.21
N VAL F 200 -0.29 -64.18 -48.46
CA VAL F 200 -0.28 -63.11 -47.47
C VAL F 200 -0.25 -63.75 -46.09
N THR F 201 0.79 -63.43 -45.32
CA THR F 201 0.97 -63.97 -43.98
C THR F 201 0.69 -62.88 -42.97
N HIS F 202 -0.45 -62.97 -42.29
CA HIS F 202 -0.85 -62.03 -41.25
C HIS F 202 -0.96 -62.79 -39.93
N GLU F 203 -0.26 -62.31 -38.91
CA GLU F 203 -0.12 -63.00 -37.63
C GLU F 203 0.51 -64.36 -37.91
N GLY F 204 0.01 -65.45 -37.35
CA GLY F 204 0.59 -66.76 -37.62
C GLY F 204 -0.15 -67.56 -38.66
N SER F 205 -0.94 -66.87 -39.50
CA SER F 205 -1.75 -67.52 -40.52
C SER F 205 -1.38 -66.99 -41.89
N THR F 206 -1.63 -67.82 -42.92
CA THR F 206 -1.36 -67.48 -44.31
C THR F 206 -2.57 -67.82 -45.15
N VAL F 207 -2.91 -66.92 -46.08
CA VAL F 207 -3.99 -67.13 -47.03
C VAL F 207 -3.47 -66.76 -48.42
N GLU F 208 -3.91 -67.51 -49.43
CA GLU F 208 -3.35 -67.43 -50.77
C GLU F 208 -4.46 -67.35 -51.81
N LYS F 209 -4.37 -66.37 -52.69
CA LYS F 209 -5.33 -66.17 -53.78
C LYS F 209 -4.56 -66.14 -55.09
N THR F 210 -4.68 -67.20 -55.88
CA THR F 210 -3.88 -67.38 -57.08
C THR F 210 -4.63 -66.91 -58.32
N VAL F 211 -3.94 -66.96 -59.46
CA VAL F 211 -4.52 -66.59 -60.75
C VAL F 211 -3.70 -67.29 -61.83
N ALA F 212 -4.34 -67.55 -62.96
CA ALA F 212 -3.71 -68.31 -64.03
C ALA F 212 -3.93 -67.63 -65.37
N PRO F 213 -2.98 -67.77 -66.30
CA PRO F 213 -3.17 -67.21 -67.64
C PRO F 213 -4.16 -68.00 -68.47
N THR F 214 -5.35 -67.45 -68.68
CA THR F 214 -6.39 -68.15 -69.42
C THR F 214 -7.27 -67.16 -70.18
C1 NAG G . -9.86 26.57 39.18
C2 NAG G . -10.09 25.96 40.56
C3 NAG G . -11.43 26.40 41.12
C4 NAG G . -11.58 27.91 41.07
C5 NAG G . -11.26 28.43 39.67
C6 NAG G . -11.24 29.94 39.58
C7 NAG G . -8.88 23.81 40.57
C8 NAG G . -9.01 22.32 40.48
N2 NAG G . -10.02 24.50 40.49
O3 NAG G . -11.55 25.95 42.46
O4 NAG G . -12.93 28.26 41.37
O5 NAG G . -9.96 27.98 39.27
O6 NAG G . -9.97 30.46 39.96
O7 NAG G . -7.79 24.37 40.70
C1 NAG G . -13.03 29.10 42.53
C2 NAG G . -14.46 29.68 42.50
C3 NAG G . -14.74 30.52 43.74
C4 NAG G . -14.38 29.76 45.01
C5 NAG G . -12.95 29.24 44.92
C6 NAG G . -12.55 28.39 46.11
C7 NAG G . -14.22 31.50 40.75
C8 NAG G . -13.13 32.17 41.55
N2 NAG G . -14.77 30.38 41.26
O3 NAG G . -16.12 30.87 43.77
O4 NAG G . -14.50 30.61 46.14
O5 NAG G . -12.81 28.41 43.75
O6 NAG G . -13.03 27.06 45.99
O7 NAG G . -14.60 31.96 39.68
C1 BMA G . -15.61 30.13 46.93
C2 BMA G . -15.40 30.60 48.37
C3 BMA G . -16.53 30.03 49.23
C4 BMA G . -17.93 30.28 48.61
C5 BMA G . -17.97 30.01 47.07
C6 BMA G . -19.21 30.58 46.39
O2 BMA G . -15.52 32.01 48.44
O3 BMA G . -16.46 30.59 50.54
O4 BMA G . -18.89 29.45 49.25
O5 BMA G . -16.83 30.62 46.45
O6 BMA G . -19.94 29.51 45.79
C1 MAN G . -21.05 29.19 46.66
C2 MAN G . -21.25 27.62 46.64
C3 MAN G . -22.24 27.11 45.57
C4 MAN G . -23.41 28.08 45.34
C5 MAN G . -22.89 29.50 45.10
C6 MAN G . -24.02 30.48 44.86
O2 MAN G . -21.76 27.15 47.90
O3 MAN G . -22.77 25.82 45.95
O4 MAN G . -24.17 27.65 44.22
O5 MAN G . -22.21 29.93 46.28
O6 MAN G . -24.63 30.78 46.12
C1 MAN G . -22.34 24.66 45.17
C2 MAN G . -20.78 24.36 45.48
C3 MAN G . -19.85 24.77 44.34
C4 MAN G . -20.41 24.28 43.02
C5 MAN G . -21.67 25.08 42.73
C6 MAN G . -22.27 24.74 41.38
O2 MAN G . -20.56 22.97 45.69
O3 MAN G . -18.53 24.26 44.54
O4 MAN G . -19.47 24.52 41.99
O5 MAN G . -22.69 24.79 43.73
O6 MAN G . -21.24 24.84 40.39
C1 MAN G . -16.16 29.57 51.53
C2 MAN G . -16.36 30.23 52.92
C3 MAN G . -15.25 31.24 53.16
C4 MAN G . -13.90 30.55 53.07
C5 MAN G . -13.73 29.93 51.67
C6 MAN G . -12.46 29.11 51.55
O2 MAN G . -16.24 29.26 53.96
O3 MAN G . -15.40 31.90 54.41
O4 MAN G . -12.86 31.49 53.29
O5 MAN G . -14.85 29.04 51.38
O6 MAN G . -12.27 28.74 50.19
C1 NAG H . 21.26 -16.55 -14.88
C2 NAG H . 20.07 -17.52 -14.78
C3 NAG H . 20.56 -18.94 -14.49
C4 NAG H . 21.62 -19.36 -15.51
C5 NAG H . 22.74 -18.32 -15.55
C6 NAG H . 23.78 -18.62 -16.61
C7 NAG H . 17.83 -16.94 -13.97
C8 NAG H . 17.01 -16.49 -12.80
N2 NAG H . 19.13 -17.09 -13.76
O3 NAG H . 19.46 -19.83 -14.54
O4 NAG H . 22.17 -20.61 -15.12
O5 NAG H . 22.19 -17.03 -15.86
O6 NAG H . 25.09 -18.43 -16.09
O7 NAG H . 17.32 -17.17 -15.07
C1 NAG H . 21.86 -21.62 -16.12
C2 NAG H . 22.89 -22.75 -16.01
C3 NAG H . 22.57 -23.86 -17.00
C4 NAG H . 21.13 -24.32 -16.83
C5 NAG H . 20.18 -23.15 -16.92
C6 NAG H . 18.74 -23.52 -16.65
C7 NAG H . 25.11 -22.05 -15.22
C8 NAG H . 26.46 -21.53 -15.62
N2 NAG H . 24.23 -22.24 -16.22
O3 NAG H . 23.46 -24.94 -16.81
O4 NAG H . 20.80 -25.26 -17.84
O5 NAG H . 20.54 -22.15 -15.94
O6 NAG H . 18.62 -24.28 -15.44
O7 NAG H . 24.82 -22.29 -14.06
C1 NAG I . 30.12 7.32 -6.41
C2 NAG I . 30.65 8.77 -6.45
C3 NAG I . 29.50 9.74 -6.72
C4 NAG I . 28.79 9.35 -8.00
C5 NAG I . 28.23 7.94 -7.82
C6 NAG I . 27.49 7.40 -9.02
C7 NAG I . 32.58 9.53 -5.14
C8 NAG I . 33.12 9.84 -3.78
N2 NAG I . 31.32 9.11 -5.20
O3 NAG I . 30.02 11.06 -6.84
O4 NAG I . 27.79 10.29 -8.36
O5 NAG I . 29.34 7.04 -7.59
O6 NAG I . 28.30 7.40 -10.19
O7 NAG I . 33.26 9.66 -6.16
C1 NAG I . 28.13 10.62 -9.75
C2 NAG I . 26.87 11.09 -10.49
C3 NAG I . 27.22 11.35 -11.95
C4 NAG I . 28.38 12.31 -12.05
C5 NAG I . 29.57 11.87 -11.18
C6 NAG I . 30.68 12.90 -11.12
C7 NAG I . 24.67 10.34 -9.70
C8 NAG I . 23.67 9.23 -9.69
N2 NAG I . 25.81 10.11 -10.37
O3 NAG I . 26.08 11.86 -12.62
O4 NAG I . 28.83 12.38 -13.40
O5 NAG I . 29.14 11.65 -9.83
O6 NAG I . 31.61 12.72 -12.18
O7 NAG I . 24.46 11.41 -9.14
C1 NAG J . 1.15 -0.80 9.02
C2 NAG J . 2.40 -1.43 8.41
C3 NAG J . 2.07 -2.78 7.80
C4 NAG J . 1.38 -3.69 8.82
C5 NAG J . 0.15 -2.97 9.40
C6 NAG J . -0.52 -3.74 10.51
C7 NAG J . 4.24 -0.07 7.54
C8 NAG J . 4.69 0.83 6.41
N2 NAG J . 2.99 -0.55 7.42
O3 NAG J . 3.27 -3.40 7.34
O4 NAG J . 0.99 -4.92 8.22
O5 NAG J . 0.55 -1.71 9.95
O6 NAG J . -0.07 -3.31 11.79
O7 NAG J . 4.96 -0.35 8.48
C1 NAG J . 1.70 -6.03 8.83
C2 NAG J . 0.75 -7.21 8.99
C3 NAG J . 1.47 -8.38 9.65
C4 NAG J . 2.81 -8.70 8.99
C5 NAG J . 3.63 -7.43 8.68
C6 NAG J . 4.78 -7.69 7.73
C7 NAG J . -1.67 -7.01 9.33
C8 NAG J . -2.76 -6.57 10.26
N2 NAG J . -0.42 -6.83 9.75
O3 NAG J . 0.63 -9.52 9.62
O4 NAG J . 3.54 -9.44 9.96
O5 NAG J . 2.82 -6.42 8.04
O6 NAG J . 5.42 -6.48 7.34
O7 NAG J . -1.92 -7.52 8.23
C1 BMA J . 4.38 -10.57 9.56
C2 BMA J . 4.20 -11.63 10.67
C3 BMA J . 5.23 -12.71 10.47
C4 BMA J . 5.17 -13.30 9.04
C5 BMA J . 5.10 -12.17 7.95
C6 BMA J . 4.82 -12.73 6.57
O2 BMA J . 2.92 -12.25 10.56
O3 BMA J . 5.08 -13.75 11.44
O4 BMA J . 6.33 -14.10 8.83
O5 BMA J . 4.09 -11.19 8.30
O6 BMA J . 3.84 -13.75 6.68
C1 NAG K . 6.62 -19.74 -5.12
C2 NAG K . 5.28 -20.33 -4.69
C3 NAG K . 5.50 -21.54 -3.78
C4 NAG K . 6.45 -22.55 -4.42
C5 NAG K . 7.72 -21.85 -4.91
C6 NAG K . 8.62 -22.76 -5.71
C7 NAG K . 3.16 -19.20 -4.20
C8 NAG K . 2.48 -18.12 -3.42
N2 NAG K . 4.47 -19.33 -4.02
O3 NAG K . 4.24 -22.15 -3.53
O4 NAG K . 6.85 -23.51 -3.46
O5 NAG K . 7.39 -20.75 -5.77
O6 NAG K . 9.90 -22.17 -5.93
O7 NAG K . 2.54 -19.93 -4.97
C1 NAG K . 6.05 -24.70 -3.50
C2 NAG K . 6.86 -25.83 -2.85
C3 NAG K . 6.04 -27.11 -2.79
C4 NAG K . 4.69 -26.85 -2.11
C5 NAG K . 3.98 -25.70 -2.81
C6 NAG K . 2.68 -25.32 -2.12
C7 NAG K . 9.30 -25.86 -3.00
C8 NAG K . 10.49 -26.15 -3.89
N2 NAG K . 8.10 -26.06 -3.55
O3 NAG K . 6.76 -28.10 -2.06
O4 NAG K . 3.89 -28.02 -2.15
O5 NAG K . 4.81 -24.55 -2.81
O6 NAG K . 1.64 -26.26 -2.38
O7 NAG K . 9.44 -25.47 -1.85
C1 NAG L . -4.62 -3.31 -7.45
C2 NAG L . -5.34 -4.64 -7.22
C3 NAG L . -5.15 -5.57 -8.41
C4 NAG L . -5.50 -4.86 -9.72
C5 NAG L . -4.86 -3.46 -9.79
C6 NAG L . -5.37 -2.65 -10.96
C7 NAG L . -3.82 -5.75 -5.52
C8 NAG L . -2.64 -5.66 -6.45
N2 NAG L . -5.01 -5.28 -5.94
O3 NAG L . -6.00 -6.71 -8.23
O4 NAG L . -4.97 -5.59 -10.82
O5 NAG L . -5.12 -2.70 -8.61
O6 NAG L . -6.66 -2.13 -10.70
O7 NAG L . -3.70 -6.26 -4.40
C1 NAG L . -5.83 -6.66 -11.23
C2 NAG L . -6.02 -6.59 -12.74
C3 NAG L . -6.86 -7.77 -13.23
C4 NAG L . -6.29 -9.09 -12.72
C5 NAG L . -6.06 -9.03 -11.21
C6 NAG L . -5.36 -10.25 -10.68
C7 NAG L . -6.43 -4.71 -14.28
C8 NAG L . -7.16 -3.43 -14.50
N2 NAG L . -6.66 -5.33 -13.12
O3 NAG L . -6.87 -7.76 -14.65
O4 NAG L . -7.21 -10.14 -12.97
O5 NAG L . -5.24 -7.91 -10.89
O6 NAG L . -4.24 -9.90 -9.87
O7 NAG L . -5.66 -5.17 -15.11
C1 BMA L . -6.89 -10.85 -14.17
C2 BMA L . -7.02 -12.33 -13.82
C3 BMA L . -7.11 -13.21 -15.06
C4 BMA L . -8.05 -12.62 -16.13
C5 BMA L . -7.71 -11.14 -16.40
C6 BMA L . -8.74 -10.51 -17.31
O2 BMA L . -8.22 -12.55 -13.08
O3 BMA L . -7.59 -14.48 -14.67
O4 BMA L . -7.93 -13.36 -17.34
O5 BMA L . -7.78 -10.43 -15.18
O6 BMA L . -10.00 -10.62 -16.64
C1 MAN L . -6.80 -15.54 -15.23
C2 MAN L . -7.40 -16.87 -14.64
C3 MAN L . -6.77 -17.22 -13.29
C4 MAN L . -5.26 -17.18 -13.39
C5 MAN L . -4.87 -15.73 -13.67
C6 MAN L . -3.37 -15.50 -13.68
O2 MAN L . -7.13 -17.97 -15.49
O3 MAN L . -7.19 -18.49 -12.82
O4 MAN L . -4.67 -17.62 -12.19
O5 MAN L . -5.38 -15.35 -14.97
O6 MAN L . -2.92 -15.62 -15.03
C1 MAN L . -8.39 -18.38 -16.07
C2 MAN L . -8.35 -19.92 -16.19
C3 MAN L . -7.33 -20.32 -17.22
C4 MAN L . -7.60 -19.62 -18.55
C5 MAN L . -7.58 -18.10 -18.33
C6 MAN L . -7.91 -17.32 -19.59
O2 MAN L . -9.61 -20.41 -16.66
O3 MAN L . -7.29 -21.73 -17.41
O4 MAN L . -6.63 -19.99 -19.51
O5 MAN L . -8.57 -17.76 -17.34
O6 MAN L . -9.27 -16.91 -19.53
C1 MAN L . -10.28 -21.12 -15.60
C2 MAN L . -11.38 -21.99 -16.26
C3 MAN L . -12.46 -21.08 -16.85
C4 MAN L . -12.98 -20.08 -15.81
C5 MAN L . -11.81 -19.29 -15.20
C6 MAN L . -12.24 -18.38 -14.07
O2 MAN L . -12.04 -22.81 -15.30
O3 MAN L . -13.54 -21.85 -17.38
O4 MAN L . -13.87 -19.16 -16.44
O5 MAN L . -10.83 -20.22 -14.66
O6 MAN L . -11.06 -17.88 -13.42
C1 MAN L . -11.07 -10.06 -17.42
C2 MAN L . -12.39 -10.22 -16.59
C3 MAN L . -12.86 -11.68 -16.60
C4 MAN L . -12.93 -12.22 -18.04
C5 MAN L . -11.56 -12.09 -18.68
C6 MAN L . -11.51 -12.58 -20.11
O2 MAN L . -13.45 -9.45 -17.15
O3 MAN L . -14.12 -11.85 -15.94
O4 MAN L . -13.33 -13.58 -18.03
O5 MAN L . -11.16 -10.70 -18.69
O6 MAN L . -12.20 -11.63 -20.92
C1 MAN L . -12.36 -12.17 -22.25
C2 MAN L . -12.94 -11.07 -23.16
C3 MAN L . -14.33 -10.72 -22.67
C4 MAN L . -15.23 -11.96 -22.70
C5 MAN L . -14.61 -13.06 -21.81
C6 MAN L . -15.35 -14.39 -21.89
O2 MAN L . -13.08 -11.60 -24.49
O3 MAN L . -14.94 -9.64 -23.38
O4 MAN L . -16.53 -11.63 -22.21
O5 MAN L . -13.22 -13.30 -22.22
O6 MAN L . -14.45 -15.41 -21.49
C1 MAN L . -13.00 -10.62 -25.55
C2 MAN L . -12.97 -11.43 -26.89
C3 MAN L . -11.60 -12.02 -27.12
C4 MAN L . -10.55 -10.91 -27.11
C5 MAN L . -10.55 -10.23 -25.73
C6 MAN L . -9.59 -9.05 -25.67
O2 MAN L . -13.22 -10.58 -28.01
O3 MAN L . -11.53 -12.76 -28.33
O4 MAN L . -9.27 -11.45 -27.38
O5 MAN L . -11.88 -9.73 -25.41
O6 MAN L . -10.04 -8.07 -26.61
C1 MAN L . -13.85 -12.18 -14.56
C2 MAN L . -14.85 -13.34 -14.11
C3 MAN L . -16.21 -12.81 -13.62
C4 MAN L . -16.06 -11.53 -12.79
C5 MAN L . -15.29 -10.52 -13.61
C6 MAN L . -15.19 -9.15 -12.97
O2 MAN L . -14.31 -14.11 -13.03
O3 MAN L . -16.92 -13.80 -12.88
O4 MAN L . -17.33 -11.01 -12.46
O5 MAN L . -13.96 -11.02 -13.76
O6 MAN L . -14.71 -8.23 -13.94
C1 NAG M . 5.62 8.85 -12.26
C2 NAG M . 6.87 9.12 -13.10
C3 NAG M . 6.57 10.19 -14.15
C4 NAG M . 5.32 9.84 -14.95
C5 NAG M . 4.16 9.48 -14.02
C6 NAG M . 2.95 8.95 -14.76
C7 NAG M . 8.91 8.66 -11.81
C8 NAG M . 10.00 9.25 -10.97
N2 NAG M . 7.99 9.52 -12.27
O3 NAG M . 7.70 10.31 -15.00
O4 NAG M . 4.89 10.98 -15.69
O5 NAG M . 4.56 8.46 -13.10
O6 NAG M . 2.09 8.26 -13.87
O7 NAG M . 8.86 7.46 -12.08
C1 NAG M . 5.54 11.16 -16.96
C2 NAG M . 4.57 11.92 -17.88
C3 NAG M . 5.25 12.30 -19.20
C4 NAG M . 6.57 13.00 -18.95
C5 NAG M . 7.44 12.14 -18.04
C6 NAG M . 8.76 12.78 -17.68
C7 NAG M . 2.19 11.39 -17.58
C8 NAG M . 2.13 12.56 -16.64
N2 NAG M . 3.37 11.14 -18.14
O3 NAG M . 4.39 13.16 -19.94
O4 NAG M . 7.25 13.24 -20.17
O5 NAG M . 6.75 11.89 -16.82
O6 NAG M . 8.59 14.15 -17.33
O7 NAG M . 1.19 10.70 -17.82
C1 NAG N . -8.81 -2.10 -6.06
C2 NAG N . -9.10 -3.37 -6.88
C3 NAG N . -9.62 -4.49 -5.97
C4 NAG N . -8.61 -4.73 -4.86
C5 NAG N . -8.39 -3.44 -4.07
C6 NAG N . -7.34 -3.58 -3.00
C7 NAG N . -9.66 -2.86 -9.22
C8 NAG N . -10.77 -2.61 -10.20
N2 NAG N . -10.04 -3.10 -7.95
O3 NAG N . -9.81 -5.66 -6.73
O4 NAG N . -8.99 -5.80 -4.00
O5 NAG N . -7.91 -2.43 -4.97
O6 NAG N . -7.78 -3.01 -1.77
O7 NAG N . -8.48 -2.87 -9.55
C1 NAG N . -10.35 -5.80 -3.50
C2 NAG N . -10.68 -7.26 -3.22
C3 NAG N . -12.07 -7.39 -2.61
C4 NAG N . -12.22 -6.47 -1.40
C5 NAG N . -11.82 -5.04 -1.77
C6 NAG N . -11.79 -4.10 -0.59
C7 NAG N . -10.47 -9.38 -4.44
C8 NAG N . -10.37 -10.03 -5.79
N2 NAG N . -10.58 -8.05 -4.44
O3 NAG N . -12.29 -8.74 -2.20
O4 NAG N . -13.58 -6.51 -0.95
O5 NAG N . -10.49 -5.04 -2.31
O6 NAG N . -11.28 -4.73 0.57
O7 NAG N . -10.45 -10.04 -3.41
C1 NAG N . -13.64 -6.77 0.49
C2 NAG N . -14.79 -5.94 1.05
C3 NAG N . -14.82 -6.07 2.55
C4 NAG N . -14.95 -7.54 2.94
C5 NAG N . -13.89 -8.40 2.24
C6 NAG N . -14.13 -9.88 2.43
C7 NAG N . -15.46 -3.99 -0.30
C8 NAG N . -15.22 -2.55 -0.58
N2 NAG N . -14.69 -4.55 0.65
O3 NAG N . -15.92 -5.33 3.09
O4 NAG N . -14.81 -7.69 4.35
O5 NAG N . -13.85 -8.16 0.82
O6 NAG N . -15.50 -10.15 2.66
O7 NAG N . -16.30 -4.65 -0.90
C1 NAG O . -5.55 -5.67 -0.34
C2 NAG O . -6.77 -6.04 0.53
C3 NAG O . -6.91 -7.56 0.63
C4 NAG O . -6.91 -8.19 -0.76
C5 NAG O . -5.71 -7.71 -1.59
C6 NAG O . -5.76 -8.19 -3.02
C7 NAG O . -7.41 -4.42 2.26
C8 NAG O . -8.37 -3.86 1.25
N2 NAG O . -6.66 -5.45 1.85
O3 NAG O . -8.11 -7.87 1.31
O4 NAG O . -6.81 -9.61 -0.63
O5 NAG O . -5.68 -6.27 -1.62
O6 NAG O . -6.28 -7.17 -3.87
O7 NAG O . -7.31 -3.94 3.38
C1 NAG O . -8.05 -10.25 -0.98
C2 NAG O . -7.73 -11.60 -1.62
C3 NAG O . -9.02 -12.36 -1.93
C4 NAG O . -9.93 -12.44 -0.71
C5 NAG O . -10.12 -11.06 -0.08
C6 NAG O . -10.86 -11.09 1.23
C7 NAG O . -5.63 -11.70 -2.89
C8 NAG O . -4.98 -11.47 -4.22
N2 NAG O . -6.94 -11.43 -2.83
O3 NAG O . -8.69 -13.66 -2.39
O4 NAG O . -11.19 -12.94 -1.09
O5 NAG O . -8.84 -10.45 0.18
O6 NAG O . -12.05 -11.86 1.15
O7 NAG O . -5.01 -12.10 -1.91
C1 BMA O . -11.39 -14.30 -0.68
C2 BMA O . -12.81 -14.74 -1.15
C3 BMA O . -13.05 -16.21 -0.82
C4 BMA O . -11.88 -17.09 -1.29
C5 BMA O . -10.54 -16.54 -0.76
C6 BMA O . -9.34 -17.34 -1.25
O2 BMA O . -12.93 -14.60 -2.55
O3 BMA O . -14.27 -16.67 -1.38
O4 BMA O . -12.06 -18.43 -0.84
O5 BMA O . -10.40 -15.19 -1.20
O6 BMA O . -9.21 -17.15 -2.66
C1 NAG P . -6.33 1.66 10.46
C2 NAG P . -5.93 1.02 11.78
C3 NAG P . -7.10 0.24 12.38
C4 NAG P . -8.32 1.13 12.49
C5 NAG P . -8.65 1.75 11.14
C6 NAG P . -9.78 2.75 11.19
C7 NAG P . -3.50 0.60 11.72
C8 NAG P . -2.43 -0.42 11.53
N2 NAG P . -4.76 0.16 11.62
O3 NAG P . -6.73 -0.26 13.67
O4 NAG P . -9.44 0.36 12.94
O5 NAG P . -7.50 2.47 10.65
O6 NAG P . -9.45 3.86 12.02
O7 NAG P . -3.24 1.78 11.95
C1 NAG P . -9.91 0.91 14.18
C2 NAG P . -11.39 0.57 14.33
C3 NAG P . -11.94 1.12 15.65
C4 NAG P . -11.08 0.64 16.82
C5 NAG P . -9.61 0.95 16.57
C6 NAG P . -8.70 0.38 17.63
C7 NAG P . -12.70 0.26 12.29
C8 NAG P . -13.46 0.94 11.18
N2 NAG P . -12.17 1.06 13.20
O3 NAG P . -13.29 0.71 15.83
O4 NAG P . -11.50 1.29 18.01
O5 NAG P . -9.18 0.39 15.32
O6 NAG P . -8.98 -1.00 17.86
O7 NAG P . -12.58 -0.97 12.33
C1 NAG Q . -1.32 27.95 15.67
C2 NAG Q . -0.70 29.19 14.99
C3 NAG Q . -0.29 30.22 16.04
C4 NAG Q . -1.46 30.55 16.96
C5 NAG Q . -2.02 29.26 17.56
C6 NAG Q . -3.24 29.50 18.42
C7 NAG Q . 0.31 28.32 12.92
C8 NAG Q . 1.59 27.99 12.23
N2 NAG Q . 0.44 28.81 14.17
O3 NAG Q . 0.15 31.40 15.38
O4 NAG Q . -1.04 31.42 17.99
O5 NAG Q . -2.41 28.37 16.51
O6 NAG Q . -2.91 29.62 19.79
O7 NAG Q . -0.78 28.16 12.40
C1 NAG R . 37.02 -15.09 -12.85
C2 NAG R . 36.27 -14.50 -14.06
C3 NAG R . 36.92 -14.93 -15.37
C4 NAG R . 38.41 -14.61 -15.36
C5 NAG R . 39.06 -15.24 -14.14
C6 NAG R . 40.53 -14.90 -14.01
C7 NAG R . 33.87 -14.07 -13.72
C8 NAG R . 34.27 -12.67 -13.36
N2 NAG R . 34.87 -14.89 -14.04
O3 NAG R . 36.29 -14.28 -16.46
O4 NAG R . 39.03 -15.11 -16.54
O5 NAG R . 38.42 -14.76 -12.95
O6 NAG R . 41.07 -15.39 -12.79
O7 NAG R . 32.70 -14.43 -13.72
C1 NAG S . -10.54 18.27 28.36
C2 NAG S . -11.92 18.91 28.27
C3 NAG S . -12.97 18.02 28.94
C4 NAG S . -12.92 16.62 28.34
C5 NAG S . -11.50 16.06 28.41
C6 NAG S . -11.35 14.72 27.73
C7 NAG S . -11.77 21.36 28.19
C8 NAG S . -11.79 22.64 28.98
N2 NAG S . -11.92 20.24 28.89
O3 NAG S . -14.26 18.58 28.76
O4 NAG S . -13.80 15.75 29.04
O5 NAG S . -10.57 16.96 27.77
O6 NAG S . -12.51 13.93 27.89
O7 NAG S . -11.61 21.36 26.97
C1 NAG T . -3.11 14.11 -13.81
C2 NAG T . -2.77 12.78 -14.48
C3 NAG T . -3.01 12.88 -15.99
C4 NAG T . -4.43 13.34 -16.27
C5 NAG T . -4.70 14.65 -15.54
C6 NAG T . -6.13 15.13 -15.68
C7 NAG T . -1.06 11.38 -13.42
C8 NAG T . 0.41 11.12 -13.26
N2 NAG T . -1.39 12.40 -14.21
O3 NAG T . -2.80 11.60 -16.58
O4 NAG T . -4.62 13.53 -17.67
O5 NAG T . -4.46 14.49 -14.14
O6 NAG T . -7.02 14.35 -14.89
O7 NAG T . -1.91 10.68 -12.87
#